data_6DBR
#
_entry.id   6DBR
#
_cell.length_a   1
_cell.length_b   1
_cell.length_c   1
_cell.angle_alpha   90.00
_cell.angle_beta   90.00
_cell.angle_gamma   90.00
#
_symmetry.space_group_name_H-M   'P 1'
#
loop_
_entity.id
_entity.type
_entity.pdbx_description
1 polymer 'Recombination activating gene 1 - MBP chimera'
2 polymer 'Recombination activating gene 2'
3 polymer 'Forward strand of unmelted RSS substrate DNA'
4 polymer 'Reverse strand of unmelted RSS substrate DNA'
5 polymer 'Forward strand of melted RSS substrate DNA'
6 polymer 'Reverse strand of melted RSS substrate DNA'
7 non-polymer 'ZINC ION'
8 non-polymer 'CALCIUM ION'
#
loop_
_entity_poly.entity_id
_entity_poly.type
_entity_poly.pdbx_seq_one_letter_code
_entity_poly.pdbx_strand_id
1 'polypeptide(L)'
;MGSSHHHHHHGTKTEEGKLVIWINGDKGYNGLAEVGKKFEKDTGIKVTVEHPDKLEEKFPQVAATGDGPDIIFWAHDRFG
GYAQSGLLAEITPDKAFQDKLYPFTWDAVRYNGKLIAYPIAVEALSLIYNKDLLPNPPKTWEEIPALDKELKAKGKSALM
FNLQEPYFTWPLIAADGGYAFKYENGKYDIKDVGVDNAGAKAGLTFLVDLIKNKHMNADTDYSIAEAAFNKGETAMTING
PWAWSNIDTSKVNYGVTVLPTFKGQPSKPFVGVLSAGINAASPNKELAKEFLENYLLTDEGLEAVNKDKPLGAVALKSYE
EELAKDPRIAATMENAQKGEIMPNIPQMSAFWYAVRTAVINAASGRQTVDEALKDAQTGTDYDIPTTLEVLFQGPLGSRC
QRDHLSTKLIPTEVPADLIRAVTCQVCDHLLSDPVQSPCRHLFCRLCIIRYTHALGPNCPTCNQHLNPSHLIKPAKFFLA
TLSSLPLLCPSEECSDWVRLDSFREHCLNHYREKESQEEQTPSEQNLDGYLPVNKGGRPRQHLLSLTRRAQKHRLRDLKN
QVKTFAEKEEGGDVKSVCLTLFLLALRAGNEHKQADELEAMMQGRGFGLHPAVCLAIRVNTFLSCSQYHKMYRTVKATSG
RQIFQPLHTLRNAEKELLPGFHQFEWQPALKNVSTSWDVGIIDGLSGWTVSVDDVPADTISRRFRYDVALVSALKDLEED
IMEGLRERALDDSMCTSGFTVVVKESCDGMGDVSEKHGSGPAVPEKAVRFSFTIMSISIRLEGEDDGITIFQEQKPNSEL
SCRPLCLMFVDESDHETLTAILGPVVAERKAMMESRLIISVGGLLRSFRFFFRGTGYDEKMVREMEGLEASGSTYICTLC
DSTRAEASQNMVLHSITRSHDENLERYEIWRKNPFSESADELRDRVKGVSAKPFMETQPTLDALHCDIGNATEFYKIFQD
EIGEVYQKPNPSREERRRWRSTLDKQLRKKMKLKPVMRMNGNYARRLMTREAVEAVCELVPSEERREALLKLMDLYLQMK
PVWRSTCPSRDCPDQLCQYSYNSQQFADLLSSMFKYRYDGKITNYLHKTLAHVPEIVERDGSIGAWASEGNESGNKLFRR
FRKMNARQSKTFELEDILKHHWLYTSKYLQKFMEAHKNS
;
A,C
2 'polypeptide(L)'
;GGSMSLQPLTAVNCGSLVQPGFSLLDLEGDVYLFGQKGWPKRSCPTGIFGVRIKKGELKLRAISFSNNSSYLPPLRCPAI
AHFEAQDGKPECYLIHGGRTPNNELSSSLYMLSVDSRGCNRKVTLRCEEKELVGDVPSARYGHTLSVINSRGKTACVLFG
GRSYMPPTERTTQNWNSVVDCPPQVYLIDLEFGCCTAHTLPELTDGQSFHVALARQDCVYFLGGHILSSDCRPSRLIRLH
VELLLGSPVLTCTILHEGLTITSAIASPIGYHEYIIFGGYQSETQKRMECTYVGLDDVGVHMESREPPQWTSEISHSRTW
FGGSLGKGTALVAIPSEGNPTPPEAYHFYQVSFQKEQDGEATAQGGSQESTDFEDSAPLEDSEELYFGREPHELEYSSDV
EGDTYNEEDEEDESQTGYWIKCCLSCQVDPNIWEPYYSTELTRPAMIFCSRGEGGHWVHAQCMELPESLLLQLSQDNSKY
FCLDHGGLPKQEMTPPKQMLPVKRVPMKMTHRKAPVSLKMTPAKKTFLRRLFD
;
B,D
3 'polydeoxyribonucleotide'
;(DG)(DA)(DT)(DC)(DT)(DG)(DG)(DC)(DC)(DT)(DG)(DT)(DC)(DT)(DT)(DA)(DC)(DA)(DC)(DA)
(DG)(DT)(DG)(DC)(DT)(DA)(DC)(DA)(DG)(DA)(DC)(DT)(DG)(DG)
;
E
4 'polydeoxyribonucleotide'
;(DC)(DC)(DA)(DG)(DT)(DC)(DT)(DG)(DT)(DA)(DG)(DC)(DA)(DC)(DT)(DG)(DT)(DG)(DT)(DA)
(DA)(DG)(DA)(DC)(DA)(DG)(DG)(DC)(DC)(DA)(DG)(DA)(DT)(DC)
;
F
5 'polydeoxyribonucleotide'
;(DG)(DA)(DT)(DC)(DT)(DG)(DG)(DC)(DC)(DT)(DG)(DT)(DC)(DT)(DT)(DA)(DC)(DA)(DC)(DA)
(DG)(DT)(DG)(DG)(DT)(DA)(DG)(DT)(DA)(DC)(DT)(DC)(DC)(DA)
;
G
6 'polydeoxyribonucleotide'
;(DT)(DG)(DG)(DA)(DG)(DT)(DA)(DC)(DT)(DA)(DC)(DC)(DA)(DC)(DT)(DG)(DT)(DG)(DT)(DA)
(DA)(DG)(DA)(DC)(DA)(DG)(DG)(DC)(DC)(DA)(DG)(DA)(DT)(DC)
;
H
#
# COMPACT_ATOMS: atom_id res chain seq x y z
N PHE A 607 -22.05 -18.98 -37.45
CA PHE A 607 -21.29 -20.11 -36.93
C PHE A 607 -20.96 -19.92 -35.46
N GLY A 608 -21.43 -20.85 -34.64
CA GLY A 608 -21.21 -20.78 -33.21
C GLY A 608 -19.74 -20.96 -32.83
N LEU A 609 -19.47 -20.78 -31.53
CA LEU A 609 -18.12 -20.86 -31.00
C LEU A 609 -18.04 -21.97 -29.97
N HIS A 610 -16.99 -22.79 -30.09
CA HIS A 610 -16.80 -23.91 -29.18
C HIS A 610 -16.67 -23.41 -27.74
N PRO A 611 -17.17 -24.17 -26.76
CA PRO A 611 -17.04 -23.74 -25.36
C PRO A 611 -15.60 -23.66 -24.89
N ALA A 612 -14.75 -24.59 -25.33
CA ALA A 612 -13.36 -24.56 -24.88
C ALA A 612 -12.64 -23.31 -25.39
N VAL A 613 -12.90 -22.92 -26.64
CA VAL A 613 -12.35 -21.68 -27.17
C VAL A 613 -12.70 -20.50 -26.26
N CYS A 614 -13.94 -20.45 -25.78
CA CYS A 614 -14.37 -19.34 -24.95
C CYS A 614 -13.76 -19.42 -23.55
N LEU A 615 -13.62 -20.62 -23.00
CA LEU A 615 -12.90 -20.74 -21.73
C LEU A 615 -11.48 -20.21 -21.87
N ALA A 616 -10.80 -20.58 -22.96
CA ALA A 616 -9.46 -20.07 -23.21
C ALA A 616 -9.45 -18.57 -23.34
N ILE A 617 -10.37 -18.02 -24.14
CA ILE A 617 -10.41 -16.58 -24.35
C ILE A 617 -10.88 -15.81 -23.13
N ARG A 618 -11.41 -16.49 -22.12
CA ARG A 618 -11.65 -15.81 -20.84
C ARG A 618 -10.40 -15.84 -19.97
N VAL A 619 -9.87 -17.05 -19.72
CA VAL A 619 -8.70 -17.16 -18.85
C VAL A 619 -7.52 -16.39 -19.43
N ASN A 620 -7.28 -16.56 -20.72
CA ASN A 620 -6.08 -15.98 -21.33
C ASN A 620 -6.09 -14.45 -21.35
N THR A 621 -7.21 -13.80 -21.02
CA THR A 621 -7.23 -12.36 -20.94
C THR A 621 -7.81 -11.88 -19.61
N PHE A 622 -7.77 -12.72 -18.58
CA PHE A 622 -8.05 -12.33 -17.20
C PHE A 622 -9.44 -11.75 -17.03
N LEU A 623 -10.31 -11.91 -18.02
CA LEU A 623 -11.68 -11.42 -17.90
C LEU A 623 -12.36 -12.07 -16.71
N SER A 624 -13.03 -11.25 -15.91
CA SER A 624 -13.69 -11.74 -14.72
C SER A 624 -15.07 -12.33 -15.07
N CYS A 625 -15.61 -13.08 -14.11
CA CYS A 625 -16.89 -13.73 -14.31
C CYS A 625 -17.98 -12.72 -14.65
N SER A 626 -18.17 -11.72 -13.79
CA SER A 626 -19.17 -10.70 -14.07
C SER A 626 -18.89 -10.00 -15.40
N GLN A 627 -17.61 -9.71 -15.68
CA GLN A 627 -17.25 -9.07 -16.94
C GLN A 627 -17.67 -9.92 -18.12
N TYR A 628 -17.27 -11.19 -18.11
CA TYR A 628 -17.60 -12.09 -19.22
C TYR A 628 -19.10 -12.21 -19.39
N HIS A 629 -19.83 -12.43 -18.30
CA HIS A 629 -21.28 -12.54 -18.38
C HIS A 629 -21.91 -11.29 -18.96
N LYS A 630 -21.39 -10.12 -18.58
CA LYS A 630 -21.96 -8.87 -19.08
C LYS A 630 -21.77 -8.75 -20.58
N MET A 631 -20.52 -8.86 -21.03
CA MET A 631 -20.30 -8.78 -22.48
C MET A 631 -21.01 -9.92 -23.20
N TYR A 632 -21.29 -11.01 -22.50
CA TYR A 632 -21.98 -12.15 -23.09
C TYR A 632 -23.43 -11.81 -23.39
N ARG A 633 -24.19 -11.42 -22.36
CA ARG A 633 -25.55 -10.99 -22.60
C ARG A 633 -25.59 -9.86 -23.61
N THR A 634 -24.57 -8.99 -23.62
CA THR A 634 -24.53 -7.91 -24.58
C THR A 634 -24.47 -8.43 -26.01
N VAL A 635 -23.45 -9.23 -26.32
CA VAL A 635 -23.29 -9.71 -27.68
C VAL A 635 -24.40 -10.67 -28.07
N LYS A 636 -25.06 -11.32 -27.11
CA LYS A 636 -26.18 -12.20 -27.46
C LYS A 636 -27.40 -11.40 -27.85
N ALA A 637 -27.83 -10.46 -27.00
CA ALA A 637 -28.97 -9.62 -27.35
C ALA A 637 -28.67 -8.66 -28.49
N THR A 638 -27.40 -8.46 -28.84
CA THR A 638 -27.06 -7.52 -29.91
C THR A 638 -27.44 -8.07 -31.27
N SER A 639 -26.81 -9.19 -31.67
CA SER A 639 -27.00 -9.73 -33.02
C SER A 639 -27.41 -11.20 -32.93
N GLY A 640 -28.70 -11.43 -32.69
CA GLY A 640 -29.42 -12.62 -33.10
C GLY A 640 -28.71 -13.96 -33.12
N ARG A 641 -27.78 -14.19 -32.20
CA ARG A 641 -27.01 -15.43 -32.22
C ARG A 641 -26.45 -15.70 -30.85
N GLN A 642 -26.10 -16.96 -30.61
CA GLN A 642 -25.41 -17.37 -29.40
C GLN A 642 -23.93 -17.49 -29.75
N ILE A 643 -23.28 -16.34 -29.89
CA ILE A 643 -21.89 -16.31 -30.32
C ILE A 643 -21.00 -16.97 -29.27
N PHE A 644 -20.96 -16.41 -28.08
CA PHE A 644 -20.18 -17.01 -27.00
C PHE A 644 -21.05 -17.96 -26.19
N GLN A 645 -20.40 -18.81 -25.47
CA GLN A 645 -21.20 -19.63 -24.57
C GLN A 645 -21.38 -18.93 -23.23
N PRO A 646 -22.45 -19.21 -22.52
CA PRO A 646 -22.68 -18.60 -21.21
C PRO A 646 -21.81 -19.22 -20.14
N LEU A 647 -21.93 -18.69 -18.92
CA LEU A 647 -21.02 -19.02 -17.85
C LEU A 647 -21.09 -20.50 -17.47
N HIS A 648 -22.26 -20.95 -16.99
CA HIS A 648 -22.30 -22.26 -16.32
C HIS A 648 -21.90 -23.40 -17.25
N THR A 649 -22.22 -23.30 -18.54
CA THR A 649 -21.78 -24.34 -19.47
C THR A 649 -20.26 -24.31 -19.67
N LEU A 650 -19.68 -23.11 -19.71
CA LEU A 650 -18.23 -23.00 -19.77
C LEU A 650 -17.58 -23.59 -18.53
N ARG A 651 -18.15 -23.32 -17.35
CA ARG A 651 -17.61 -23.87 -16.12
C ARG A 651 -17.71 -25.39 -16.10
N ASN A 652 -18.80 -25.94 -16.62
CA ASN A 652 -18.92 -27.39 -16.69
C ASN A 652 -17.92 -27.99 -17.68
N ALA A 653 -17.75 -27.35 -18.84
CA ALA A 653 -16.83 -27.85 -19.85
C ALA A 653 -15.37 -27.64 -19.48
N GLU A 654 -15.11 -26.78 -18.50
CA GLU A 654 -13.73 -26.58 -18.04
C GLU A 654 -13.26 -27.70 -17.14
N LYS A 655 -14.18 -28.37 -16.44
CA LYS A 655 -13.84 -29.40 -15.47
C LYS A 655 -13.12 -30.57 -16.12
N GLU A 656 -12.97 -30.54 -17.43
CA GLU A 656 -12.17 -31.52 -18.14
C GLU A 656 -10.67 -31.26 -17.99
N LEU A 657 -10.27 -30.00 -17.75
CA LEU A 657 -8.86 -29.63 -17.76
C LEU A 657 -8.23 -29.60 -16.37
N LEU A 658 -8.97 -29.20 -15.34
CA LEU A 658 -8.47 -29.22 -13.97
C LEU A 658 -8.11 -30.63 -13.57
N PRO A 659 -7.36 -30.83 -12.49
CA PRO A 659 -7.09 -32.19 -12.01
C PRO A 659 -8.35 -32.88 -11.53
N GLY A 660 -8.22 -34.18 -11.30
CA GLY A 660 -9.30 -34.95 -10.72
C GLY A 660 -10.46 -35.22 -11.65
N PHE A 661 -10.20 -35.48 -12.92
CA PHE A 661 -11.28 -35.85 -13.83
C PHE A 661 -11.03 -37.15 -14.57
N HIS A 662 -9.79 -37.43 -14.96
CA HIS A 662 -9.48 -38.63 -15.72
C HIS A 662 -9.09 -39.76 -14.76
N GLN A 663 -9.68 -40.93 -14.99
CA GLN A 663 -9.33 -42.10 -14.19
C GLN A 663 -8.02 -42.71 -14.70
N PHE A 664 -7.17 -43.12 -13.77
CA PHE A 664 -5.87 -43.69 -14.09
C PHE A 664 -5.63 -44.88 -13.19
N GLU A 665 -4.41 -45.40 -13.22
CA GLU A 665 -4.04 -46.48 -12.31
C GLU A 665 -2.53 -46.44 -12.14
N TRP A 666 -2.01 -47.14 -11.13
CA TRP A 666 -0.56 -47.19 -10.95
C TRP A 666 -0.11 -48.59 -10.60
N GLN A 667 0.85 -49.23 -11.30
CA GLN A 667 0.99 -50.64 -10.91
C GLN A 667 2.54 -50.68 -10.98
N PRO A 668 3.21 -51.09 -9.92
CA PRO A 668 2.59 -51.44 -8.65
C PRO A 668 1.95 -50.22 -8.00
N ALA A 669 1.03 -50.46 -7.07
CA ALA A 669 0.36 -49.37 -6.39
C ALA A 669 1.38 -48.47 -5.68
N LEU A 670 1.02 -47.21 -5.52
CA LEU A 670 1.92 -46.24 -4.91
C LEU A 670 2.10 -46.54 -3.42
N LYS A 671 3.22 -46.08 -2.88
CA LYS A 671 3.52 -46.25 -1.47
C LYS A 671 2.96 -45.09 -0.69
N ASN A 672 2.19 -45.40 0.35
CA ASN A 672 1.56 -44.42 1.25
C ASN A 672 0.95 -43.25 0.49
N VAL A 673 0.17 -43.58 -0.54
CA VAL A 673 -0.56 -42.62 -1.35
C VAL A 673 -1.94 -43.21 -1.66
N SER A 674 -3.00 -42.45 -1.36
CA SER A 674 -4.36 -42.93 -1.58
C SER A 674 -4.61 -43.16 -3.06
N THR A 675 -5.30 -44.25 -3.37
CA THR A 675 -5.59 -44.60 -4.75
C THR A 675 -6.80 -43.87 -5.33
N SER A 676 -7.31 -42.86 -4.62
CA SER A 676 -8.42 -42.09 -5.18
C SER A 676 -7.95 -41.19 -6.29
N TRP A 677 -8.77 -41.04 -7.32
CA TRP A 677 -8.45 -40.21 -8.47
C TRP A 677 -9.42 -39.05 -8.68
N ASP A 678 -10.40 -38.88 -7.80
CA ASP A 678 -11.38 -37.82 -7.92
C ASP A 678 -11.07 -36.61 -7.03
N VAL A 679 -9.95 -36.65 -6.30
CA VAL A 679 -9.60 -35.52 -5.43
C VAL A 679 -9.17 -34.33 -6.28
N GLY A 680 -9.49 -33.14 -5.80
CA GLY A 680 -9.16 -31.93 -6.53
C GLY A 680 -8.13 -31.07 -5.82
N ILE A 681 -8.56 -29.90 -5.34
CA ILE A 681 -7.65 -28.93 -4.73
C ILE A 681 -7.63 -29.20 -3.22
N ILE A 682 -6.53 -29.80 -2.75
CA ILE A 682 -6.40 -30.15 -1.35
C ILE A 682 -5.72 -29.00 -0.62
N ASP A 683 -5.92 -28.96 0.70
CA ASP A 683 -5.25 -28.00 1.55
C ASP A 683 -3.86 -28.52 1.91
N GLY A 684 -2.83 -27.71 1.64
CA GLY A 684 -1.47 -28.14 1.87
C GLY A 684 -1.15 -28.44 3.32
N LEU A 685 -1.98 -27.98 4.25
CA LEU A 685 -1.81 -28.34 5.65
C LEU A 685 -1.72 -29.85 5.82
N SER A 686 -2.45 -30.60 5.00
CA SER A 686 -2.49 -32.06 5.08
C SER A 686 -3.02 -32.52 6.44
N GLY A 687 -4.15 -31.95 6.83
CA GLY A 687 -4.77 -32.30 8.11
C GLY A 687 -3.92 -31.97 9.31
N TRP A 688 -3.25 -30.81 9.29
CA TRP A 688 -2.46 -30.37 10.44
C TRP A 688 -3.35 -30.25 11.67
N THR A 689 -3.06 -31.06 12.70
CA THR A 689 -3.80 -30.96 13.94
C THR A 689 -3.75 -29.54 14.47
N VAL A 690 -4.92 -28.99 14.80
CA VAL A 690 -5.06 -27.55 15.04
C VAL A 690 -4.87 -27.19 16.51
N SER A 691 -4.47 -28.15 17.34
CA SER A 691 -4.27 -27.88 18.77
C SER A 691 -3.33 -26.69 18.99
N VAL A 692 -3.79 -25.75 19.83
CA VAL A 692 -3.07 -24.50 20.01
C VAL A 692 -1.69 -24.76 20.59
N ASP A 693 -1.61 -25.63 21.60
CA ASP A 693 -0.35 -25.94 22.25
C ASP A 693 0.73 -26.36 21.26
N ASP A 694 0.35 -27.07 20.20
CA ASP A 694 1.32 -27.54 19.23
C ASP A 694 1.78 -26.39 18.34
N VAL A 695 2.59 -26.70 17.34
CA VAL A 695 3.08 -25.66 16.42
C VAL A 695 1.90 -25.07 15.67
N PRO A 696 1.78 -23.74 15.59
CA PRO A 696 0.57 -23.12 15.03
C PRO A 696 0.23 -23.64 13.64
N ALA A 697 -1.06 -23.65 13.34
CA ALA A 697 -1.59 -24.20 12.09
C ALA A 697 -2.35 -23.15 11.29
N ASP A 698 -1.79 -21.94 11.18
CA ASP A 698 -2.45 -20.86 10.47
C ASP A 698 -1.95 -20.68 9.04
N THR A 699 -0.81 -21.27 8.69
CA THR A 699 -0.23 -21.10 7.36
C THR A 699 -1.21 -21.53 6.28
N ILE A 700 -1.56 -20.60 5.41
CA ILE A 700 -2.46 -20.92 4.31
C ILE A 700 -1.66 -21.56 3.20
N SER A 701 -2.25 -22.57 2.55
CA SER A 701 -1.62 -23.22 1.42
C SER A 701 -2.62 -24.13 0.74
N ARG A 702 -2.54 -24.21 -0.58
CA ARG A 702 -3.40 -25.10 -1.35
C ARG A 702 -2.56 -25.74 -2.44
N ARG A 703 -2.90 -26.96 -2.80
CA ARG A 703 -2.10 -27.67 -3.79
C ARG A 703 -2.96 -28.73 -4.47
N PHE A 704 -2.34 -29.41 -5.42
CA PHE A 704 -2.93 -30.58 -6.05
C PHE A 704 -2.29 -31.82 -5.45
N ARG A 705 -2.96 -32.96 -5.63
CA ARG A 705 -2.32 -34.23 -5.36
C ARG A 705 -1.43 -34.55 -6.55
N TYR A 706 -0.10 -34.50 -6.33
CA TYR A 706 0.90 -34.51 -7.39
C TYR A 706 0.57 -35.45 -8.53
N ASP A 707 0.20 -36.69 -8.21
CA ASP A 707 -0.07 -37.69 -9.25
C ASP A 707 -1.26 -37.27 -10.10
N VAL A 708 -2.32 -36.77 -9.48
CA VAL A 708 -3.50 -36.37 -10.24
C VAL A 708 -3.16 -35.25 -11.20
N ALA A 709 -2.46 -34.23 -10.71
CA ALA A 709 -2.04 -33.14 -11.58
C ALA A 709 -1.16 -33.65 -12.71
N LEU A 710 -0.30 -34.62 -12.41
CA LEU A 710 0.59 -35.14 -13.43
C LEU A 710 -0.19 -35.86 -14.53
N VAL A 711 -1.17 -36.69 -14.14
CA VAL A 711 -1.94 -37.38 -15.18
C VAL A 711 -2.79 -36.38 -15.94
N SER A 712 -3.23 -35.29 -15.30
CA SER A 712 -3.97 -34.27 -16.01
C SER A 712 -3.11 -33.59 -17.07
N ALA A 713 -1.88 -33.21 -16.70
CA ALA A 713 -0.99 -32.57 -17.65
C ALA A 713 -0.59 -33.51 -18.77
N LEU A 714 -0.39 -34.79 -18.45
CA LEU A 714 -0.06 -35.76 -19.47
C LEU A 714 -1.21 -35.93 -20.46
N LYS A 715 -2.44 -36.12 -19.95
CA LYS A 715 -3.59 -36.25 -20.85
C LYS A 715 -3.83 -34.97 -21.63
N ASP A 716 -3.41 -33.82 -21.10
CA ASP A 716 -3.44 -32.61 -21.89
C ASP A 716 -2.47 -32.72 -23.07
N LEU A 717 -1.23 -33.11 -22.79
CA LEU A 717 -0.26 -33.28 -23.85
C LEU A 717 -0.56 -34.47 -24.76
N GLU A 718 -1.57 -35.27 -24.42
CA GLU A 718 -1.90 -36.47 -25.18
C GLU A 718 -2.06 -36.21 -26.66
N GLU A 719 -2.68 -35.07 -27.02
CA GLU A 719 -2.82 -34.72 -28.42
C GLU A 719 -1.46 -34.68 -29.11
N ASP A 720 -0.49 -34.00 -28.49
CA ASP A 720 0.83 -33.88 -29.10
C ASP A 720 1.60 -35.20 -29.06
N ILE A 721 1.40 -36.02 -28.02
CA ILE A 721 2.10 -37.30 -28.00
C ILE A 721 1.56 -38.22 -29.09
N MET A 722 0.25 -38.14 -29.37
CA MET A 722 -0.30 -38.91 -30.47
C MET A 722 0.17 -38.36 -31.81
N GLU A 723 0.31 -37.04 -31.91
CA GLU A 723 0.89 -36.45 -33.12
C GLU A 723 2.31 -36.95 -33.35
N GLY A 724 3.13 -36.98 -32.29
CA GLY A 724 4.48 -37.48 -32.42
C GLY A 724 4.52 -38.95 -32.80
N LEU A 725 3.58 -39.74 -32.26
CA LEU A 725 3.49 -41.14 -32.66
C LEU A 725 3.08 -41.28 -34.12
N ARG A 726 2.27 -40.34 -34.63
CA ARG A 726 1.97 -40.33 -36.06
C ARG A 726 3.21 -40.01 -36.87
N GLU A 727 4.02 -39.04 -36.42
CA GLU A 727 5.22 -38.68 -37.15
C GLU A 727 6.25 -39.80 -37.09
N ARG A 728 6.48 -40.37 -35.91
CA ARG A 728 7.46 -41.43 -35.76
C ARG A 728 7.03 -42.73 -36.43
N ALA A 729 5.78 -42.82 -36.88
CA ALA A 729 5.22 -43.98 -37.57
C ALA A 729 5.23 -45.24 -36.72
N LEU A 730 5.59 -45.12 -35.45
CA LEU A 730 5.53 -46.26 -34.53
C LEU A 730 4.10 -46.80 -34.46
N ASP A 731 3.97 -48.10 -34.69
CA ASP A 731 2.66 -48.74 -34.69
C ASP A 731 1.98 -48.51 -33.36
N ASP A 732 0.82 -47.86 -33.40
CA ASP A 732 0.15 -47.44 -32.17
C ASP A 732 -0.27 -48.63 -31.32
N SER A 733 -0.72 -49.71 -31.96
CA SER A 733 -1.05 -50.90 -31.19
C SER A 733 0.19 -51.62 -30.66
N MET A 734 1.39 -51.08 -30.86
CA MET A 734 2.62 -51.69 -30.36
C MET A 734 3.34 -50.81 -29.35
N CYS A 735 3.53 -49.53 -29.65
CA CYS A 735 4.17 -48.61 -28.70
C CYS A 735 3.17 -48.31 -27.57
N THR A 736 3.11 -49.23 -26.62
CA THR A 736 2.16 -49.17 -25.52
C THR A 736 2.81 -48.86 -24.18
N SER A 737 3.88 -49.58 -23.82
CA SER A 737 4.42 -49.51 -22.46
C SER A 737 5.71 -48.71 -22.35
N GLY A 738 6.50 -48.60 -23.41
CA GLY A 738 7.82 -48.03 -23.29
C GLY A 738 7.91 -46.52 -23.33
N PHE A 739 6.96 -45.83 -22.70
CA PHE A 739 7.01 -44.37 -22.65
C PHE A 739 7.72 -43.91 -21.39
N THR A 740 8.41 -42.77 -21.51
CA THR A 740 9.18 -42.22 -20.40
C THR A 740 9.14 -40.70 -20.48
N VAL A 741 8.90 -40.06 -19.34
CA VAL A 741 8.69 -38.62 -19.27
C VAL A 741 9.73 -38.01 -18.34
N VAL A 742 10.39 -36.95 -18.79
CA VAL A 742 11.30 -36.16 -17.97
C VAL A 742 10.51 -34.99 -17.39
N VAL A 743 10.79 -34.64 -16.14
CA VAL A 743 10.02 -33.62 -15.42
C VAL A 743 10.98 -32.68 -14.71
N LYS A 744 10.80 -31.38 -14.95
CA LYS A 744 11.51 -30.34 -14.22
C LYS A 744 10.60 -29.81 -13.13
N GLU A 745 11.19 -29.36 -12.02
CA GLU A 745 10.39 -28.82 -10.93
C GLU A 745 11.16 -27.70 -10.25
N SER A 746 10.55 -26.51 -10.22
CA SER A 746 11.18 -25.31 -9.70
C SER A 746 10.36 -24.76 -8.54
N CYS A 747 11.05 -24.37 -7.48
CA CYS A 747 10.40 -23.95 -6.24
C CYS A 747 11.05 -22.66 -5.76
N ASP A 748 10.53 -21.53 -6.22
CA ASP A 748 11.02 -20.22 -5.80
C ASP A 748 9.97 -19.53 -4.95
N GLY A 749 10.45 -18.73 -4.01
CA GLY A 749 9.55 -17.96 -3.17
C GLY A 749 9.42 -16.53 -3.64
N MET A 750 8.33 -16.24 -4.34
CA MET A 750 8.02 -14.89 -4.79
C MET A 750 7.64 -14.07 -3.57
N GLY A 751 8.58 -13.28 -3.09
CA GLY A 751 8.35 -12.48 -1.92
C GLY A 751 7.53 -11.25 -2.19
N ASP A 752 7.10 -10.63 -1.10
CA ASP A 752 6.56 -9.27 -1.04
C ASP A 752 5.68 -8.91 -2.24
N VAL A 753 4.58 -9.66 -2.40
CA VAL A 753 3.53 -9.23 -3.32
C VAL A 753 2.67 -8.18 -2.62
N SER A 754 2.13 -7.27 -3.42
CA SER A 754 1.25 -6.20 -2.92
C SER A 754 -0.09 -6.34 -3.63
N GLU A 755 -1.10 -6.80 -2.90
CA GLU A 755 -2.41 -7.09 -3.48
C GLU A 755 -3.27 -5.84 -3.68
N LYS A 756 -2.76 -4.66 -3.30
CA LYS A 756 -3.34 -3.34 -3.56
C LYS A 756 -4.56 -3.01 -2.71
N HIS A 757 -5.08 -3.95 -1.91
CA HIS A 757 -6.15 -3.63 -0.96
C HIS A 757 -5.74 -4.18 0.40
N GLY A 758 -4.91 -3.43 1.11
CA GLY A 758 -4.48 -3.84 2.44
C GLY A 758 -4.74 -2.77 3.48
N SER A 759 -5.67 -3.05 4.39
CA SER A 759 -5.89 -2.21 5.55
C SER A 759 -5.46 -2.88 6.85
N GLY A 760 -5.38 -4.21 6.87
CA GLY A 760 -4.87 -4.94 8.01
C GLY A 760 -3.94 -6.05 7.57
N PRO A 761 -2.75 -6.11 8.17
CA PRO A 761 -1.75 -7.10 7.73
C PRO A 761 -2.23 -8.52 7.92
N ALA A 762 -2.33 -9.25 6.80
CA ALA A 762 -2.67 -10.67 6.78
C ALA A 762 -1.61 -11.46 6.04
N VAL A 763 -0.34 -11.13 6.31
CA VAL A 763 0.87 -11.67 5.68
C VAL A 763 0.69 -11.82 4.16
N PRO A 764 0.10 -10.82 3.48
CA PRO A 764 -0.15 -11.01 2.04
C PRO A 764 1.02 -10.57 1.18
N GLU A 765 2.24 -10.95 1.56
CA GLU A 765 3.43 -10.50 0.83
C GLU A 765 4.18 -11.64 0.19
N LYS A 766 4.61 -12.64 0.97
CA LYS A 766 5.50 -13.67 0.44
C LYS A 766 4.71 -14.92 0.12
N ALA A 767 5.18 -15.66 -0.89
CA ALA A 767 4.49 -16.87 -1.32
C ALA A 767 5.43 -17.73 -2.12
N VAL A 768 5.60 -18.98 -1.71
CA VAL A 768 6.43 -19.92 -2.44
C VAL A 768 5.56 -20.64 -3.46
N ARG A 769 6.03 -20.75 -4.70
CA ARG A 769 5.24 -21.29 -5.80
C ARG A 769 5.95 -22.50 -6.38
N PHE A 770 5.62 -23.68 -5.87
CA PHE A 770 6.20 -24.94 -6.33
C PHE A 770 5.55 -25.32 -7.64
N SER A 771 6.28 -25.19 -8.74
CA SER A 771 5.75 -25.50 -10.06
C SER A 771 6.54 -26.63 -10.69
N PHE A 772 5.90 -27.33 -11.62
CA PHE A 772 6.57 -28.38 -12.38
C PHE A 772 6.25 -28.19 -13.85
N THR A 773 7.07 -28.83 -14.70
CA THR A 773 6.92 -28.72 -16.14
C THR A 773 7.37 -30.02 -16.80
N ILE A 774 6.55 -30.53 -17.70
CA ILE A 774 6.92 -31.72 -18.46
C ILE A 774 7.96 -31.32 -19.49
N MET A 775 9.17 -31.87 -19.36
CA MET A 775 10.27 -31.47 -20.21
C MET A 775 10.20 -32.15 -21.57
N SER A 776 10.29 -33.48 -21.59
CA SER A 776 10.27 -34.23 -22.84
C SER A 776 9.85 -35.65 -22.56
N ILE A 777 9.13 -36.24 -23.52
CA ILE A 777 8.62 -37.60 -23.41
C ILE A 777 9.13 -38.41 -24.59
N SER A 778 9.74 -39.55 -24.29
CA SER A 778 10.37 -40.43 -25.27
C SER A 778 9.77 -41.83 -25.19
N ILE A 779 10.23 -42.70 -26.11
CA ILE A 779 9.77 -44.08 -26.19
C ILE A 779 10.95 -44.99 -25.89
N ARG A 780 10.64 -46.21 -25.44
CA ARG A 780 11.68 -47.16 -25.04
C ARG A 780 11.57 -48.52 -25.75
N LEU A 781 10.38 -48.92 -26.18
CA LEU A 781 10.24 -50.21 -26.87
C LEU A 781 10.88 -50.17 -28.25
N GLU A 782 11.42 -51.31 -28.68
CA GLU A 782 11.47 -52.55 -27.91
C GLU A 782 12.84 -53.21 -27.97
N GLY A 783 13.63 -52.85 -28.97
CA GLY A 783 14.97 -53.39 -29.12
C GLY A 783 15.96 -52.70 -28.21
N GLU A 784 17.15 -52.35 -28.72
CA GLU A 784 18.04 -51.51 -27.94
C GLU A 784 17.38 -50.16 -27.71
N ASP A 785 17.20 -49.37 -28.79
CA ASP A 785 16.30 -48.23 -28.90
C ASP A 785 16.11 -47.48 -27.59
N ASP A 786 17.21 -47.15 -26.91
CA ASP A 786 17.14 -46.60 -25.57
C ASP A 786 16.33 -45.30 -25.50
N GLY A 787 16.09 -44.65 -26.64
CA GLY A 787 15.28 -43.46 -26.63
C GLY A 787 15.01 -42.85 -27.99
N ILE A 788 13.76 -42.47 -28.23
CA ILE A 788 13.37 -41.65 -29.37
C ILE A 788 12.51 -40.53 -28.83
N THR A 789 12.96 -39.29 -29.01
CA THR A 789 12.26 -38.15 -28.43
C THR A 789 10.95 -37.88 -29.15
N ILE A 790 9.86 -38.46 -28.64
CA ILE A 790 8.57 -38.29 -29.30
C ILE A 790 8.09 -36.85 -29.16
N PHE A 791 8.41 -36.20 -28.05
CA PHE A 791 7.99 -34.82 -27.82
C PHE A 791 9.06 -34.12 -27.00
N GLN A 792 9.68 -33.10 -27.60
CA GLN A 792 10.57 -32.20 -26.89
C GLN A 792 9.91 -30.82 -26.90
N GLU A 793 9.46 -30.37 -25.74
CA GLU A 793 8.90 -29.03 -25.60
C GLU A 793 9.88 -28.01 -26.17
N GLN A 794 9.34 -27.02 -26.90
CA GLN A 794 10.17 -26.18 -27.74
C GLN A 794 10.83 -25.04 -26.97
N LYS A 795 10.22 -24.56 -25.90
CA LYS A 795 10.78 -23.47 -25.09
C LYS A 795 10.46 -23.72 -23.63
N PRO A 796 11.24 -24.57 -22.95
CA PRO A 796 10.90 -25.01 -21.60
C PRO A 796 11.20 -23.99 -20.51
N ASN A 797 11.45 -22.74 -20.85
CA ASN A 797 11.82 -21.73 -19.87
C ASN A 797 10.76 -20.67 -19.65
N SER A 798 9.75 -20.59 -20.50
CA SER A 798 8.76 -19.52 -20.41
C SER A 798 7.54 -19.98 -19.64
N GLU A 799 6.86 -19.01 -19.00
CA GLU A 799 5.77 -19.31 -18.08
C GLU A 799 4.55 -19.90 -18.77
N LEU A 800 4.45 -19.77 -20.10
CA LEU A 800 3.35 -20.39 -20.82
C LEU A 800 3.25 -21.88 -20.52
N SER A 801 4.38 -22.55 -20.27
CA SER A 801 4.39 -23.95 -19.84
C SER A 801 5.21 -24.04 -18.55
N CYS A 802 4.58 -23.69 -17.43
CA CYS A 802 5.14 -23.97 -16.11
C CYS A 802 3.93 -24.08 -15.17
N ARG A 803 3.44 -25.30 -14.96
CA ARG A 803 2.20 -25.51 -14.21
C ARG A 803 2.44 -25.49 -12.71
N PRO A 804 1.66 -24.73 -11.97
CA PRO A 804 1.77 -24.75 -10.52
C PRO A 804 1.25 -26.06 -9.96
N LEU A 805 1.81 -26.45 -8.83
CA LEU A 805 1.38 -27.63 -8.11
C LEU A 805 1.02 -27.33 -6.67
N CYS A 806 1.75 -26.42 -6.02
CA CYS A 806 1.53 -26.10 -4.61
C CYS A 806 1.82 -24.62 -4.38
N LEU A 807 0.93 -23.95 -3.67
CA LEU A 807 1.08 -22.54 -3.31
C LEU A 807 0.98 -22.40 -1.80
N MET A 808 1.88 -21.61 -1.22
CA MET A 808 1.97 -21.45 0.22
C MET A 808 2.23 -19.99 0.56
N PHE A 809 1.46 -19.46 1.51
CA PHE A 809 1.63 -18.07 1.95
C PHE A 809 2.62 -18.00 3.10
N VAL A 810 3.88 -18.34 2.79
CA VAL A 810 4.98 -18.25 3.76
C VAL A 810 6.22 -17.73 3.05
N ASP A 811 7.21 -17.36 3.84
CA ASP A 811 8.51 -16.95 3.33
C ASP A 811 9.33 -18.18 2.99
N GLU A 812 10.29 -18.01 2.09
CA GLU A 812 11.23 -19.07 1.75
C GLU A 812 12.32 -19.22 2.80
N SER A 813 12.24 -18.48 3.90
CA SER A 813 13.30 -18.52 4.91
C SER A 813 13.08 -19.66 5.91
N ASP A 814 11.94 -19.66 6.59
CA ASP A 814 11.73 -20.58 7.72
C ASP A 814 11.63 -22.01 7.19
N HIS A 815 12.71 -22.78 7.40
CA HIS A 815 12.71 -24.17 6.97
C HIS A 815 11.55 -24.96 7.58
N GLU A 816 11.05 -24.50 8.74
CA GLU A 816 10.01 -25.24 9.45
C GLU A 816 8.73 -25.36 8.63
N THR A 817 8.09 -24.23 8.34
CA THR A 817 6.84 -24.27 7.60
C THR A 817 7.03 -24.83 6.20
N LEU A 818 8.14 -24.47 5.55
CA LEU A 818 8.39 -24.92 4.18
C LEU A 818 8.46 -26.44 4.13
N THR A 819 9.22 -27.05 5.05
CA THR A 819 9.25 -28.51 5.11
C THR A 819 7.90 -29.08 5.50
N ALA A 820 7.22 -28.43 6.45
CA ALA A 820 5.96 -28.97 6.96
C ALA A 820 4.92 -29.08 5.85
N ILE A 821 4.92 -28.14 4.91
CA ILE A 821 3.94 -28.18 3.84
C ILE A 821 4.46 -28.82 2.55
N LEU A 822 5.79 -28.95 2.39
CA LEU A 822 6.33 -29.63 1.23
C LEU A 822 6.51 -31.13 1.42
N GLY A 823 6.53 -31.61 2.66
CA GLY A 823 6.70 -33.02 2.96
C GLY A 823 5.85 -33.95 2.14
N PRO A 824 4.54 -33.70 2.05
CA PRO A 824 3.71 -34.49 1.15
C PRO A 824 4.21 -34.52 -0.29
N VAL A 825 4.66 -33.37 -0.80
CA VAL A 825 5.14 -33.32 -2.18
C VAL A 825 6.42 -34.13 -2.32
N VAL A 826 7.29 -34.09 -1.32
CA VAL A 826 8.51 -34.91 -1.35
C VAL A 826 8.16 -36.39 -1.33
N ALA A 827 7.19 -36.78 -0.50
CA ALA A 827 6.80 -38.18 -0.42
C ALA A 827 6.19 -38.65 -1.73
N GLU A 828 5.43 -37.78 -2.40
CA GLU A 828 4.91 -38.13 -3.72
C GLU A 828 6.04 -38.26 -4.72
N ARG A 829 6.98 -37.31 -4.72
CA ARG A 829 8.11 -37.37 -5.63
C ARG A 829 8.89 -38.67 -5.46
N LYS A 830 9.03 -39.13 -4.22
CA LYS A 830 9.78 -40.37 -3.97
C LYS A 830 8.97 -41.59 -4.38
N ALA A 831 7.76 -41.73 -3.84
CA ALA A 831 6.94 -42.91 -4.11
C ALA A 831 6.52 -43.04 -5.57
N MET A 832 6.84 -42.04 -6.40
CA MET A 832 6.46 -42.04 -7.81
C MET A 832 7.65 -42.24 -8.74
N MET A 833 8.78 -42.71 -8.20
CA MET A 833 9.97 -42.91 -9.01
C MET A 833 10.07 -44.30 -9.60
N GLU A 834 9.51 -45.30 -8.92
CA GLU A 834 9.69 -46.69 -9.32
C GLU A 834 8.56 -47.20 -10.22
N SER A 835 7.33 -47.11 -9.75
CA SER A 835 6.23 -47.83 -10.36
C SER A 835 5.86 -47.22 -11.72
N ARG A 836 4.85 -47.80 -12.37
CA ARG A 836 4.45 -47.35 -13.70
C ARG A 836 3.03 -46.80 -13.66
N LEU A 837 2.79 -45.73 -14.40
CA LEU A 837 1.46 -45.12 -14.48
C LEU A 837 0.71 -45.67 -15.68
N ILE A 838 -0.50 -46.18 -15.44
CA ILE A 838 -1.36 -46.71 -16.48
C ILE A 838 -2.40 -45.66 -16.82
N ILE A 839 -2.42 -45.23 -18.07
CA ILE A 839 -3.28 -44.15 -18.55
C ILE A 839 -4.05 -44.64 -19.77
N SER A 840 -5.34 -44.32 -19.82
CA SER A 840 -6.16 -44.61 -21.00
C SER A 840 -6.02 -43.44 -21.96
N VAL A 841 -5.02 -43.51 -22.83
CA VAL A 841 -4.67 -42.41 -23.72
C VAL A 841 -4.85 -42.89 -25.15
N GLY A 842 -5.49 -42.06 -25.97
CA GLY A 842 -5.70 -42.42 -27.37
C GLY A 842 -6.42 -43.74 -27.57
N GLY A 843 -7.28 -44.13 -26.63
CA GLY A 843 -7.99 -45.38 -26.71
C GLY A 843 -7.21 -46.60 -26.26
N LEU A 844 -5.97 -46.43 -25.81
CA LEU A 844 -5.14 -47.54 -25.39
C LEU A 844 -4.73 -47.39 -23.94
N LEU A 845 -4.66 -48.53 -23.23
CA LEU A 845 -4.11 -48.56 -21.88
C LEU A 845 -2.60 -48.62 -22.00
N ARG A 846 -1.95 -47.47 -21.80
CA ARG A 846 -0.52 -47.35 -21.99
C ARG A 846 0.18 -47.08 -20.66
N SER A 847 1.48 -47.38 -20.64
CA SER A 847 2.31 -47.25 -19.45
C SER A 847 3.21 -46.02 -19.56
N PHE A 848 3.62 -45.52 -18.40
CA PHE A 848 4.51 -44.37 -18.32
C PHE A 848 5.44 -44.54 -17.13
N ARG A 849 6.74 -44.35 -17.34
CA ARG A 849 7.72 -44.30 -16.27
C ARG A 849 8.35 -42.92 -16.25
N PHE A 850 8.72 -42.47 -15.05
CA PHE A 850 9.14 -41.09 -14.85
C PHE A 850 10.58 -40.99 -14.37
N PHE A 851 11.18 -39.83 -14.63
CA PHE A 851 12.46 -39.42 -14.05
C PHE A 851 12.32 -37.95 -13.70
N PHE A 852 12.67 -37.60 -12.46
CA PHE A 852 12.39 -36.27 -11.93
C PHE A 852 13.70 -35.48 -11.78
N ARG A 853 14.09 -34.80 -12.85
CA ARG A 853 15.25 -33.92 -12.81
C ARG A 853 14.82 -32.62 -12.16
N GLY A 854 15.18 -32.44 -10.88
CA GLY A 854 14.86 -31.21 -10.19
C GLY A 854 15.99 -30.21 -10.29
N THR A 855 15.81 -29.15 -11.08
CA THR A 855 16.88 -28.21 -11.38
C THR A 855 16.58 -26.79 -10.91
N GLY A 856 15.40 -26.26 -11.22
CA GLY A 856 15.14 -24.85 -11.11
C GLY A 856 15.04 -24.28 -9.72
N TYR A 857 16.07 -24.48 -8.92
CA TYR A 857 16.15 -23.84 -7.61
C TYR A 857 17.26 -22.80 -7.64
N ASP A 858 17.06 -21.73 -6.89
CA ASP A 858 18.15 -20.79 -6.67
C ASP A 858 19.21 -21.43 -5.80
N GLU A 859 20.46 -21.00 -5.97
CA GLU A 859 21.55 -21.57 -5.18
C GLU A 859 21.27 -21.45 -3.69
N LYS A 860 20.55 -20.42 -3.28
CA LYS A 860 20.15 -20.30 -1.88
C LYS A 860 19.30 -21.49 -1.46
N MET A 861 18.25 -21.78 -2.23
CA MET A 861 17.41 -22.92 -1.89
C MET A 861 18.15 -24.24 -2.06
N VAL A 862 19.08 -24.31 -3.01
CA VAL A 862 19.87 -25.54 -3.17
C VAL A 862 20.71 -25.79 -1.93
N ARG A 863 21.31 -24.73 -1.39
CA ARG A 863 22.02 -24.87 -0.11
C ARG A 863 21.06 -25.28 1.00
N GLU A 864 19.88 -24.67 1.03
CA GLU A 864 18.92 -24.98 2.09
C GLU A 864 18.39 -26.41 2.01
N MET A 865 18.48 -27.06 0.86
CA MET A 865 17.95 -28.40 0.72
C MET A 865 19.02 -29.47 0.52
N GLU A 866 20.28 -29.09 0.34
CA GLU A 866 21.39 -30.04 0.36
C GLU A 866 22.17 -29.97 1.67
N GLY A 867 21.77 -29.09 2.58
CA GLY A 867 22.40 -28.96 3.88
C GLY A 867 23.66 -28.15 3.91
N LEU A 868 24.17 -27.71 2.76
CA LEU A 868 25.42 -26.97 2.72
C LEU A 868 25.28 -25.65 3.45
N GLU A 869 26.23 -25.35 4.32
CA GLU A 869 26.19 -24.12 5.10
C GLU A 869 26.16 -22.90 4.18
N ALA A 870 25.13 -22.08 4.33
CA ALA A 870 24.92 -20.92 3.48
C ALA A 870 25.52 -19.68 4.12
N SER A 871 25.98 -18.75 3.27
CA SER A 871 26.06 -18.96 1.83
C SER A 871 27.49 -18.86 1.33
N GLY A 872 28.16 -17.75 1.67
CA GLY A 872 29.52 -17.52 1.22
C GLY A 872 30.53 -18.34 1.99
N SER A 873 30.26 -19.64 2.10
CA SER A 873 31.08 -20.54 2.90
C SER A 873 32.40 -20.82 2.21
N THR A 874 33.24 -21.62 2.89
CA THR A 874 34.45 -22.15 2.28
C THR A 874 34.14 -23.19 1.22
N TYR A 875 32.90 -23.66 1.14
CA TYR A 875 32.47 -24.62 0.13
C TYR A 875 31.54 -23.90 -0.84
N ILE A 876 32.09 -23.51 -1.99
CA ILE A 876 31.34 -22.72 -2.95
C ILE A 876 30.47 -23.60 -3.85
N CYS A 877 31.07 -24.59 -4.49
CA CYS A 877 30.36 -25.36 -5.49
C CYS A 877 29.43 -26.37 -4.84
N THR A 878 28.25 -26.52 -5.42
CA THR A 878 27.29 -27.47 -4.87
C THR A 878 27.56 -28.89 -5.34
N LEU A 879 28.31 -29.06 -6.42
CA LEU A 879 28.52 -30.39 -7.03
C LEU A 879 29.86 -31.01 -6.66
N CYS A 880 30.95 -30.25 -6.70
CA CYS A 880 32.23 -30.78 -6.27
C CYS A 880 32.44 -30.50 -4.77
N ASP A 881 33.49 -31.07 -4.22
CA ASP A 881 33.82 -30.88 -2.81
C ASP A 881 34.91 -29.86 -2.59
N SER A 882 35.49 -29.31 -3.66
CA SER A 882 36.65 -28.44 -3.52
C SER A 882 36.31 -27.17 -2.76
N THR A 883 37.25 -26.70 -1.96
CA THR A 883 37.13 -25.45 -1.23
C THR A 883 37.51 -24.29 -2.15
N ARG A 884 37.70 -23.10 -1.56
CA ARG A 884 38.10 -21.94 -2.34
C ARG A 884 39.54 -22.06 -2.82
N ALA A 885 40.45 -22.47 -1.92
CA ALA A 885 41.86 -22.60 -2.30
C ALA A 885 42.04 -23.72 -3.32
N GLU A 886 41.30 -24.82 -3.18
CA GLU A 886 41.38 -25.90 -4.15
C GLU A 886 40.65 -25.55 -5.45
N ALA A 887 39.79 -24.54 -5.44
CA ALA A 887 39.25 -24.00 -6.68
C ALA A 887 40.21 -23.02 -7.33
N SER A 888 41.10 -22.40 -6.55
CA SER A 888 42.07 -21.45 -7.08
C SER A 888 43.31 -22.14 -7.64
N GLN A 889 43.79 -23.19 -6.98
CA GLN A 889 44.96 -23.91 -7.47
C GLN A 889 44.68 -24.51 -8.84
N ASN A 890 43.72 -25.42 -8.92
CA ASN A 890 43.29 -26.01 -10.18
C ASN A 890 41.87 -25.52 -10.47
N MET A 891 41.71 -24.80 -11.58
CA MET A 891 40.44 -24.17 -11.92
C MET A 891 39.70 -24.89 -13.04
N VAL A 892 40.19 -26.04 -13.49
CA VAL A 892 39.62 -26.73 -14.64
C VAL A 892 39.22 -28.15 -14.28
N LEU A 893 40.13 -28.92 -13.71
CA LEU A 893 39.93 -30.35 -13.50
C LEU A 893 39.16 -30.56 -12.20
N HIS A 894 37.88 -30.90 -12.33
CA HIS A 894 37.05 -31.23 -11.19
C HIS A 894 36.01 -32.26 -11.62
N SER A 895 35.69 -33.18 -10.73
CA SER A 895 34.67 -34.19 -10.97
C SER A 895 33.44 -33.86 -10.14
N ILE A 896 32.28 -33.81 -10.80
CA ILE A 896 31.04 -33.55 -10.09
C ILE A 896 30.70 -34.76 -9.23
N THR A 897 30.67 -34.54 -7.92
CA THR A 897 30.60 -35.64 -6.97
C THR A 897 29.37 -35.60 -6.07
N ARG A 898 29.01 -34.43 -5.55
CA ARG A 898 27.93 -34.35 -4.57
C ARG A 898 26.63 -34.91 -5.13
N SER A 899 26.06 -35.88 -4.43
CA SER A 899 24.78 -36.47 -4.78
C SER A 899 23.94 -36.55 -3.52
N HIS A 900 22.62 -36.69 -3.71
CA HIS A 900 21.70 -36.68 -2.57
C HIS A 900 22.06 -37.76 -1.56
N ASP A 901 22.30 -38.98 -2.05
CA ASP A 901 22.59 -40.09 -1.14
C ASP A 901 23.92 -39.87 -0.42
N GLU A 902 24.95 -39.41 -1.15
CA GLU A 902 26.22 -39.15 -0.51
C GLU A 902 26.11 -38.03 0.51
N ASN A 903 25.29 -37.02 0.23
CA ASN A 903 25.08 -35.94 1.20
C ASN A 903 24.37 -36.44 2.44
N LEU A 904 23.37 -37.32 2.27
CA LEU A 904 22.73 -37.97 3.41
C LEU A 904 23.77 -38.68 4.27
N GLU A 905 24.62 -39.49 3.63
CA GLU A 905 25.63 -40.22 4.39
C GLU A 905 26.59 -39.27 5.10
N ARG A 906 26.95 -38.17 4.43
CA ARG A 906 27.82 -37.18 5.06
C ARG A 906 27.16 -36.58 6.29
N TYR A 907 25.86 -36.28 6.21
CA TYR A 907 25.17 -35.74 7.36
C TYR A 907 25.15 -36.74 8.51
N GLU A 908 24.97 -38.02 8.20
CA GLU A 908 25.07 -39.03 9.25
C GLU A 908 26.45 -39.01 9.88
N ILE A 909 27.50 -38.90 9.05
CA ILE A 909 28.87 -38.83 9.56
C ILE A 909 29.02 -37.65 10.51
N TRP A 910 28.49 -36.49 10.12
CA TRP A 910 28.59 -35.30 10.96
C TRP A 910 27.85 -35.50 12.28
N ARG A 911 26.60 -35.98 12.19
CA ARG A 911 25.76 -36.10 13.37
C ARG A 911 26.38 -37.07 14.38
N LYS A 912 26.56 -38.33 13.99
CA LYS A 912 27.04 -39.30 14.96
C LYS A 912 28.52 -39.08 15.30
N ASN A 913 29.29 -38.54 14.36
CA ASN A 913 30.73 -38.31 14.55
C ASN A 913 31.40 -39.62 14.93
N PRO A 914 31.53 -40.57 13.98
CA PRO A 914 32.08 -41.88 14.32
C PRO A 914 33.57 -41.89 14.59
N PHE A 915 34.25 -40.75 14.43
CA PHE A 915 35.68 -40.67 14.66
C PHE A 915 36.04 -39.69 15.76
N SER A 916 35.05 -39.11 16.44
CA SER A 916 35.27 -38.23 17.59
C SER A 916 36.25 -37.10 17.28
N GLU A 917 36.27 -36.66 16.03
CA GLU A 917 37.16 -35.59 15.64
C GLU A 917 36.59 -34.25 16.10
N SER A 918 37.49 -33.26 16.21
CA SER A 918 37.10 -31.95 16.71
C SER A 918 36.10 -31.27 15.78
N ALA A 919 35.55 -30.14 16.26
CA ALA A 919 34.46 -29.47 15.56
C ALA A 919 34.86 -29.09 14.14
N ASP A 920 35.86 -28.22 14.01
CA ASP A 920 36.23 -27.71 12.70
C ASP A 920 36.78 -28.81 11.81
N GLU A 921 37.58 -29.72 12.38
CA GLU A 921 38.08 -30.84 11.59
C GLU A 921 36.94 -31.75 11.14
N LEU A 922 35.90 -31.91 11.96
CA LEU A 922 34.75 -32.70 11.54
C LEU A 922 34.00 -32.01 10.40
N ARG A 923 33.81 -30.70 10.50
CA ARG A 923 33.18 -29.96 9.42
C ARG A 923 33.99 -30.06 8.13
N ASP A 924 35.32 -30.12 8.25
CA ASP A 924 36.15 -30.27 7.06
C ASP A 924 36.10 -31.69 6.50
N ARG A 925 35.96 -32.69 7.37
CA ARG A 925 35.90 -34.08 6.90
C ARG A 925 34.56 -34.40 6.27
N VAL A 926 33.47 -33.79 6.77
CA VAL A 926 32.18 -33.96 6.13
C VAL A 926 32.06 -33.10 4.88
N LYS A 927 32.90 -32.07 4.76
CA LYS A 927 32.99 -31.24 3.56
C LYS A 927 31.65 -30.57 3.24
N GLY A 928 31.24 -29.70 4.15
CA GLY A 928 30.16 -28.77 3.92
C GLY A 928 28.79 -29.23 4.37
N VAL A 929 28.60 -30.52 4.62
CA VAL A 929 27.29 -31.06 4.94
C VAL A 929 27.11 -30.99 6.45
N SER A 930 26.37 -29.98 6.91
CA SER A 930 26.05 -29.85 8.32
C SER A 930 24.56 -29.99 8.62
N ALA A 931 23.70 -29.94 7.60
CA ALA A 931 22.26 -30.06 7.79
C ALA A 931 21.73 -31.21 6.94
N LYS A 932 20.80 -31.97 7.49
CA LYS A 932 20.24 -33.11 6.78
C LYS A 932 19.47 -32.66 5.56
N PRO A 933 19.89 -33.03 4.36
CA PRO A 933 19.10 -32.71 3.17
C PRO A 933 17.76 -33.42 3.23
N PHE A 934 16.77 -32.87 2.51
CA PHE A 934 15.46 -33.49 2.54
C PHE A 934 14.77 -33.55 1.18
N MET A 935 15.48 -33.26 0.08
CA MET A 935 14.90 -33.46 -1.25
C MET A 935 16.02 -33.60 -2.25
N GLU A 936 16.08 -34.76 -2.91
CA GLU A 936 17.07 -35.00 -3.96
C GLU A 936 16.94 -33.96 -5.06
N THR A 937 17.94 -33.10 -5.20
CA THR A 937 17.92 -32.04 -6.19
C THR A 937 19.08 -32.21 -7.16
N GLN A 938 18.82 -31.95 -8.43
CA GLN A 938 19.87 -31.96 -9.44
C GLN A 938 20.44 -30.55 -9.53
N PRO A 939 21.59 -30.29 -8.95
CA PRO A 939 22.05 -28.91 -8.81
C PRO A 939 22.82 -28.42 -10.04
N THR A 940 22.09 -28.11 -11.11
CA THR A 940 22.79 -27.66 -12.30
C THR A 940 23.16 -26.19 -12.18
N LEU A 941 24.07 -25.76 -13.06
CA LEU A 941 24.40 -24.35 -13.16
C LEU A 941 23.16 -23.54 -13.52
N ASP A 942 22.98 -22.42 -12.84
CA ASP A 942 21.83 -21.57 -13.10
C ASP A 942 22.15 -20.68 -14.29
N ALA A 943 21.48 -20.93 -15.41
CA ALA A 943 21.67 -20.13 -16.62
C ALA A 943 21.04 -18.75 -16.50
N LEU A 944 20.34 -18.46 -15.40
CA LEU A 944 19.73 -17.14 -15.25
C LEU A 944 20.79 -16.06 -15.11
N HIS A 945 21.56 -16.09 -14.02
CA HIS A 945 22.65 -15.14 -13.90
C HIS A 945 23.71 -15.45 -14.95
N CYS A 946 24.48 -16.52 -14.70
CA CYS A 946 25.39 -17.17 -15.64
C CYS A 946 26.38 -16.19 -16.27
N ASP A 947 26.20 -14.89 -15.98
CA ASP A 947 27.01 -13.78 -16.48
C ASP A 947 27.36 -12.78 -15.39
N ILE A 948 26.42 -12.53 -14.48
CA ILE A 948 26.52 -11.40 -13.57
C ILE A 948 27.78 -11.48 -12.71
N GLY A 949 28.08 -12.69 -12.21
CA GLY A 949 29.36 -12.87 -11.53
C GLY A 949 30.54 -12.69 -12.46
N ASN A 950 30.47 -13.31 -13.64
CA ASN A 950 31.49 -13.11 -14.65
C ASN A 950 31.58 -11.64 -15.04
N ALA A 951 30.43 -10.96 -15.13
CA ALA A 951 30.42 -9.55 -15.51
C ALA A 951 31.12 -8.70 -14.47
N THR A 952 30.78 -8.88 -13.19
CA THR A 952 31.44 -8.09 -12.16
C THR A 952 32.91 -8.45 -12.02
N GLU A 953 33.28 -9.69 -12.36
CA GLU A 953 34.70 -10.04 -12.33
C GLU A 953 35.46 -9.35 -13.45
N PHE A 954 34.89 -9.29 -14.65
CA PHE A 954 35.54 -8.55 -15.73
C PHE A 954 35.56 -7.06 -15.44
N TYR A 955 34.56 -6.56 -14.71
CA TYR A 955 34.54 -5.17 -14.31
C TYR A 955 35.67 -4.87 -13.34
N LYS A 956 35.86 -5.73 -12.34
CA LYS A 956 36.99 -5.57 -11.41
C LYS A 956 38.32 -5.69 -12.14
N ILE A 957 38.41 -6.60 -13.12
CA ILE A 957 39.66 -6.79 -13.83
C ILE A 957 39.99 -5.56 -14.67
N PHE A 958 38.99 -4.98 -15.34
CA PHE A 958 39.24 -3.74 -16.07
C PHE A 958 39.61 -2.61 -15.13
N GLN A 959 38.93 -2.52 -13.99
CA GLN A 959 39.21 -1.48 -13.01
C GLN A 959 40.64 -1.60 -12.48
N ASP A 960 41.13 -2.82 -12.31
CA ASP A 960 42.48 -3.05 -11.80
C ASP A 960 43.51 -3.18 -12.90
N GLU A 961 43.10 -3.11 -14.16
CA GLU A 961 44.03 -3.14 -15.28
C GLU A 961 44.29 -1.77 -15.86
N ILE A 962 43.27 -0.92 -15.96
CA ILE A 962 43.52 0.48 -16.28
C ILE A 962 44.40 1.11 -15.19
N GLY A 963 44.00 0.94 -13.94
CA GLY A 963 44.91 1.18 -12.85
C GLY A 963 45.96 0.09 -12.74
N GLU A 964 47.03 0.38 -12.03
CA GLU A 964 48.16 -0.53 -11.92
C GLU A 964 48.09 -1.27 -10.58
N VAL A 965 47.77 -2.55 -10.64
CA VAL A 965 47.73 -3.38 -9.44
C VAL A 965 48.84 -4.43 -9.42
N TYR A 966 49.32 -4.89 -10.58
CA TYR A 966 50.37 -5.90 -10.63
C TYR A 966 51.76 -5.30 -10.61
N GLN A 967 51.88 -4.00 -10.39
CA GLN A 967 53.13 -3.35 -10.00
C GLN A 967 53.08 -2.82 -8.58
N LYS A 968 52.02 -2.08 -8.24
CA LYS A 968 51.75 -1.68 -6.87
C LYS A 968 50.77 -2.68 -6.26
N PRO A 969 51.23 -3.57 -5.38
CA PRO A 969 50.38 -4.70 -4.98
C PRO A 969 49.20 -4.31 -4.11
N ASN A 970 49.36 -3.33 -3.22
CA ASN A 970 48.32 -3.01 -2.24
C ASN A 970 47.71 -1.65 -2.52
N PRO A 971 46.53 -1.59 -3.14
CA PRO A 971 45.90 -0.31 -3.45
C PRO A 971 44.99 0.17 -2.32
N SER A 972 44.76 1.48 -2.31
CA SER A 972 43.89 2.12 -1.34
C SER A 972 42.56 2.49 -1.99
N ARG A 973 41.73 3.23 -1.24
CA ARG A 973 40.38 3.55 -1.70
C ARG A 973 40.39 4.53 -2.86
N GLU A 974 41.22 5.57 -2.76
CA GLU A 974 41.15 6.68 -3.72
C GLU A 974 41.53 6.21 -5.12
N GLU A 975 42.62 5.45 -5.25
CA GLU A 975 43.03 4.99 -6.56
C GLU A 975 41.99 4.05 -7.17
N ARG A 976 41.41 3.18 -6.35
CA ARG A 976 40.38 2.27 -6.86
C ARG A 976 39.18 3.03 -7.38
N ARG A 977 38.67 3.98 -6.60
CA ARG A 977 37.50 4.75 -7.04
C ARG A 977 37.84 5.62 -8.25
N ARG A 978 39.07 6.13 -8.34
CA ARG A 978 39.46 6.92 -9.49
C ARG A 978 39.53 6.07 -10.76
N TRP A 979 40.09 4.87 -10.64
CA TRP A 979 40.12 3.96 -11.78
C TRP A 979 38.69 3.61 -12.22
N ARG A 980 37.80 3.36 -11.27
CA ARG A 980 36.40 3.10 -11.63
C ARG A 980 35.80 4.30 -12.36
N SER A 981 36.05 5.50 -11.84
CA SER A 981 35.50 6.70 -12.46
C SER A 981 35.98 6.85 -13.89
N THR A 982 37.30 6.71 -14.11
CA THR A 982 37.82 6.92 -15.46
C THR A 982 37.41 5.79 -16.40
N LEU A 983 37.23 4.57 -15.88
CA LEU A 983 36.74 3.49 -16.72
C LEU A 983 35.30 3.72 -17.15
N ASP A 984 34.45 4.17 -16.21
CA ASP A 984 33.07 4.46 -16.57
C ASP A 984 32.99 5.62 -17.55
N LYS A 985 33.85 6.64 -17.37
CA LYS A 985 33.89 7.74 -18.33
C LYS A 985 34.35 7.27 -19.70
N GLN A 986 35.30 6.32 -19.74
CA GLN A 986 35.74 5.76 -21.01
C GLN A 986 34.60 5.01 -21.70
N LEU A 987 33.85 4.21 -20.94
CA LEU A 987 32.73 3.47 -21.51
C LEU A 987 31.62 4.42 -21.99
N ARG A 988 31.43 5.54 -21.28
CA ARG A 988 30.50 6.56 -21.76
C ARG A 988 31.02 7.21 -23.04
N LYS A 989 32.33 7.38 -23.16
CA LYS A 989 32.90 8.04 -24.33
C LYS A 989 32.78 7.17 -25.57
N LYS A 990 33.18 5.90 -25.47
CA LYS A 990 33.28 5.05 -26.65
C LYS A 990 32.12 4.07 -26.80
N MET A 991 31.85 3.25 -25.78
CA MET A 991 30.75 2.30 -25.91
C MET A 991 29.40 2.91 -25.56
N LYS A 992 29.38 4.14 -25.03
CA LYS A 992 28.15 4.86 -24.73
C LYS A 992 27.30 4.07 -23.71
N LEU A 993 27.91 3.81 -22.56
CA LEU A 993 27.24 3.09 -21.49
C LEU A 993 27.44 3.85 -20.19
N LYS A 994 26.34 4.28 -19.58
CA LYS A 994 26.39 5.01 -18.34
C LYS A 994 26.71 4.06 -17.19
N PRO A 995 27.31 4.58 -16.11
CA PRO A 995 27.64 3.71 -14.97
C PRO A 995 26.41 3.33 -14.16
N VAL A 996 26.51 2.19 -13.49
CA VAL A 996 25.44 1.68 -12.63
C VAL A 996 26.07 1.15 -11.35
N MET A 997 25.23 0.97 -10.33
CA MET A 997 25.73 0.45 -9.06
C MET A 997 25.80 -1.07 -9.07
N ARG A 998 24.83 -1.74 -9.70
CA ARG A 998 24.78 -3.19 -9.73
C ARG A 998 24.71 -3.67 -11.18
N MET A 999 25.46 -4.73 -11.49
CA MET A 999 25.45 -5.31 -12.82
C MET A 999 24.17 -6.10 -13.00
N ASN A 1000 23.22 -5.54 -13.74
CA ASN A 1000 22.01 -6.25 -14.10
C ASN A 1000 22.28 -7.11 -15.32
N GLY A 1001 21.22 -7.62 -15.95
CA GLY A 1001 21.37 -8.44 -17.13
C GLY A 1001 21.86 -7.69 -18.36
N ASN A 1002 21.09 -6.69 -18.81
CA ASN A 1002 21.43 -6.03 -20.07
C ASN A 1002 22.77 -5.30 -20.00
N TYR A 1003 23.12 -4.77 -18.82
CA TYR A 1003 24.41 -4.10 -18.69
C TYR A 1003 25.55 -5.09 -18.87
N ALA A 1004 25.46 -6.24 -18.21
CA ALA A 1004 26.42 -7.31 -18.43
C ALA A 1004 26.48 -7.71 -19.91
N ARG A 1005 25.31 -7.82 -20.54
CA ARG A 1005 25.26 -8.21 -21.95
C ARG A 1005 25.95 -7.18 -22.83
N ARG A 1006 25.87 -5.90 -22.48
CA ARG A 1006 26.49 -4.83 -23.25
C ARG A 1006 27.93 -4.55 -22.83
N LEU A 1007 28.41 -5.19 -21.77
CA LEU A 1007 29.79 -4.99 -21.33
C LEU A 1007 30.74 -6.03 -21.88
N MET A 1008 30.44 -7.31 -21.68
CA MET A 1008 31.34 -8.39 -22.08
C MET A 1008 31.27 -8.63 -23.59
N THR A 1009 31.54 -7.57 -24.33
CA THR A 1009 31.58 -7.61 -25.78
C THR A 1009 32.93 -7.09 -26.26
N ARG A 1010 33.37 -7.60 -27.40
CA ARG A 1010 34.68 -7.22 -27.93
C ARG A 1010 34.77 -5.72 -28.20
N GLU A 1011 33.64 -5.06 -28.46
CA GLU A 1011 33.65 -3.62 -28.66
C GLU A 1011 34.11 -2.88 -27.42
N ALA A 1012 33.41 -3.11 -26.29
CA ALA A 1012 33.78 -2.42 -25.05
C ALA A 1012 35.19 -2.81 -24.61
N VAL A 1013 35.61 -4.03 -24.89
CA VAL A 1013 36.94 -4.48 -24.46
C VAL A 1013 38.03 -3.79 -25.27
N GLU A 1014 37.91 -3.79 -26.60
CA GLU A 1014 38.89 -3.08 -27.40
C GLU A 1014 38.82 -1.57 -27.19
N ALA A 1015 37.69 -1.07 -26.70
CA ALA A 1015 37.62 0.34 -26.33
C ALA A 1015 38.40 0.61 -25.05
N VAL A 1016 38.18 -0.21 -24.02
CA VAL A 1016 38.88 -0.03 -22.76
C VAL A 1016 40.36 -0.38 -22.86
N CYS A 1017 40.77 -1.11 -23.91
CA CYS A 1017 42.17 -1.45 -24.09
C CYS A 1017 43.06 -0.22 -24.23
N GLU A 1018 42.52 0.91 -24.67
CA GLU A 1018 43.33 2.07 -24.99
C GLU A 1018 43.96 2.72 -23.76
N LEU A 1019 43.54 2.36 -22.55
CA LEU A 1019 44.11 3.01 -21.37
C LEU A 1019 45.28 2.24 -20.77
N VAL A 1020 45.17 0.92 -20.67
CA VAL A 1020 46.25 0.10 -20.10
C VAL A 1020 47.51 0.28 -20.94
N PRO A 1021 48.62 0.72 -20.34
CA PRO A 1021 49.80 1.07 -21.14
C PRO A 1021 50.52 -0.13 -21.75
N SER A 1022 50.73 -1.19 -20.97
CA SER A 1022 51.47 -2.34 -21.49
C SER A 1022 50.62 -3.11 -22.48
N GLU A 1023 51.07 -3.15 -23.74
CA GLU A 1023 50.35 -3.87 -24.78
C GLU A 1023 50.32 -5.37 -24.53
N GLU A 1024 51.30 -5.89 -23.79
CA GLU A 1024 51.26 -7.28 -23.35
C GLU A 1024 49.95 -7.59 -22.63
N ARG A 1025 49.66 -6.84 -21.56
CA ARG A 1025 48.41 -7.02 -20.84
C ARG A 1025 47.20 -6.72 -21.71
N ARG A 1026 47.33 -5.77 -22.66
CA ARG A 1026 46.24 -5.48 -23.57
C ARG A 1026 45.83 -6.71 -24.35
N GLU A 1027 46.77 -7.29 -25.09
CA GLU A 1027 46.47 -8.50 -25.85
C GLU A 1027 46.08 -9.65 -24.94
N ALA A 1028 46.65 -9.71 -23.73
CA ALA A 1028 46.30 -10.78 -22.81
C ALA A 1028 44.82 -10.73 -22.44
N LEU A 1029 44.34 -9.56 -21.98
CA LEU A 1029 42.95 -9.45 -21.59
C LEU A 1029 42.02 -9.51 -22.80
N LEU A 1030 42.49 -9.06 -23.97
CA LEU A 1030 41.67 -9.23 -25.17
C LEU A 1030 41.47 -10.69 -25.49
N LYS A 1031 42.54 -11.48 -25.44
CA LYS A 1031 42.43 -12.93 -25.65
C LYS A 1031 41.54 -13.56 -24.58
N LEU A 1032 41.64 -13.05 -23.35
CA LEU A 1032 40.76 -13.51 -22.28
C LEU A 1032 39.29 -13.34 -22.67
N MET A 1033 38.90 -12.10 -22.97
CA MET A 1033 37.52 -11.85 -23.39
C MET A 1033 37.16 -12.61 -24.65
N ASP A 1034 38.14 -12.85 -25.52
CA ASP A 1034 37.87 -13.58 -26.76
C ASP A 1034 37.47 -15.02 -26.47
N LEU A 1035 38.31 -15.73 -25.72
CA LEU A 1035 37.96 -17.09 -25.30
C LEU A 1035 36.64 -17.10 -24.54
N TYR A 1036 36.41 -16.08 -23.71
CA TYR A 1036 35.18 -16.01 -22.93
C TYR A 1036 33.95 -15.95 -23.84
N LEU A 1037 33.89 -14.94 -24.70
CA LEU A 1037 32.74 -14.78 -25.59
C LEU A 1037 32.66 -15.87 -26.64
N GLN A 1038 33.73 -16.63 -26.84
CA GLN A 1038 33.61 -17.81 -27.71
C GLN A 1038 32.97 -18.98 -26.96
N MET A 1039 33.32 -19.16 -25.68
CA MET A 1039 32.77 -20.25 -24.88
C MET A 1039 31.45 -19.88 -24.21
N LYS A 1040 30.98 -18.63 -24.37
CA LYS A 1040 29.79 -18.17 -23.67
C LYS A 1040 28.50 -18.84 -24.14
N PRO A 1041 28.18 -18.91 -25.45
CA PRO A 1041 26.89 -19.48 -25.84
C PRO A 1041 26.78 -20.98 -25.62
N VAL A 1042 27.79 -21.61 -25.03
CA VAL A 1042 27.71 -23.04 -24.75
C VAL A 1042 26.63 -23.32 -23.70
N TRP A 1043 26.52 -22.46 -22.69
CA TRP A 1043 25.56 -22.67 -21.62
C TRP A 1043 24.29 -21.85 -21.78
N ARG A 1044 24.36 -20.68 -22.42
CA ARG A 1044 23.20 -19.81 -22.49
C ARG A 1044 22.14 -20.35 -23.44
N SER A 1045 22.54 -20.70 -24.65
CA SER A 1045 21.61 -21.14 -25.67
C SER A 1045 20.92 -22.45 -25.24
N THR A 1046 19.87 -22.79 -25.99
CA THR A 1046 19.03 -23.94 -25.64
C THR A 1046 19.82 -25.24 -25.64
N CYS A 1047 20.31 -25.65 -26.81
CA CYS A 1047 20.95 -26.95 -26.96
C CYS A 1047 22.27 -26.81 -27.72
N PRO A 1048 23.41 -26.88 -27.05
CA PRO A 1048 24.69 -26.87 -27.76
C PRO A 1048 24.97 -28.15 -28.54
N SER A 1049 24.16 -29.19 -28.34
CA SER A 1049 24.31 -30.42 -29.11
C SER A 1049 23.72 -30.29 -30.51
N ARG A 1050 22.88 -29.27 -30.74
CA ARG A 1050 22.32 -29.00 -32.06
C ARG A 1050 22.73 -27.64 -32.60
N ASP A 1051 22.64 -26.59 -31.78
CA ASP A 1051 22.88 -25.23 -32.25
C ASP A 1051 24.37 -25.00 -32.54
N CYS A 1052 25.21 -25.10 -31.51
CA CYS A 1052 26.65 -24.83 -31.63
C CYS A 1052 27.43 -26.01 -31.08
N PRO A 1053 27.58 -27.08 -31.87
CA PRO A 1053 28.40 -28.21 -31.41
C PRO A 1053 29.90 -27.92 -31.45
N ASP A 1054 30.33 -26.94 -32.23
CA ASP A 1054 31.75 -26.63 -32.34
C ASP A 1054 32.29 -26.03 -31.04
N GLN A 1055 31.58 -25.06 -30.48
CA GLN A 1055 32.02 -24.46 -29.22
C GLN A 1055 32.04 -25.49 -28.11
N LEU A 1056 31.06 -26.39 -28.07
CA LEU A 1056 31.07 -27.46 -27.08
C LEU A 1056 32.28 -28.36 -27.27
N CYS A 1057 32.51 -28.82 -28.51
CA CYS A 1057 33.64 -29.71 -28.78
C CYS A 1057 34.98 -29.05 -28.45
N GLN A 1058 35.04 -27.72 -28.53
CA GLN A 1058 36.27 -27.02 -28.19
C GLN A 1058 36.34 -26.57 -26.74
N TYR A 1059 35.23 -26.65 -26.00
CA TYR A 1059 35.11 -25.98 -24.71
C TYR A 1059 36.16 -26.45 -23.71
N SER A 1060 36.50 -27.74 -23.72
CA SER A 1060 37.50 -28.23 -22.76
C SER A 1060 38.82 -27.48 -22.92
N TYR A 1061 39.41 -27.56 -24.12
CA TYR A 1061 40.66 -26.86 -24.37
C TYR A 1061 40.50 -25.35 -24.27
N ASN A 1062 39.31 -24.84 -24.57
CA ASN A 1062 39.09 -23.40 -24.51
C ASN A 1062 39.16 -22.90 -23.07
N SER A 1063 38.37 -23.51 -22.18
CA SER A 1063 38.42 -23.18 -20.77
C SER A 1063 39.79 -23.48 -20.17
N GLN A 1064 40.49 -24.49 -20.70
CA GLN A 1064 41.84 -24.76 -20.22
C GLN A 1064 42.77 -23.60 -20.51
N GLN A 1065 42.78 -23.12 -21.76
CA GLN A 1065 43.58 -21.95 -22.11
C GLN A 1065 43.15 -20.73 -21.31
N PHE A 1066 41.84 -20.59 -21.08
CA PHE A 1066 41.32 -19.47 -20.30
C PHE A 1066 41.90 -19.49 -18.89
N ALA A 1067 41.77 -20.62 -18.20
CA ALA A 1067 42.26 -20.72 -16.84
C ALA A 1067 43.79 -20.60 -16.77
N ASP A 1068 44.49 -21.11 -17.78
CA ASP A 1068 45.94 -20.95 -17.81
C ASP A 1068 46.32 -19.48 -17.97
N LEU A 1069 45.60 -18.75 -18.83
CA LEU A 1069 45.86 -17.33 -18.97
C LEU A 1069 45.58 -16.58 -17.68
N LEU A 1070 44.50 -16.94 -16.98
CA LEU A 1070 44.19 -16.31 -15.70
C LEU A 1070 45.30 -16.58 -14.69
N SER A 1071 45.55 -17.86 -14.38
CA SER A 1071 46.55 -18.21 -13.38
C SER A 1071 47.98 -17.98 -13.85
N SER A 1072 48.20 -17.48 -15.06
CA SER A 1072 49.52 -17.08 -15.52
C SER A 1072 49.74 -15.58 -15.43
N MET A 1073 48.85 -14.79 -16.02
CA MET A 1073 49.02 -13.34 -16.05
C MET A 1073 48.19 -12.62 -15.00
N PHE A 1074 47.23 -13.29 -14.37
CA PHE A 1074 46.44 -12.71 -13.29
C PHE A 1074 46.58 -13.53 -12.01
N LYS A 1075 47.70 -14.24 -11.86
CA LYS A 1075 47.97 -14.99 -10.64
C LYS A 1075 47.94 -14.10 -9.41
N TYR A 1076 48.19 -12.80 -9.58
CA TYR A 1076 48.17 -11.86 -8.47
C TYR A 1076 46.83 -11.79 -7.77
N ARG A 1077 45.74 -12.16 -8.45
CA ARG A 1077 44.40 -11.97 -7.93
C ARG A 1077 43.69 -13.26 -7.56
N TYR A 1078 44.05 -14.38 -8.18
CA TYR A 1078 43.42 -15.67 -7.88
C TYR A 1078 44.33 -16.54 -7.02
N ASP A 1079 45.02 -15.92 -6.07
CA ASP A 1079 45.90 -16.64 -5.15
C ASP A 1079 45.18 -17.82 -4.51
N GLY A 1080 44.13 -17.53 -3.73
CA GLY A 1080 43.38 -18.58 -3.07
C GLY A 1080 41.89 -18.32 -3.04
N LYS A 1081 41.46 -17.21 -3.63
CA LYS A 1081 40.06 -16.83 -3.63
C LYS A 1081 39.57 -16.68 -5.06
N ILE A 1082 38.40 -17.23 -5.34
CA ILE A 1082 37.76 -17.20 -6.65
C ILE A 1082 36.26 -17.08 -6.46
N THR A 1083 35.63 -16.22 -7.25
CA THR A 1083 34.17 -16.11 -7.20
C THR A 1083 33.54 -17.42 -7.67
N ASN A 1084 32.36 -17.72 -7.12
CA ASN A 1084 31.73 -19.03 -7.34
C ASN A 1084 31.44 -19.28 -8.82
N TYR A 1085 30.82 -18.31 -9.48
CA TYR A 1085 30.38 -18.51 -10.85
C TYR A 1085 31.54 -18.84 -11.78
N LEU A 1086 32.74 -18.35 -11.49
CA LEU A 1086 33.88 -18.70 -12.34
C LEU A 1086 34.24 -20.17 -12.20
N HIS A 1087 34.28 -20.68 -10.96
CA HIS A 1087 34.51 -22.11 -10.78
C HIS A 1087 33.41 -22.92 -11.45
N LYS A 1088 32.18 -22.44 -11.36
CA LYS A 1088 31.06 -23.09 -12.06
C LYS A 1088 31.35 -23.20 -13.55
N THR A 1089 31.62 -22.06 -14.20
CA THR A 1089 31.76 -22.04 -15.65
C THR A 1089 33.05 -22.71 -16.13
N LEU A 1090 34.03 -22.90 -15.25
CA LEU A 1090 35.28 -23.52 -15.67
C LEU A 1090 35.40 -24.99 -15.31
N ALA A 1091 34.66 -25.47 -14.31
CA ALA A 1091 34.89 -26.80 -13.78
C ALA A 1091 33.83 -27.83 -14.15
N HIS A 1092 32.62 -27.40 -14.49
CA HIS A 1092 31.53 -28.35 -14.67
C HIS A 1092 30.75 -28.21 -15.98
N VAL A 1093 30.96 -27.15 -16.76
CA VAL A 1093 30.16 -26.96 -17.96
C VAL A 1093 30.18 -28.17 -18.88
N PRO A 1094 31.33 -28.73 -19.28
CA PRO A 1094 31.28 -29.92 -20.14
C PRO A 1094 30.63 -31.11 -19.46
N GLU A 1095 30.96 -31.35 -18.18
CA GLU A 1095 30.33 -32.45 -17.46
C GLU A 1095 28.83 -32.25 -17.32
N ILE A 1096 28.38 -31.00 -17.14
CA ILE A 1096 26.96 -30.73 -17.02
C ILE A 1096 26.24 -30.99 -18.35
N VAL A 1097 26.71 -30.35 -19.42
CA VAL A 1097 26.04 -30.52 -20.71
C VAL A 1097 26.13 -31.96 -21.20
N GLU A 1098 27.12 -32.73 -20.73
CA GLU A 1098 27.20 -34.13 -21.12
C GLU A 1098 26.26 -34.98 -20.26
N ARG A 1099 26.11 -34.63 -18.98
CA ARG A 1099 25.27 -35.43 -18.10
C ARG A 1099 23.79 -35.25 -18.42
N ASP A 1100 23.41 -34.08 -18.91
CA ASP A 1100 21.99 -33.79 -19.15
C ASP A 1100 21.69 -33.56 -20.62
N GLY A 1101 22.41 -32.65 -21.28
CA GLY A 1101 22.14 -32.35 -22.67
C GLY A 1101 21.97 -30.87 -22.93
N SER A 1102 21.91 -30.07 -21.87
CA SER A 1102 21.84 -28.62 -22.00
C SER A 1102 22.04 -27.97 -20.64
N ILE A 1103 22.01 -26.64 -20.61
CA ILE A 1103 22.09 -25.88 -19.38
C ILE A 1103 20.92 -24.91 -19.30
N GLY A 1104 20.77 -24.07 -20.33
CA GLY A 1104 19.72 -23.08 -20.34
C GLY A 1104 18.33 -23.67 -20.41
N ALA A 1105 18.20 -24.91 -20.85
CA ALA A 1105 16.92 -25.59 -20.93
C ALA A 1105 16.50 -26.21 -19.60
N TRP A 1106 17.12 -25.81 -18.49
CA TRP A 1106 16.66 -26.25 -17.18
C TRP A 1106 16.73 -25.11 -16.16
N ALA A 1107 16.81 -23.87 -16.62
CA ALA A 1107 16.90 -22.74 -15.71
C ALA A 1107 15.57 -22.50 -15.00
N SER A 1108 15.63 -21.70 -13.94
CA SER A 1108 14.45 -21.33 -13.17
C SER A 1108 13.60 -20.27 -13.86
N GLU A 1109 13.89 -19.98 -15.13
CA GLU A 1109 13.22 -18.88 -15.83
C GLU A 1109 11.70 -18.97 -15.73
N GLY A 1110 11.17 -20.19 -15.75
CA GLY A 1110 9.75 -20.40 -15.68
C GLY A 1110 9.29 -19.65 -14.48
N ASN A 1111 9.94 -19.83 -13.29
CA ASN A 1111 9.02 -19.39 -12.28
C ASN A 1111 9.27 -17.90 -12.15
N GLU A 1112 10.50 -17.49 -12.49
CA GLU A 1112 10.88 -16.09 -12.50
C GLU A 1112 9.94 -15.26 -13.35
N SER A 1113 9.41 -15.83 -14.43
CA SER A 1113 8.39 -15.15 -15.21
C SER A 1113 7.04 -15.23 -14.52
N GLY A 1114 6.57 -16.45 -14.26
CA GLY A 1114 5.25 -16.66 -13.68
C GLY A 1114 4.96 -15.91 -12.40
N ASN A 1115 5.99 -15.31 -11.81
CA ASN A 1115 5.74 -14.36 -10.72
C ASN A 1115 4.73 -13.29 -11.14
N LYS A 1116 4.87 -12.75 -12.34
CA LYS A 1116 3.93 -11.74 -12.80
C LYS A 1116 2.52 -12.32 -12.94
N LEU A 1117 2.43 -13.59 -13.37
CA LEU A 1117 1.13 -14.24 -13.48
C LEU A 1117 0.46 -14.33 -12.11
N PHE A 1118 1.20 -14.80 -11.10
CA PHE A 1118 0.65 -14.88 -9.76
C PHE A 1118 0.18 -13.51 -9.29
N ARG A 1119 1.00 -12.48 -9.49
CA ARG A 1119 0.59 -11.15 -9.07
C ARG A 1119 -0.69 -10.71 -9.76
N ARG A 1120 -0.79 -10.95 -11.07
CA ARG A 1120 -1.96 -10.48 -11.81
C ARG A 1120 -3.22 -11.24 -11.40
N PHE A 1121 -3.10 -12.54 -11.16
CA PHE A 1121 -4.27 -13.31 -10.75
C PHE A 1121 -4.72 -12.92 -9.35
N ARG A 1122 -3.77 -12.62 -8.46
CA ARG A 1122 -4.15 -12.07 -7.17
C ARG A 1122 -4.81 -10.70 -7.33
N LYS A 1123 -4.39 -9.94 -8.34
CA LYS A 1123 -4.88 -8.57 -8.52
C LYS A 1123 -6.34 -8.56 -9.00
N MET A 1124 -6.60 -9.12 -10.18
CA MET A 1124 -7.96 -9.07 -10.74
C MET A 1124 -8.89 -10.29 -10.65
N ASN A 1125 -8.43 -11.42 -10.14
CA ASN A 1125 -9.33 -12.58 -10.08
C ASN A 1125 -9.57 -13.16 -8.70
N ALA A 1126 -8.96 -12.58 -7.68
CA ALA A 1126 -9.11 -13.09 -6.33
C ALA A 1126 -10.48 -12.94 -5.69
N ARG A 1127 -10.85 -13.92 -4.88
CA ARG A 1127 -12.09 -13.89 -4.11
C ARG A 1127 -11.94 -13.13 -2.80
N GLN A 1128 -10.71 -12.78 -2.42
CA GLN A 1128 -10.39 -11.93 -1.27
C GLN A 1128 -10.73 -12.58 0.06
N SER A 1129 -11.17 -13.83 0.07
CA SER A 1129 -11.51 -14.49 1.33
C SER A 1129 -10.30 -15.01 2.07
N LYS A 1130 -9.12 -14.97 1.45
CA LYS A 1130 -7.84 -15.32 2.07
C LYS A 1130 -7.71 -16.81 2.31
N THR A 1131 -8.78 -17.57 2.07
CA THR A 1131 -8.74 -19.02 2.06
C THR A 1131 -9.22 -19.61 0.75
N PHE A 1132 -10.06 -18.89 0.02
CA PHE A 1132 -10.40 -19.25 -1.35
C PHE A 1132 -9.45 -18.62 -2.35
N GLU A 1133 -8.82 -17.50 -1.98
CA GLU A 1133 -7.99 -16.73 -2.90
C GLU A 1133 -6.93 -17.60 -3.54
N LEU A 1134 -6.22 -18.39 -2.75
CA LEU A 1134 -5.21 -19.29 -3.29
C LEU A 1134 -5.83 -20.29 -4.25
N GLU A 1135 -7.01 -20.82 -3.91
CA GLU A 1135 -7.65 -21.79 -4.78
C GLU A 1135 -7.96 -21.18 -6.15
N ASP A 1136 -8.46 -19.94 -6.15
CA ASP A 1136 -8.74 -19.28 -7.42
C ASP A 1136 -7.48 -19.00 -8.21
N ILE A 1137 -6.44 -18.50 -7.53
CA ILE A 1137 -5.16 -18.26 -8.19
C ILE A 1137 -4.66 -19.54 -8.84
N LEU A 1138 -4.77 -20.67 -8.13
CA LEU A 1138 -4.28 -21.93 -8.66
C LEU A 1138 -5.10 -22.40 -9.84
N LYS A 1139 -6.44 -22.34 -9.72
CA LYS A 1139 -7.30 -22.79 -10.81
C LYS A 1139 -7.03 -21.99 -12.08
N HIS A 1140 -6.98 -20.66 -11.95
CA HIS A 1140 -6.74 -19.83 -13.13
C HIS A 1140 -5.33 -20.04 -13.69
N HIS A 1141 -4.32 -20.14 -12.82
CA HIS A 1141 -2.96 -20.33 -13.29
C HIS A 1141 -2.83 -21.64 -14.05
N TRP A 1142 -3.50 -22.70 -13.58
CA TRP A 1142 -3.42 -23.98 -14.29
C TRP A 1142 -4.17 -23.92 -15.61
N LEU A 1143 -5.37 -23.34 -15.59
CA LEU A 1143 -6.11 -23.16 -16.83
C LEU A 1143 -5.27 -22.42 -17.87
N TYR A 1144 -4.49 -21.44 -17.42
CA TYR A 1144 -3.61 -20.72 -18.33
C TYR A 1144 -2.70 -21.69 -19.07
N THR A 1145 -2.01 -22.55 -18.33
CA THR A 1145 -0.85 -23.21 -18.89
C THR A 1145 -1.17 -24.60 -19.42
N SER A 1146 -2.40 -24.83 -19.87
CA SER A 1146 -2.78 -26.09 -20.47
C SER A 1146 -2.58 -25.98 -21.99
N LYS A 1147 -1.67 -26.81 -22.52
CA LYS A 1147 -1.31 -26.76 -23.93
C LYS A 1147 -2.52 -26.64 -24.85
N TYR A 1148 -3.58 -27.38 -24.54
CA TYR A 1148 -4.81 -27.30 -25.32
C TYR A 1148 -5.29 -25.85 -25.46
N LEU A 1149 -5.34 -25.13 -24.35
CA LEU A 1149 -5.92 -23.79 -24.37
C LEU A 1149 -5.02 -22.80 -25.09
N GLN A 1150 -3.69 -22.94 -24.95
CA GLN A 1150 -2.80 -22.10 -25.74
C GLN A 1150 -2.91 -22.42 -27.22
N LYS A 1151 -3.21 -23.67 -27.56
CA LYS A 1151 -3.46 -24.01 -28.96
C LYS A 1151 -4.70 -23.28 -29.46
N PHE A 1152 -5.78 -23.29 -28.68
CA PHE A 1152 -6.95 -22.51 -29.09
C PHE A 1152 -6.67 -21.02 -29.13
N MET A 1153 -5.55 -20.58 -28.57
CA MET A 1153 -5.04 -19.23 -28.80
C MET A 1153 -4.09 -19.23 -29.99
N GLU A 1154 -4.60 -19.73 -31.12
CA GLU A 1154 -3.76 -19.94 -32.30
C GLU A 1154 -2.97 -18.72 -32.68
N ALA A 1155 -3.51 -17.53 -32.47
CA ALA A 1155 -2.87 -16.27 -32.85
C ALA A 1155 -2.46 -16.09 -34.38
N HIS A 1156 -2.83 -16.93 -35.36
CA HIS A 1156 -3.07 -16.90 -36.83
C HIS A 1156 -3.63 -15.51 -37.32
N MET B 4 6.94 -12.97 43.19
CA MET B 4 6.21 -12.93 41.93
C MET B 4 6.26 -11.54 41.31
N SER B 5 6.96 -11.42 40.19
CA SER B 5 7.07 -10.15 39.49
C SER B 5 7.41 -10.40 38.04
N LEU B 6 6.87 -9.56 37.16
CA LEU B 6 7.14 -9.63 35.73
C LEU B 6 7.88 -8.38 35.28
N GLN B 7 8.68 -8.54 34.23
CA GLN B 7 9.49 -7.46 33.73
C GLN B 7 9.69 -7.62 32.23
N PRO B 8 9.47 -6.57 31.45
CA PRO B 8 9.67 -6.68 30.00
C PRO B 8 11.14 -6.69 29.61
N LEU B 9 11.62 -7.82 29.11
CA LEU B 9 12.97 -7.92 28.60
C LEU B 9 13.01 -7.52 27.13
N THR B 10 14.22 -7.43 26.59
CA THR B 10 14.41 -7.09 25.18
C THR B 10 15.59 -7.87 24.64
N ALA B 11 15.39 -8.51 23.48
CA ALA B 11 16.46 -9.22 22.81
C ALA B 11 17.34 -8.19 22.10
N VAL B 12 18.51 -7.92 22.68
CA VAL B 12 19.42 -6.93 22.10
C VAL B 12 19.84 -7.36 20.70
N ASN B 13 20.32 -8.59 20.57
CA ASN B 13 20.64 -9.18 19.28
C ASN B 13 20.21 -10.64 19.32
N CYS B 14 20.35 -11.32 18.18
CA CYS B 14 19.92 -12.70 18.02
C CYS B 14 18.45 -12.85 18.40
N GLY B 15 17.61 -12.02 17.79
CA GLY B 15 16.18 -12.12 17.98
C GLY B 15 15.52 -13.11 17.03
N SER B 16 16.15 -13.35 15.88
CA SER B 16 15.61 -14.22 14.85
C SER B 16 15.96 -15.69 15.08
N LEU B 17 16.31 -16.08 16.30
CA LEU B 17 16.69 -17.46 16.60
C LEU B 17 15.91 -17.98 17.79
N VAL B 18 14.64 -17.58 17.91
CA VAL B 18 13.74 -18.08 18.94
C VAL B 18 12.46 -18.53 18.25
N GLN B 19 12.09 -19.79 18.43
CA GLN B 19 10.90 -20.38 17.84
C GLN B 19 9.90 -20.73 18.93
N PRO B 20 8.62 -20.88 18.58
CA PRO B 20 7.59 -21.09 19.62
C PRO B 20 7.90 -22.20 20.61
N GLY B 21 8.37 -23.35 20.13
CA GLY B 21 8.87 -24.37 21.04
C GLY B 21 10.38 -24.22 21.21
N PHE B 22 10.83 -24.38 22.45
CA PHE B 22 12.26 -24.50 22.74
C PHE B 22 12.42 -25.03 24.15
N SER B 23 13.66 -25.42 24.46
CA SER B 23 14.01 -25.95 25.77
C SER B 23 15.02 -25.04 26.45
N LEU B 24 15.05 -25.10 27.78
CA LEU B 24 15.98 -24.33 28.58
C LEU B 24 16.64 -25.26 29.58
N LEU B 25 17.95 -25.43 29.47
CA LEU B 25 18.71 -26.33 30.32
C LEU B 25 19.56 -25.54 31.30
N ASP B 26 19.74 -26.09 32.49
CA ASP B 26 20.67 -25.52 33.45
C ASP B 26 21.58 -26.61 33.97
N LEU B 27 22.87 -26.31 34.03
CA LEU B 27 23.87 -27.18 34.64
C LEU B 27 25.15 -26.36 34.84
N GLU B 28 25.74 -26.47 36.03
CA GLU B 28 26.94 -25.72 36.38
C GLU B 28 26.74 -24.22 36.14
N GLY B 29 25.68 -23.68 36.72
CA GLY B 29 25.46 -22.25 36.66
C GLY B 29 24.66 -21.77 35.47
N ASP B 30 25.35 -21.32 34.43
CA ASP B 30 24.74 -20.63 33.31
C ASP B 30 23.60 -21.42 32.68
N VAL B 31 22.70 -20.72 32.01
CA VAL B 31 21.50 -21.30 31.42
C VAL B 31 21.67 -21.33 29.90
N TYR B 32 21.39 -22.50 29.32
CA TYR B 32 21.51 -22.71 27.88
C TYR B 32 20.12 -22.81 27.27
N LEU B 33 20.00 -22.28 26.05
CA LEU B 33 18.80 -22.38 25.25
C LEU B 33 19.02 -23.40 24.15
N PHE B 34 18.05 -24.30 23.98
CA PHE B 34 18.12 -25.43 23.07
C PHE B 34 16.94 -25.38 22.12
N GLY B 35 17.19 -25.70 20.85
CA GLY B 35 16.14 -25.72 19.86
C GLY B 35 16.08 -24.45 19.03
N GLN B 36 17.22 -24.05 18.48
CA GLN B 36 17.25 -22.93 17.55
C GLN B 36 16.44 -23.27 16.30
N LYS B 37 15.65 -22.31 15.84
CA LYS B 37 14.89 -22.52 14.62
C LYS B 37 15.81 -22.58 13.42
N GLY B 38 15.31 -23.18 12.33
CA GLY B 38 16.16 -23.40 11.19
C GLY B 38 17.21 -24.45 11.53
N TRP B 39 18.25 -24.50 10.72
CA TRP B 39 19.34 -25.40 11.00
C TRP B 39 20.54 -24.63 11.56
N PRO B 40 21.49 -25.31 12.19
CA PRO B 40 22.63 -24.60 12.78
C PRO B 40 23.39 -23.78 11.73
N LYS B 41 23.36 -22.47 11.92
CA LYS B 41 24.02 -21.56 10.98
C LYS B 41 25.54 -21.64 11.17
N ARG B 42 26.26 -20.78 10.44
CA ARG B 42 27.71 -20.68 10.64
C ARG B 42 28.06 -19.86 11.88
N SER B 43 27.11 -19.09 12.40
CA SER B 43 27.34 -18.38 13.66
C SER B 43 27.72 -19.35 14.77
N CYS B 44 26.91 -20.39 14.98
CA CYS B 44 27.20 -21.41 15.97
C CYS B 44 27.35 -22.76 15.29
N PRO B 45 28.43 -23.50 15.57
CA PRO B 45 28.55 -24.85 15.01
C PRO B 45 27.48 -25.79 15.50
N THR B 46 27.08 -25.69 16.76
CA THR B 46 26.12 -26.62 17.35
C THR B 46 24.68 -26.11 17.25
N GLY B 47 24.43 -24.93 17.81
CA GLY B 47 23.07 -24.41 17.94
C GLY B 47 22.59 -24.32 19.36
N ILE B 48 23.31 -24.92 20.31
CA ILE B 48 23.01 -24.76 21.73
C ILE B 48 23.53 -23.39 22.15
N PHE B 49 22.62 -22.44 22.34
CA PHE B 49 23.07 -21.11 22.73
C PHE B 49 23.18 -21.03 24.25
N GLY B 50 24.01 -20.08 24.72
CA GLY B 50 24.03 -19.71 26.11
C GLY B 50 23.33 -18.38 26.27
N VAL B 51 22.26 -18.38 27.06
CA VAL B 51 21.41 -17.21 27.23
C VAL B 51 21.71 -16.59 28.59
N ARG B 52 21.71 -15.26 28.65
CA ARG B 52 21.95 -14.56 29.91
C ARG B 52 21.09 -13.31 29.98
N ILE B 53 20.60 -13.03 31.19
CA ILE B 53 19.91 -11.77 31.47
C ILE B 53 20.95 -10.82 32.05
N LYS B 54 21.39 -9.86 31.24
CA LYS B 54 22.33 -8.83 31.65
C LYS B 54 21.62 -7.48 31.59
N LYS B 55 21.46 -6.84 32.74
CA LYS B 55 20.68 -5.61 32.91
C LYS B 55 19.36 -5.67 32.13
N GLY B 56 18.65 -6.79 32.30
CA GLY B 56 17.36 -6.95 31.67
C GLY B 56 17.38 -7.15 30.18
N GLU B 57 18.54 -7.48 29.61
CA GLU B 57 18.68 -7.71 28.18
C GLU B 57 19.16 -9.14 27.95
N LEU B 58 18.66 -9.75 26.88
CA LEU B 58 18.93 -11.16 26.60
C LEU B 58 20.15 -11.25 25.70
N LYS B 59 21.28 -11.62 26.30
CA LYS B 59 22.53 -11.80 25.57
C LYS B 59 22.70 -13.28 25.24
N LEU B 60 23.08 -13.57 24.00
CA LEU B 60 23.17 -14.94 23.50
C LEU B 60 24.57 -15.17 22.93
N ARG B 61 25.30 -16.10 23.53
CA ARG B 61 26.63 -16.45 23.07
C ARG B 61 26.67 -17.89 22.61
N ALA B 62 27.71 -18.23 21.87
CA ALA B 62 27.84 -19.55 21.28
C ALA B 62 28.58 -20.48 22.24
N ILE B 63 28.17 -21.73 22.26
CA ILE B 63 28.84 -22.78 23.02
C ILE B 63 29.57 -23.68 22.03
N SER B 64 30.63 -24.33 22.49
CA SER B 64 31.43 -25.20 21.65
C SER B 64 31.49 -26.60 22.27
N PHE B 65 31.86 -27.57 21.46
CA PHE B 65 31.83 -28.96 21.88
C PHE B 65 33.24 -29.56 21.85
N SER B 66 33.41 -30.62 22.65
CA SER B 66 34.67 -31.33 22.70
C SER B 66 34.78 -32.22 21.47
N ASN B 67 35.79 -33.08 21.45
CA ASN B 67 35.98 -33.98 20.33
C ASN B 67 35.23 -35.30 20.52
N ASN B 68 35.18 -35.81 21.75
CA ASN B 68 34.49 -37.05 22.04
C ASN B 68 32.97 -36.92 21.97
N SER B 69 32.45 -35.75 21.62
CA SER B 69 31.03 -35.48 21.61
C SER B 69 30.43 -35.62 20.23
N SER B 70 29.19 -36.09 20.18
CA SER B 70 28.38 -36.11 18.96
C SER B 70 27.51 -34.86 18.94
N TYR B 71 26.99 -34.54 17.75
CA TYR B 71 26.30 -33.28 17.52
C TYR B 71 24.81 -33.53 17.34
N LEU B 72 23.99 -32.74 18.07
CA LEU B 72 22.55 -32.92 18.19
C LEU B 72 21.82 -32.06 17.17
N PRO B 73 20.84 -32.62 16.46
CA PRO B 73 20.02 -31.79 15.60
C PRO B 73 19.11 -30.88 16.44
N PRO B 74 18.77 -29.72 15.93
CA PRO B 74 17.99 -28.77 16.74
C PRO B 74 16.56 -29.20 16.95
N LEU B 75 16.33 -30.09 17.92
CA LEU B 75 14.98 -30.52 18.24
C LEU B 75 14.12 -29.33 18.65
N ARG B 76 12.85 -29.38 18.28
CA ARG B 76 11.94 -28.27 18.57
C ARG B 76 11.23 -28.47 19.91
N CYS B 77 10.50 -29.57 20.05
CA CYS B 77 9.79 -29.89 21.29
C CYS B 77 10.26 -31.24 21.80
N PRO B 78 11.47 -31.32 22.34
CA PRO B 78 11.97 -32.59 22.86
C PRO B 78 11.32 -32.96 24.19
N ALA B 79 11.78 -34.04 24.80
CA ALA B 79 11.30 -34.46 26.12
C ALA B 79 12.45 -34.32 27.10
N ILE B 80 12.44 -33.25 27.87
CA ILE B 80 13.60 -32.89 28.67
C ILE B 80 13.64 -33.75 29.92
N ALA B 81 14.85 -33.92 30.47
CA ALA B 81 15.02 -34.65 31.73
C ALA B 81 16.36 -34.27 32.35
N HIS B 82 16.32 -33.56 33.48
CA HIS B 82 17.53 -33.29 34.23
C HIS B 82 17.95 -34.51 35.02
N PHE B 83 19.25 -34.80 35.04
CA PHE B 83 19.80 -35.96 35.72
C PHE B 83 20.50 -35.52 37.00
N GLU B 84 20.14 -36.15 38.11
CA GLU B 84 20.75 -35.83 39.40
C GLU B 84 22.26 -36.04 39.34
N ALA B 85 23.00 -35.13 39.97
CA ALA B 85 24.45 -35.17 39.93
C ALA B 85 24.97 -36.39 40.69
N GLN B 86 25.51 -37.36 39.96
CA GLN B 86 26.19 -38.50 40.56
C GLN B 86 27.06 -39.15 39.48
N ASP B 87 27.76 -40.22 39.88
CA ASP B 87 28.54 -41.01 38.94
C ASP B 87 27.70 -41.41 37.75
N GLY B 88 28.28 -41.36 36.55
CA GLY B 88 29.69 -41.03 36.35
C GLY B 88 30.00 -39.56 36.13
N LYS B 89 29.25 -38.93 35.22
CA LYS B 89 29.45 -37.52 34.90
C LYS B 89 28.36 -36.69 35.56
N PRO B 90 28.60 -36.13 36.75
CA PRO B 90 27.59 -35.29 37.40
C PRO B 90 27.72 -33.84 36.94
N GLU B 91 26.65 -33.29 36.39
CA GLU B 91 25.42 -34.01 36.16
C GLU B 91 25.22 -34.23 34.66
N CYS B 92 24.07 -34.77 34.28
CA CYS B 92 23.76 -35.01 32.87
C CYS B 92 22.36 -34.48 32.56
N TYR B 93 22.00 -34.58 31.29
CA TYR B 93 20.69 -34.17 30.79
C TYR B 93 20.29 -35.11 29.68
N LEU B 94 19.11 -35.70 29.79
CA LEU B 94 18.64 -36.67 28.81
C LEU B 94 17.64 -35.99 27.89
N ILE B 95 17.90 -36.03 26.59
CA ILE B 95 17.04 -35.41 25.58
C ILE B 95 16.64 -36.47 24.56
N HIS B 96 15.34 -36.74 24.45
CA HIS B 96 14.85 -37.72 23.49
C HIS B 96 13.34 -37.54 23.30
N GLY B 97 12.91 -37.28 22.06
CA GLY B 97 13.81 -37.02 20.95
C GLY B 97 13.33 -35.86 20.12
N GLY B 98 12.11 -35.39 20.40
CA GLY B 98 11.53 -34.23 19.75
C GLY B 98 11.47 -34.36 18.23
N ARG B 99 11.19 -33.23 17.58
CA ARG B 99 11.17 -33.16 16.13
C ARG B 99 12.26 -32.22 15.64
N THR B 100 12.88 -32.58 14.53
CA THR B 100 13.95 -31.79 13.93
C THR B 100 13.33 -30.61 13.18
N PRO B 101 14.16 -29.70 12.65
CA PRO B 101 13.63 -28.64 11.78
C PRO B 101 12.78 -29.15 10.63
N ASN B 102 12.90 -30.44 10.31
CA ASN B 102 12.03 -31.06 9.32
C ASN B 102 11.08 -32.01 10.03
N ASN B 103 9.96 -32.30 9.37
CA ASN B 103 8.84 -32.99 10.01
C ASN B 103 9.14 -34.47 10.13
N GLU B 104 9.84 -34.83 11.21
CA GLU B 104 10.07 -36.21 11.62
C GLU B 104 10.69 -36.18 13.01
N LEU B 105 10.81 -37.36 13.62
CA LEU B 105 11.27 -37.47 14.99
C LEU B 105 12.59 -38.22 15.01
N SER B 106 13.42 -37.90 16.01
CA SER B 106 14.75 -38.48 16.07
C SER B 106 14.73 -39.91 16.57
N SER B 107 13.94 -40.18 17.63
CA SER B 107 13.92 -41.49 18.29
C SER B 107 15.32 -41.88 18.75
N SER B 108 16.12 -40.89 19.16
CA SER B 108 17.49 -41.10 19.58
C SER B 108 17.73 -40.34 20.88
N LEU B 109 18.06 -41.06 21.94
CA LEU B 109 18.32 -40.46 23.24
C LEU B 109 19.75 -39.93 23.28
N TYR B 110 19.90 -38.71 23.79
CA TYR B 110 21.20 -38.07 23.91
C TYR B 110 21.46 -37.68 25.36
N MET B 111 22.67 -37.99 25.84
CA MET B 111 23.11 -37.61 27.17
C MET B 111 24.06 -36.43 27.00
N LEU B 112 23.61 -35.26 27.44
CA LEU B 112 24.37 -34.01 27.34
C LEU B 112 24.93 -33.66 28.71
N SER B 113 26.12 -33.08 28.74
CA SER B 113 26.71 -32.65 30.00
C SER B 113 27.80 -31.62 29.71
N VAL B 114 28.41 -31.12 30.79
CA VAL B 114 29.54 -30.20 30.72
C VAL B 114 30.81 -31.00 30.97
N ASP B 115 31.87 -30.66 30.22
CA ASP B 115 33.12 -31.40 30.29
C ASP B 115 34.26 -30.60 30.92
N SER B 116 34.54 -29.40 30.40
CA SER B 116 35.67 -28.61 30.87
C SER B 116 35.29 -27.15 30.95
N ARG B 117 36.03 -26.42 31.78
CA ARG B 117 35.80 -24.99 31.98
C ARG B 117 36.99 -24.42 32.74
N GLY B 118 37.24 -23.13 32.56
CA GLY B 118 36.56 -22.33 31.56
C GLY B 118 37.09 -22.44 30.14
N CYS B 119 38.30 -21.94 29.89
CA CYS B 119 39.09 -21.24 30.89
C CYS B 119 38.61 -19.80 31.11
N ASN B 120 38.64 -18.99 30.06
CA ASN B 120 38.26 -17.57 30.15
C ASN B 120 36.75 -17.43 29.97
N ARG B 121 36.01 -17.96 30.95
CA ARG B 121 34.55 -17.92 30.97
C ARG B 121 33.97 -18.57 29.71
N LYS B 122 34.50 -19.75 29.38
CA LYS B 122 34.01 -20.58 28.31
C LYS B 122 33.48 -21.88 28.90
N VAL B 123 32.57 -22.53 28.19
CA VAL B 123 31.99 -23.78 28.65
C VAL B 123 32.04 -24.77 27.50
N THR B 124 32.64 -25.93 27.72
CA THR B 124 32.65 -27.01 26.75
C THR B 124 31.64 -28.06 27.16
N LEU B 125 30.84 -28.52 26.20
CA LEU B 125 29.81 -29.51 26.47
C LEU B 125 30.09 -30.77 25.65
N ARG B 126 29.51 -31.87 26.12
CA ARG B 126 29.58 -33.15 25.43
C ARG B 126 28.17 -33.68 25.24
N CYS B 127 27.95 -34.36 24.12
CA CYS B 127 26.63 -34.91 23.77
C CYS B 127 26.84 -36.32 23.24
N GLU B 128 26.78 -37.30 24.14
CA GLU B 128 26.98 -38.69 23.76
C GLU B 128 25.63 -39.34 23.49
N GLU B 129 25.49 -39.96 22.32
CA GLU B 129 24.31 -40.78 22.07
C GLU B 129 24.37 -42.02 22.95
N LYS B 130 23.21 -42.42 23.47
CA LYS B 130 23.09 -43.66 24.24
C LYS B 130 22.07 -44.53 23.52
N GLU B 131 22.56 -45.51 22.76
CA GLU B 131 21.70 -46.38 21.99
C GLU B 131 20.69 -47.08 22.90
N LEU B 132 19.50 -47.30 22.37
CA LEU B 132 18.41 -47.92 23.10
C LEU B 132 18.12 -49.26 22.45
N VAL B 133 18.45 -50.35 23.16
CA VAL B 133 18.18 -51.70 22.67
C VAL B 133 16.92 -52.21 23.34
N GLY B 134 16.02 -52.78 22.54
CA GLY B 134 14.78 -53.30 23.07
C GLY B 134 13.86 -53.83 21.99
N ASP B 135 12.54 -53.57 22.03
CA ASP B 135 11.80 -52.79 23.05
C ASP B 135 12.32 -51.36 23.22
N VAL B 136 12.38 -50.63 22.13
CA VAL B 136 12.81 -49.24 22.17
C VAL B 136 11.56 -48.39 22.14
N PRO B 137 11.50 -47.25 22.82
CA PRO B 137 10.31 -46.40 22.72
C PRO B 137 10.22 -45.77 21.33
N SER B 138 9.04 -45.83 20.75
CA SER B 138 8.84 -45.33 19.40
C SER B 138 9.14 -43.84 19.33
N ALA B 139 9.39 -43.37 18.10
CA ALA B 139 9.64 -41.96 17.88
C ALA B 139 8.39 -41.14 18.18
N ARG B 140 8.55 -40.04 18.90
CA ARG B 140 7.43 -39.20 19.28
C ARG B 140 7.96 -37.86 19.75
N TYR B 141 7.05 -36.95 20.07
CA TYR B 141 7.42 -35.62 20.56
C TYR B 141 6.42 -35.17 21.61
N GLY B 142 6.86 -34.28 22.48
CA GLY B 142 6.02 -33.77 23.54
C GLY B 142 5.79 -34.72 24.71
N HIS B 143 6.43 -35.88 24.70
CA HIS B 143 6.34 -36.81 25.82
C HIS B 143 7.22 -36.29 26.95
N THR B 144 7.36 -37.07 28.03
CA THR B 144 8.15 -36.63 29.16
C THR B 144 9.00 -37.77 29.69
N LEU B 145 10.19 -37.42 30.16
CA LEU B 145 11.15 -38.34 30.73
C LEU B 145 11.62 -37.81 32.07
N SER B 146 11.81 -38.70 33.04
CA SER B 146 12.22 -38.28 34.37
C SER B 146 13.09 -39.35 35.01
N VAL B 147 13.92 -38.93 35.96
CA VAL B 147 14.88 -39.81 36.64
C VAL B 147 14.25 -40.33 37.93
N ILE B 148 14.55 -41.59 38.26
CA ILE B 148 14.06 -42.22 39.48
C ILE B 148 15.17 -43.08 40.07
N ASN B 149 15.14 -43.25 41.38
CA ASN B 149 16.13 -44.04 42.11
C ASN B 149 15.42 -45.12 42.92
N SER B 150 15.43 -46.35 42.41
CA SER B 150 14.76 -47.49 43.04
C SER B 150 15.81 -48.40 43.66
N ARG B 151 16.03 -48.22 44.96
CA ARG B 151 16.67 -49.20 45.86
C ARG B 151 17.84 -49.96 45.23
N GLY B 152 18.89 -49.25 44.84
CA GLY B 152 19.00 -47.80 44.85
C GLY B 152 19.41 -47.36 43.47
N LYS B 153 19.19 -48.23 42.48
CA LYS B 153 19.68 -48.00 41.14
C LYS B 153 18.89 -46.89 40.45
N THR B 154 19.57 -46.13 39.60
CA THR B 154 18.97 -45.00 38.90
C THR B 154 18.50 -45.42 37.52
N ALA B 155 17.22 -45.20 37.24
CA ALA B 155 16.62 -45.46 35.94
C ALA B 155 15.79 -44.25 35.52
N CYS B 156 15.11 -44.36 34.39
CA CYS B 156 14.31 -43.25 33.88
C CYS B 156 12.99 -43.75 33.32
N VAL B 157 11.95 -42.96 33.52
CA VAL B 157 10.59 -43.29 33.07
C VAL B 157 10.19 -42.31 31.97
N LEU B 158 9.67 -42.84 30.88
CA LEU B 158 9.21 -42.06 29.74
C LEU B 158 7.75 -42.38 29.46
N PHE B 159 6.99 -41.34 29.13
CA PHE B 159 5.55 -41.53 28.94
C PHE B 159 4.95 -40.36 28.18
N GLY B 160 3.87 -40.64 27.45
CA GLY B 160 3.07 -39.61 26.82
C GLY B 160 3.50 -39.31 25.40
N GLY B 161 3.14 -38.10 24.96
CA GLY B 161 3.59 -37.61 23.67
C GLY B 161 2.80 -38.08 22.46
N ARG B 162 2.50 -37.16 21.55
CA ARG B 162 1.88 -37.50 20.28
C ARG B 162 2.90 -38.20 19.38
N SER B 163 2.45 -38.59 18.19
CA SER B 163 3.35 -39.13 17.17
C SER B 163 2.63 -39.03 15.83
N TYR B 164 3.29 -39.50 14.78
CA TYR B 164 2.68 -39.54 13.47
C TYR B 164 1.94 -40.86 13.29
N MET B 165 0.92 -40.84 12.44
CA MET B 165 0.15 -42.05 12.19
C MET B 165 1.07 -43.14 11.66
N PRO B 166 0.90 -44.38 12.09
CA PRO B 166 1.79 -45.47 11.64
C PRO B 166 1.85 -45.53 10.13
N PRO B 167 2.96 -45.99 9.56
CA PRO B 167 3.16 -45.89 8.11
C PRO B 167 2.38 -46.91 7.31
N THR B 168 1.11 -47.08 7.65
CA THR B 168 0.16 -47.82 6.82
C THR B 168 -0.95 -46.91 6.32
N GLU B 169 -1.65 -46.22 7.22
CA GLU B 169 -2.65 -45.23 6.85
C GLU B 169 -2.04 -43.84 6.69
N ARG B 170 -0.72 -43.70 6.87
CA ARG B 170 -0.06 -42.43 6.66
C ARG B 170 -0.15 -42.08 5.18
N THR B 171 -0.99 -41.10 4.85
CA THR B 171 -1.30 -40.78 3.47
C THR B 171 -1.09 -39.29 3.24
N THR B 172 -0.56 -38.95 2.07
CA THR B 172 -0.15 -37.57 1.83
C THR B 172 -1.29 -36.58 1.75
N GLN B 173 -2.54 -37.02 1.94
CA GLN B 173 -3.63 -36.09 2.14
C GLN B 173 -3.78 -35.71 3.61
N ASN B 174 -3.43 -36.62 4.52
CA ASN B 174 -3.34 -36.33 5.95
C ASN B 174 -1.95 -36.67 6.48
N TRP B 175 -0.92 -36.45 5.65
CA TRP B 175 0.45 -36.80 5.97
C TRP B 175 0.96 -36.11 7.24
N ASN B 176 0.23 -35.13 7.75
CA ASN B 176 0.68 -34.37 8.90
C ASN B 176 -0.29 -34.45 10.07
N SER B 177 -1.27 -35.35 10.01
CA SER B 177 -2.19 -35.53 11.12
C SER B 177 -1.57 -36.47 12.14
N VAL B 178 -1.52 -36.02 13.40
CA VAL B 178 -0.82 -36.75 14.44
C VAL B 178 -1.85 -37.49 15.28
N VAL B 179 -1.36 -38.46 16.06
CA VAL B 179 -2.20 -39.34 16.87
C VAL B 179 -1.49 -39.57 18.20
N ASP B 180 -2.28 -39.64 19.28
CA ASP B 180 -1.73 -39.94 20.59
C ASP B 180 -1.09 -41.32 20.59
N CYS B 181 0.17 -41.39 21.02
CA CYS B 181 0.86 -42.67 21.06
C CYS B 181 0.18 -43.58 22.09
N PRO B 182 0.15 -44.89 21.84
CA PRO B 182 -0.50 -45.80 22.79
C PRO B 182 0.07 -45.65 24.19
N PRO B 183 -0.80 -45.63 25.21
CA PRO B 183 -0.35 -45.31 26.59
C PRO B 183 0.41 -46.44 27.28
N GLN B 184 1.72 -46.52 27.03
CA GLN B 184 2.59 -47.44 27.73
C GLN B 184 3.76 -46.68 28.35
N VAL B 185 4.12 -47.07 29.57
CA VAL B 185 5.26 -46.49 30.26
C VAL B 185 6.52 -47.22 29.82
N TYR B 186 7.57 -46.47 29.47
CA TYR B 186 8.82 -47.05 29.02
C TYR B 186 9.91 -46.79 30.04
N LEU B 187 10.67 -47.85 30.36
CA LEU B 187 11.71 -47.80 31.38
C LEU B 187 13.06 -47.87 30.68
N ILE B 188 13.88 -46.86 30.89
CA ILE B 188 15.18 -46.72 30.25
C ILE B 188 16.25 -46.81 31.32
N ASP B 189 17.21 -47.71 31.13
CA ASP B 189 18.44 -47.67 31.88
C ASP B 189 19.51 -46.99 31.04
N LEU B 190 20.41 -46.28 31.71
CA LEU B 190 21.36 -45.44 30.99
C LEU B 190 22.58 -46.20 30.52
N GLU B 191 22.89 -47.35 31.13
CA GLU B 191 24.03 -48.13 30.71
C GLU B 191 23.76 -49.59 31.06
N PHE B 192 23.40 -50.38 30.05
CA PHE B 192 23.20 -49.89 28.69
C PHE B 192 21.77 -49.40 28.49
N GLY B 193 21.43 -49.06 27.26
CA GLY B 193 20.09 -48.61 26.94
C GLY B 193 19.10 -49.74 26.76
N CYS B 194 19.13 -50.72 27.67
CA CYS B 194 18.17 -51.81 27.62
C CYS B 194 16.81 -51.32 28.08
N CYS B 195 15.99 -50.86 27.14
CA CYS B 195 14.70 -50.28 27.45
C CYS B 195 13.61 -51.35 27.47
N THR B 196 12.60 -51.13 28.31
CA THR B 196 11.48 -52.04 28.44
C THR B 196 10.17 -51.25 28.34
N ALA B 197 9.12 -51.94 27.89
CA ALA B 197 7.79 -51.35 27.81
C ALA B 197 6.87 -52.06 28.80
N HIS B 198 5.98 -51.29 29.42
CA HIS B 198 5.03 -51.85 30.37
C HIS B 198 3.73 -51.06 30.28
N THR B 199 2.65 -51.68 30.75
CA THR B 199 1.34 -51.04 30.72
C THR B 199 0.56 -51.48 31.95
N LEU B 200 -0.51 -50.72 32.24
CA LEU B 200 -1.45 -51.08 33.29
C LEU B 200 -2.83 -50.63 32.85
N PRO B 201 -3.89 -51.30 33.31
CA PRO B 201 -5.26 -50.88 32.94
C PRO B 201 -5.61 -49.49 33.44
N GLU B 202 -4.83 -48.92 34.37
CA GLU B 202 -5.12 -47.58 34.86
C GLU B 202 -4.79 -46.53 33.82
N LEU B 203 -3.85 -46.81 32.92
CA LEU B 203 -3.53 -45.90 31.82
C LEU B 203 -4.53 -46.13 30.69
N THR B 204 -5.77 -45.70 30.95
CA THR B 204 -6.85 -45.93 30.01
C THR B 204 -6.60 -45.24 28.67
N ASP B 205 -5.78 -44.19 28.64
CA ASP B 205 -5.58 -43.42 27.44
C ASP B 205 -4.21 -42.76 27.47
N GLY B 206 -3.72 -42.40 26.30
CA GLY B 206 -2.45 -41.69 26.19
C GLY B 206 -2.67 -40.19 26.12
N GLN B 207 -1.87 -39.45 26.89
CA GLN B 207 -1.96 -38.01 26.96
C GLN B 207 -0.80 -37.38 26.20
N SER B 208 -0.73 -36.05 26.25
CA SER B 208 0.34 -35.31 25.59
C SER B 208 0.56 -34.01 26.35
N PHE B 209 1.82 -33.56 26.35
CA PHE B 209 2.21 -32.29 26.98
C PHE B 209 1.90 -32.29 28.47
N HIS B 210 1.86 -33.46 29.09
CA HIS B 210 1.58 -33.56 30.52
C HIS B 210 2.89 -33.42 31.29
N VAL B 211 3.04 -32.33 32.02
CA VAL B 211 4.26 -32.10 32.78
C VAL B 211 4.34 -33.12 33.91
N ALA B 212 5.44 -33.86 33.96
CA ALA B 212 5.65 -34.88 34.97
C ALA B 212 6.63 -34.38 36.03
N LEU B 213 6.55 -34.99 37.20
CA LEU B 213 7.46 -34.67 38.30
C LEU B 213 7.74 -35.93 39.10
N ALA B 214 9.01 -36.30 39.19
CA ALA B 214 9.41 -37.51 39.89
C ALA B 214 10.15 -37.15 41.17
N ARG B 215 10.03 -38.04 42.15
CA ARG B 215 10.74 -37.91 43.42
C ARG B 215 10.69 -39.25 44.15
N GLN B 216 11.83 -39.71 44.66
CA GLN B 216 11.90 -40.93 45.44
C GLN B 216 11.23 -42.09 44.69
N ASP B 217 11.66 -42.29 43.45
CA ASP B 217 11.16 -43.35 42.55
C ASP B 217 9.63 -43.41 42.53
N CYS B 218 8.97 -42.27 42.73
CA CYS B 218 7.54 -42.14 42.57
C CYS B 218 7.26 -40.93 41.70
N VAL B 219 6.50 -41.11 40.63
CA VAL B 219 6.33 -40.07 39.61
C VAL B 219 4.85 -39.68 39.54
N TYR B 220 4.61 -38.38 39.45
CA TYR B 220 3.27 -37.81 39.33
C TYR B 220 3.15 -37.15 37.97
N PHE B 221 2.18 -37.61 37.18
CA PHE B 221 1.86 -37.03 35.89
C PHE B 221 0.68 -36.09 36.05
N LEU B 222 0.87 -34.84 35.61
CA LEU B 222 -0.21 -33.88 35.63
C LEU B 222 -1.17 -34.17 34.49
N GLY B 223 -2.18 -33.32 34.33
CA GLY B 223 -3.11 -33.40 33.23
C GLY B 223 -2.68 -32.47 32.11
N GLY B 224 -2.36 -33.06 30.97
CA GLY B 224 -1.96 -32.26 29.82
C GLY B 224 -3.12 -32.10 28.85
N HIS B 225 -3.08 -32.85 27.76
CA HIS B 225 -4.14 -32.76 26.76
C HIS B 225 -4.15 -34.04 25.94
N ILE B 226 -5.34 -34.40 25.47
CA ILE B 226 -5.54 -35.59 24.66
C ILE B 226 -6.30 -35.18 23.40
N LEU B 227 -5.89 -35.72 22.26
CA LEU B 227 -6.60 -35.46 21.01
C LEU B 227 -7.70 -36.48 20.73
N SER B 228 -7.67 -37.62 21.41
CA SER B 228 -8.70 -38.64 21.19
C SER B 228 -10.08 -38.15 21.64
N SER B 229 -10.21 -37.83 22.92
CA SER B 229 -11.48 -37.39 23.47
C SER B 229 -11.64 -35.87 23.49
N ASP B 230 -10.62 -35.13 23.06
CA ASP B 230 -10.63 -33.66 23.01
C ASP B 230 -10.90 -33.03 24.37
N CYS B 231 -10.66 -33.78 25.45
CA CYS B 231 -10.84 -33.27 26.79
C CYS B 231 -9.50 -33.24 27.51
N ARG B 232 -9.47 -32.51 28.63
CA ARG B 232 -8.26 -32.36 29.43
C ARG B 232 -8.50 -33.02 30.79
N PRO B 233 -8.13 -34.29 30.97
CA PRO B 233 -8.38 -34.96 32.24
C PRO B 233 -7.60 -34.34 33.38
N SER B 234 -8.33 -33.75 34.33
CA SER B 234 -7.73 -33.15 35.50
C SER B 234 -7.33 -34.19 36.53
N ARG B 235 -7.31 -35.46 36.13
CA ARG B 235 -6.95 -36.55 37.04
C ARG B 235 -5.43 -36.64 37.11
N LEU B 236 -4.87 -36.25 38.25
CA LEU B 236 -3.44 -36.46 38.46
C LEU B 236 -3.18 -37.95 38.60
N ILE B 237 -2.05 -38.40 38.06
CA ILE B 237 -1.73 -39.82 37.97
C ILE B 237 -0.49 -40.08 38.79
N ARG B 238 -0.62 -40.91 39.83
CA ARG B 238 0.53 -41.31 40.63
C ARG B 238 1.01 -42.68 40.18
N LEU B 239 2.33 -42.89 40.21
CA LEU B 239 2.85 -44.22 39.94
C LEU B 239 4.10 -44.46 40.77
N HIS B 240 4.16 -45.65 41.38
CA HIS B 240 5.27 -46.06 42.23
C HIS B 240 5.92 -47.29 41.63
N VAL B 241 7.24 -47.24 41.44
CA VAL B 241 7.99 -48.34 40.86
C VAL B 241 9.17 -48.67 41.76
N GLU B 242 9.68 -49.89 41.61
CA GLU B 242 10.94 -50.26 42.24
C GLU B 242 11.57 -51.39 41.46
N LEU B 243 12.90 -51.43 41.47
CA LEU B 243 13.66 -52.46 40.76
C LEU B 243 13.88 -53.63 41.70
N LEU B 244 12.89 -54.53 41.76
CA LEU B 244 13.03 -55.76 42.54
C LEU B 244 13.84 -56.72 41.69
N LEU B 245 15.16 -56.56 41.77
CA LEU B 245 16.09 -57.12 40.78
C LEU B 245 15.82 -58.60 40.51
N GLY B 246 15.79 -58.96 39.23
CA GLY B 246 16.00 -58.02 38.15
C GLY B 246 14.74 -57.63 37.39
N SER B 247 13.65 -57.43 38.13
CA SER B 247 12.36 -57.09 37.56
C SER B 247 11.94 -55.69 37.97
N PRO B 248 11.67 -54.79 37.03
CA PRO B 248 11.23 -53.42 37.37
C PRO B 248 9.73 -53.36 37.64
N VAL B 249 9.33 -53.70 38.86
CA VAL B 249 7.91 -53.78 39.17
C VAL B 249 7.34 -52.38 39.27
N LEU B 250 6.17 -52.18 38.67
CA LEU B 250 5.50 -50.89 38.60
C LEU B 250 4.05 -51.04 39.04
N THR B 251 3.53 -49.99 39.69
CA THR B 251 2.12 -49.90 40.00
C THR B 251 1.68 -48.46 39.80
N CYS B 252 0.42 -48.26 39.43
CA CYS B 252 -0.11 -46.95 39.15
C CYS B 252 -1.42 -46.75 39.89
N THR B 253 -1.87 -45.50 39.93
CA THR B 253 -3.11 -45.15 40.61
C THR B 253 -3.59 -43.80 40.08
N ILE B 254 -4.90 -43.72 39.85
CA ILE B 254 -5.55 -42.47 39.47
C ILE B 254 -5.86 -41.70 40.75
N LEU B 255 -5.11 -40.63 41.00
CA LEU B 255 -5.37 -39.80 42.17
C LEU B 255 -6.59 -38.94 41.89
N HIS B 256 -6.90 -38.01 42.81
CA HIS B 256 -8.14 -37.26 42.70
C HIS B 256 -8.03 -36.11 41.71
N GLU B 257 -7.07 -35.20 41.92
CA GLU B 257 -7.05 -33.94 41.18
C GLU B 257 -5.65 -33.60 40.71
N GLY B 258 -5.55 -33.28 39.42
CA GLY B 258 -4.38 -32.60 38.89
C GLY B 258 -4.82 -31.41 38.07
N LEU B 259 -3.91 -30.45 37.93
CA LEU B 259 -4.26 -29.21 37.25
C LEU B 259 -4.58 -29.47 35.79
N THR B 260 -5.51 -28.68 35.26
CA THR B 260 -6.04 -28.86 33.90
C THR B 260 -5.38 -27.94 32.89
N ILE B 261 -4.11 -27.62 33.08
CA ILE B 261 -3.39 -26.72 32.18
C ILE B 261 -2.43 -27.54 31.33
N THR B 262 -2.19 -27.05 30.11
CA THR B 262 -1.40 -27.77 29.11
C THR B 262 -0.12 -27.00 28.80
N SER B 263 0.95 -27.74 28.52
CA SER B 263 2.24 -27.18 28.12
C SER B 263 2.71 -26.16 29.15
N ALA B 264 2.93 -26.66 30.37
CA ALA B 264 3.19 -25.81 31.51
C ALA B 264 4.69 -25.65 31.75
N ILE B 265 5.10 -24.42 32.06
CA ILE B 265 6.46 -24.14 32.48
C ILE B 265 6.61 -24.54 33.95
N ALA B 266 7.73 -25.18 34.28
CA ALA B 266 8.00 -25.61 35.64
C ALA B 266 9.32 -25.01 36.10
N SER B 267 9.26 -24.15 37.12
CA SER B 267 10.47 -23.57 37.67
C SER B 267 10.70 -24.12 39.07
N PRO B 268 11.81 -24.81 39.32
CA PRO B 268 12.09 -25.30 40.68
C PRO B 268 12.55 -24.16 41.58
N ILE B 269 11.92 -24.06 42.75
CA ILE B 269 12.29 -23.07 43.75
C ILE B 269 13.02 -23.70 44.92
N GLY B 270 12.54 -24.85 45.40
CA GLY B 270 13.17 -25.50 46.53
C GLY B 270 13.68 -26.88 46.21
N TYR B 271 13.59 -27.80 47.18
CA TYR B 271 14.12 -29.13 46.99
C TYR B 271 13.21 -29.97 46.11
N HIS B 272 11.91 -29.95 46.39
CA HIS B 272 10.90 -30.63 45.58
C HIS B 272 9.71 -29.73 45.37
N GLU B 273 9.96 -28.46 45.05
CA GLU B 273 8.90 -27.47 44.94
C GLU B 273 9.03 -26.76 43.60
N TYR B 274 7.92 -26.67 42.86
CA TYR B 274 7.96 -26.15 41.50
C TYR B 274 6.80 -25.20 41.29
N ILE B 275 7.11 -23.96 40.94
CA ILE B 275 6.08 -23.02 40.53
C ILE B 275 5.73 -23.29 39.07
N ILE B 276 4.45 -23.19 38.76
CA ILE B 276 3.91 -23.47 37.44
C ILE B 276 3.32 -22.17 36.90
N PHE B 277 4.00 -21.57 35.94
CA PHE B 277 3.46 -20.36 35.32
C PHE B 277 2.34 -20.65 34.34
N GLY B 278 2.19 -21.90 33.93
CA GLY B 278 1.03 -22.34 33.17
C GLY B 278 1.11 -21.97 31.70
N GLY B 279 0.81 -22.91 30.82
CA GLY B 279 0.77 -22.59 29.41
C GLY B 279 -0.61 -22.28 28.87
N TYR B 280 -1.54 -23.23 29.02
CA TYR B 280 -2.85 -23.12 28.37
C TYR B 280 -3.84 -23.98 29.13
N GLN B 281 -4.83 -23.34 29.76
CA GLN B 281 -5.89 -24.08 30.44
C GLN B 281 -6.97 -24.54 29.46
N SER B 282 -7.66 -23.59 28.84
CA SER B 282 -8.73 -23.89 27.91
C SER B 282 -8.23 -23.81 26.48
N GLU B 283 -8.82 -24.62 25.61
CA GLU B 283 -8.33 -24.76 24.24
C GLU B 283 -8.48 -23.48 23.42
N THR B 284 -9.14 -22.46 23.96
CA THR B 284 -9.11 -21.12 23.41
C THR B 284 -8.57 -20.09 24.40
N GLN B 285 -8.97 -20.21 25.66
CA GLN B 285 -8.54 -19.28 26.71
C GLN B 285 -7.33 -19.89 27.42
N LYS B 286 -6.19 -19.24 27.30
CA LYS B 286 -4.97 -19.74 27.94
C LYS B 286 -5.08 -19.62 29.46
N ARG B 287 -4.31 -20.46 30.16
CA ARG B 287 -4.16 -20.35 31.59
C ARG B 287 -3.53 -19.00 31.93
N MET B 288 -4.04 -18.32 32.97
CA MET B 288 -3.50 -17.01 33.35
C MET B 288 -2.82 -17.00 34.71
N GLU B 289 -3.29 -17.80 35.67
CA GLU B 289 -2.75 -17.79 37.02
C GLU B 289 -1.36 -18.43 37.05
N CYS B 290 -0.81 -18.51 38.26
CA CYS B 290 0.49 -19.12 38.52
C CYS B 290 0.35 -19.94 39.79
N THR B 291 0.50 -21.26 39.67
CA THR B 291 0.26 -22.18 40.76
C THR B 291 1.58 -22.70 41.31
N TYR B 292 1.49 -23.55 42.35
CA TYR B 292 2.67 -24.10 42.98
C TYR B 292 2.40 -25.55 43.35
N VAL B 293 3.39 -26.41 43.08
CA VAL B 293 3.30 -27.83 43.37
C VAL B 293 4.43 -28.19 44.32
N GLY B 294 4.08 -28.64 45.53
CA GLY B 294 4.98 -29.38 46.38
C GLY B 294 4.65 -30.86 46.31
N LEU B 295 5.55 -31.68 46.86
CA LEU B 295 5.34 -33.12 46.75
C LEU B 295 6.23 -33.81 47.78
N ASP B 296 5.66 -34.85 48.40
CA ASP B 296 6.39 -35.69 49.34
C ASP B 296 5.64 -37.02 49.40
N ASP B 297 6.01 -37.86 50.37
CA ASP B 297 5.29 -39.11 50.57
C ASP B 297 3.82 -38.88 50.90
N VAL B 298 3.48 -37.71 51.44
CA VAL B 298 2.08 -37.33 51.61
C VAL B 298 1.40 -37.27 50.25
N GLY B 299 2.11 -36.79 49.24
CA GLY B 299 1.62 -36.68 47.88
C GLY B 299 1.83 -35.27 47.37
N VAL B 300 1.13 -34.96 46.29
CA VAL B 300 1.20 -33.63 45.69
C VAL B 300 0.36 -32.67 46.52
N HIS B 301 0.92 -31.50 46.82
CA HIS B 301 0.19 -30.43 47.48
C HIS B 301 0.20 -29.21 46.57
N MET B 302 -0.99 -28.76 46.19
CA MET B 302 -1.14 -27.65 45.27
C MET B 302 -1.52 -26.39 46.05
N GLU B 303 -0.99 -25.26 45.59
CA GLU B 303 -1.32 -23.98 46.22
C GLU B 303 -1.35 -22.88 45.17
N SER B 304 -2.39 -22.05 45.18
CA SER B 304 -2.56 -21.00 44.19
C SER B 304 -1.84 -19.74 44.66
N ARG B 305 -0.63 -19.52 44.15
CA ARG B 305 0.11 -18.30 44.48
C ARG B 305 -0.52 -17.11 43.78
N GLU B 306 -0.01 -15.92 44.13
CA GLU B 306 -0.47 -14.70 43.52
C GLU B 306 0.10 -14.56 42.11
N PRO B 307 -0.73 -14.53 41.08
CA PRO B 307 -0.22 -14.29 39.73
C PRO B 307 0.10 -12.82 39.52
N PRO B 308 1.33 -12.50 39.11
CA PRO B 308 1.66 -11.09 38.83
C PRO B 308 0.72 -10.53 37.77
N GLN B 309 0.45 -9.23 37.88
CA GLN B 309 -0.50 -8.58 36.99
C GLN B 309 0.00 -8.60 35.55
N TRP B 310 -0.58 -9.48 34.73
CA TRP B 310 -0.12 -9.61 33.35
C TRP B 310 -0.39 -8.32 32.59
N THR B 311 0.64 -7.81 31.92
CA THR B 311 0.48 -6.62 31.09
C THR B 311 -0.50 -6.91 29.96
N SER B 312 -1.19 -5.86 29.49
CA SER B 312 -2.24 -6.05 28.50
C SER B 312 -1.70 -6.70 27.24
N GLU B 313 -0.48 -6.34 26.83
CA GLU B 313 0.10 -6.88 25.60
C GLU B 313 0.24 -8.39 25.69
N ILE B 314 0.74 -8.90 26.83
CA ILE B 314 0.85 -10.35 27.03
C ILE B 314 -0.52 -10.96 27.36
N SER B 315 -1.34 -10.25 28.14
CA SER B 315 -2.58 -10.86 28.61
C SER B 315 -3.59 -11.06 27.49
N HIS B 316 -3.57 -10.22 26.46
CA HIS B 316 -4.59 -10.28 25.42
C HIS B 316 -4.17 -11.07 24.19
N SER B 317 -2.89 -11.04 23.81
CA SER B 317 -2.43 -11.74 22.63
C SER B 317 -2.74 -13.23 22.73
N ARG B 318 -2.95 -13.86 21.58
CA ARG B 318 -3.52 -15.20 21.52
C ARG B 318 -2.67 -16.24 22.24
N THR B 319 -1.46 -16.49 21.76
CA THR B 319 -0.63 -17.57 22.28
C THR B 319 0.56 -17.01 23.04
N TRP B 320 1.38 -17.92 23.56
CA TRP B 320 2.56 -17.62 24.35
C TRP B 320 3.25 -18.93 24.67
N PHE B 321 4.46 -18.83 25.19
CA PHE B 321 5.24 -20.02 25.51
C PHE B 321 6.38 -19.58 26.42
N GLY B 322 7.32 -20.49 26.69
CA GLY B 322 8.53 -20.10 27.36
C GLY B 322 9.16 -21.27 28.10
N GLY B 323 10.11 -20.92 28.97
CA GLY B 323 10.80 -21.87 29.80
C GLY B 323 11.13 -21.31 31.16
N SER B 324 11.98 -22.00 31.92
CA SER B 324 12.33 -21.60 33.29
C SER B 324 13.83 -21.41 33.39
N LEU B 325 14.26 -20.22 33.80
CA LEU B 325 15.68 -19.97 33.99
C LEU B 325 16.23 -20.60 35.26
N GLY B 326 15.47 -21.44 35.95
CA GLY B 326 15.94 -22.07 37.16
C GLY B 326 16.00 -21.14 38.35
N LYS B 327 16.01 -21.70 39.56
CA LYS B 327 16.13 -20.95 40.81
C LYS B 327 14.96 -19.98 41.02
N GLY B 328 13.76 -20.36 40.57
CA GLY B 328 12.57 -19.58 40.79
C GLY B 328 12.19 -18.65 39.65
N THR B 329 13.14 -18.23 38.83
CA THR B 329 12.84 -17.34 37.72
C THR B 329 12.51 -18.14 36.46
N ALA B 330 11.81 -17.48 35.54
CA ALA B 330 11.42 -18.10 34.28
C ALA B 330 11.24 -17.03 33.23
N LEU B 331 11.25 -17.46 31.97
CA LEU B 331 11.08 -16.58 30.83
C LEU B 331 9.82 -16.99 30.07
N VAL B 332 8.96 -16.02 29.77
CA VAL B 332 7.79 -16.24 28.94
C VAL B 332 7.91 -15.33 27.71
N ALA B 333 7.18 -15.68 26.67
CA ALA B 333 7.28 -14.98 25.40
C ALA B 333 5.94 -15.00 24.69
N ILE B 334 5.63 -13.86 24.05
CA ILE B 334 4.34 -13.64 23.39
C ILE B 334 4.63 -13.23 21.96
N PRO B 335 3.86 -13.72 20.98
CA PRO B 335 4.11 -13.29 19.59
C PRO B 335 3.85 -11.81 19.40
N SER B 336 4.90 -11.03 19.15
CA SER B 336 4.79 -9.58 18.97
C SER B 336 4.28 -9.29 17.55
N GLU B 337 3.05 -9.71 17.31
CA GLU B 337 2.45 -9.61 15.98
C GLU B 337 1.72 -8.28 15.85
N GLY B 338 2.08 -7.51 14.82
CA GLY B 338 1.46 -6.23 14.58
C GLY B 338 2.20 -5.49 13.50
N ASN B 339 1.91 -4.18 13.41
CA ASN B 339 2.55 -3.31 12.44
C ASN B 339 3.71 -2.58 13.12
N PRO B 340 4.98 -2.82 12.72
CA PRO B 340 5.38 -3.88 11.79
C PRO B 340 6.09 -5.04 12.48
N THR B 341 6.57 -5.99 11.68
CA THR B 341 7.46 -7.03 12.19
C THR B 341 8.89 -6.49 12.21
N PRO B 342 9.60 -6.59 13.32
CA PRO B 342 10.89 -5.87 13.47
C PRO B 342 12.02 -6.46 12.63
N PRO B 343 12.04 -7.77 12.32
CA PRO B 343 11.20 -8.97 12.45
C PRO B 343 11.34 -9.74 13.77
N GLU B 344 11.80 -9.06 14.82
CA GLU B 344 11.82 -9.68 16.15
C GLU B 344 10.39 -9.80 16.62
N ALA B 345 9.80 -10.97 16.43
CA ALA B 345 8.36 -11.18 16.56
C ALA B 345 7.96 -11.84 17.87
N TYR B 346 8.74 -11.66 18.92
CA TYR B 346 8.43 -12.28 20.21
C TYR B 346 8.88 -11.36 21.34
N HIS B 347 7.92 -10.84 22.09
CA HIS B 347 8.22 -10.04 23.26
C HIS B 347 8.45 -10.94 24.46
N PHE B 348 9.56 -10.71 25.17
CA PHE B 348 9.99 -11.55 26.27
C PHE B 348 9.66 -10.87 27.60
N TYR B 349 9.23 -11.67 28.57
CA TYR B 349 8.98 -11.19 29.92
C TYR B 349 9.61 -12.14 30.91
N GLN B 350 10.43 -11.60 31.82
CA GLN B 350 10.96 -12.39 32.92
C GLN B 350 9.97 -12.37 34.07
N VAL B 351 9.79 -13.53 34.70
CA VAL B 351 8.84 -13.66 35.80
C VAL B 351 9.52 -14.43 36.93
N SER B 352 9.51 -13.85 38.12
CA SER B 352 10.24 -14.38 39.26
C SER B 352 9.29 -14.67 40.42
N PHE B 353 9.70 -15.60 41.26
CA PHE B 353 8.95 -16.01 42.45
C PHE B 353 9.61 -15.41 43.68
N GLN B 354 8.79 -14.81 44.55
CA GLN B 354 9.25 -14.15 45.77
C GLN B 354 10.34 -13.10 45.47
N GLY C 608 -21.83 -9.96 -38.37
CA GLY C 608 -21.02 -8.82 -38.00
C GLY C 608 -21.56 -8.05 -36.82
N LEU C 609 -20.72 -7.19 -36.23
CA LEU C 609 -21.10 -6.37 -35.09
C LEU C 609 -20.84 -4.90 -35.39
N HIS C 610 -21.86 -4.08 -35.20
CA HIS C 610 -21.71 -2.64 -35.37
C HIS C 610 -20.55 -2.13 -34.51
N PRO C 611 -19.74 -1.20 -35.01
CA PRO C 611 -18.58 -0.76 -34.22
C PRO C 611 -18.95 -0.10 -32.90
N ALA C 612 -20.01 0.71 -32.90
CA ALA C 612 -20.42 1.38 -31.66
C ALA C 612 -20.72 0.36 -30.56
N VAL C 613 -21.39 -0.74 -30.91
CA VAL C 613 -21.68 -1.77 -29.92
C VAL C 613 -20.39 -2.34 -29.36
N CYS C 614 -19.39 -2.52 -30.20
CA CYS C 614 -18.16 -3.13 -29.74
C CYS C 614 -17.38 -2.18 -28.84
N LEU C 615 -17.43 -0.88 -29.14
CA LEU C 615 -16.85 0.10 -28.23
C LEU C 615 -17.56 0.08 -26.88
N ALA C 616 -18.90 0.03 -26.91
CA ALA C 616 -19.67 -0.12 -25.68
C ALA C 616 -19.17 -1.31 -24.88
N ILE C 617 -19.10 -2.48 -25.53
CA ILE C 617 -18.65 -3.70 -24.85
C ILE C 617 -17.26 -3.52 -24.27
N ARG C 618 -16.40 -2.78 -24.98
CA ARG C 618 -15.05 -2.55 -24.47
C ARG C 618 -15.08 -1.73 -23.18
N VAL C 619 -15.67 -0.53 -23.24
CA VAL C 619 -15.59 0.36 -22.08
C VAL C 619 -16.62 0.02 -21.00
N ASN C 620 -17.64 -0.75 -21.31
CA ASN C 620 -18.61 -1.16 -20.30
C ASN C 620 -18.17 -2.40 -19.54
N THR C 621 -16.95 -2.89 -19.78
CA THR C 621 -16.43 -4.01 -19.00
C THR C 621 -14.97 -3.82 -18.60
N PHE C 622 -14.39 -2.64 -18.86
CA PHE C 622 -13.03 -2.31 -18.43
C PHE C 622 -12.01 -3.29 -19.01
N LEU C 623 -11.89 -3.22 -20.33
CA LEU C 623 -10.91 -4.00 -21.06
C LEU C 623 -9.88 -3.08 -21.70
N SER C 624 -8.61 -3.45 -21.59
CA SER C 624 -7.53 -2.67 -22.15
C SER C 624 -7.25 -3.10 -23.58
N CYS C 625 -6.72 -2.15 -24.36
CA CYS C 625 -6.41 -2.37 -25.76
C CYS C 625 -5.69 -3.69 -25.98
N SER C 626 -4.73 -4.02 -25.11
CA SER C 626 -4.08 -5.33 -25.20
C SER C 626 -5.10 -6.45 -25.07
N GLN C 627 -5.97 -6.36 -24.06
CA GLN C 627 -6.94 -7.42 -23.82
C GLN C 627 -7.93 -7.53 -24.97
N TYR C 628 -8.51 -6.41 -25.37
CA TYR C 628 -9.48 -6.43 -26.45
C TYR C 628 -8.85 -6.91 -27.75
N HIS C 629 -7.60 -6.53 -27.98
CA HIS C 629 -6.91 -6.94 -29.20
C HIS C 629 -6.66 -8.44 -29.22
N LYS C 630 -6.22 -9.00 -28.11
CA LYS C 630 -6.04 -10.44 -28.04
C LYS C 630 -7.37 -11.16 -28.24
N MET C 631 -8.42 -10.67 -27.58
CA MET C 631 -9.74 -11.27 -27.72
C MET C 631 -10.21 -11.24 -29.17
N TYR C 632 -9.97 -10.12 -29.85
CA TYR C 632 -10.43 -9.95 -31.23
C TYR C 632 -9.63 -10.83 -32.18
N ARG C 633 -8.30 -10.81 -32.06
CA ARG C 633 -7.45 -11.71 -32.84
C ARG C 633 -7.90 -13.16 -32.69
N THR C 634 -8.06 -13.62 -31.44
CA THR C 634 -8.45 -15.00 -31.20
C THR C 634 -9.79 -15.32 -31.84
N VAL C 635 -10.82 -14.52 -31.54
CA VAL C 635 -12.15 -14.84 -32.04
C VAL C 635 -12.23 -14.68 -33.55
N LYS C 636 -11.31 -13.93 -34.18
CA LYS C 636 -11.29 -13.88 -35.63
C LYS C 636 -10.62 -15.10 -36.23
N ALA C 637 -9.53 -15.57 -35.61
CA ALA C 637 -8.81 -16.71 -36.16
C ALA C 637 -9.63 -18.00 -36.13
N THR C 638 -10.64 -18.09 -35.27
CA THR C 638 -11.53 -19.24 -35.21
C THR C 638 -12.91 -18.84 -35.67
N SER C 639 -13.40 -19.50 -36.72
CA SER C 639 -14.75 -19.28 -37.25
C SER C 639 -14.97 -17.84 -37.67
N GLY C 640 -13.93 -17.18 -38.15
CA GLY C 640 -14.01 -15.79 -38.58
C GLY C 640 -13.78 -15.67 -40.08
N ARG C 641 -14.71 -15.00 -40.79
CA ARG C 641 -15.96 -14.38 -40.32
C ARG C 641 -15.78 -13.36 -39.19
N GLN C 642 -15.13 -12.25 -39.51
CA GLN C 642 -14.85 -11.19 -38.55
C GLN C 642 -16.09 -10.82 -37.75
N ILE C 643 -16.01 -10.97 -36.42
CA ILE C 643 -17.13 -10.70 -35.53
C ILE C 643 -16.94 -9.34 -34.84
N PHE C 644 -15.82 -9.18 -34.13
CA PHE C 644 -15.54 -7.90 -33.50
C PHE C 644 -14.88 -6.96 -34.49
N GLN C 645 -14.81 -5.71 -34.13
CA GLN C 645 -14.03 -4.79 -34.93
C GLN C 645 -12.70 -4.49 -34.26
N PRO C 646 -11.67 -4.25 -35.03
CA PRO C 646 -10.34 -4.05 -34.44
C PRO C 646 -10.24 -2.73 -33.67
N LEU C 647 -9.05 -2.50 -33.10
CA LEU C 647 -8.83 -1.30 -32.30
C LEU C 647 -8.92 -0.03 -33.14
N HIS C 648 -8.11 0.04 -34.21
CA HIS C 648 -7.93 1.30 -34.92
C HIS C 648 -9.23 1.83 -35.53
N THR C 649 -10.26 1.01 -35.66
CA THR C 649 -11.54 1.52 -36.14
C THR C 649 -12.43 2.04 -35.02
N LEU C 650 -12.32 1.49 -33.81
CA LEU C 650 -13.02 2.07 -32.67
C LEU C 650 -12.37 3.38 -32.23
N ARG C 651 -11.03 3.43 -32.22
CA ARG C 651 -10.28 4.60 -31.79
C ARG C 651 -10.59 5.87 -32.60
N ASN C 652 -11.04 5.73 -33.86
CA ASN C 652 -11.96 6.75 -34.47
C ASN C 652 -13.46 6.54 -34.53
N ALA C 653 -14.08 5.45 -34.16
CA ALA C 653 -15.55 5.36 -34.27
C ALA C 653 -16.27 6.01 -33.10
N GLU C 654 -15.55 6.56 -32.13
CA GLU C 654 -16.17 7.23 -30.99
C GLU C 654 -16.17 8.75 -31.12
N LYS C 655 -15.44 9.30 -32.09
CA LYS C 655 -15.25 10.74 -32.20
C LYS C 655 -16.55 11.51 -32.26
N GLU C 656 -17.66 10.83 -32.52
CA GLU C 656 -18.98 11.41 -32.48
C GLU C 656 -19.66 11.24 -31.13
N LEU C 657 -18.91 10.87 -30.10
CA LEU C 657 -19.43 10.74 -28.75
C LEU C 657 -18.71 11.62 -27.74
N LEU C 658 -17.39 11.75 -27.84
CA LEU C 658 -16.62 12.64 -27.00
C LEU C 658 -17.02 14.07 -27.29
N PRO C 659 -16.52 15.05 -26.53
CA PRO C 659 -16.79 16.44 -26.87
C PRO C 659 -16.05 16.85 -28.14
N GLY C 660 -16.54 17.93 -28.74
CA GLY C 660 -15.87 18.54 -29.88
C GLY C 660 -16.07 17.82 -31.19
N PHE C 661 -17.29 17.46 -31.52
CA PHE C 661 -17.61 16.93 -32.83
C PHE C 661 -18.78 17.65 -33.48
N HIS C 662 -19.77 18.04 -32.68
CA HIS C 662 -21.03 18.54 -33.18
C HIS C 662 -21.01 20.07 -33.21
N GLN C 663 -21.24 20.63 -34.40
CA GLN C 663 -21.26 22.08 -34.56
C GLN C 663 -22.46 22.68 -33.83
N PHE C 664 -22.29 23.91 -33.35
CA PHE C 664 -23.34 24.64 -32.66
C PHE C 664 -22.97 26.13 -32.62
N GLU C 665 -23.76 26.92 -31.90
CA GLU C 665 -23.45 28.33 -31.67
C GLU C 665 -24.42 28.88 -30.62
N TRP C 666 -24.26 30.17 -30.30
CA TRP C 666 -25.12 30.84 -29.34
C TRP C 666 -25.63 32.15 -29.94
N GLN C 667 -26.69 32.67 -29.35
CA GLN C 667 -27.21 33.97 -29.78
C GLN C 667 -27.85 34.70 -28.62
N PRO C 668 -27.22 35.75 -28.07
CA PRO C 668 -25.93 36.28 -28.53
C PRO C 668 -24.75 35.42 -28.11
N ALA C 669 -23.56 35.72 -28.59
CA ALA C 669 -22.38 34.95 -28.23
C ALA C 669 -22.12 35.05 -26.73
N LEU C 670 -21.41 34.06 -26.21
CA LEU C 670 -21.11 34.00 -24.78
C LEU C 670 -19.97 34.95 -24.43
N LYS C 671 -20.09 35.60 -23.28
CA LYS C 671 -19.03 36.48 -22.80
C LYS C 671 -17.88 35.66 -22.23
N ASN C 672 -16.67 36.14 -22.46
CA ASN C 672 -15.43 35.56 -21.92
C ASN C 672 -15.25 34.10 -22.33
N VAL C 673 -15.86 33.68 -23.43
CA VAL C 673 -15.79 32.30 -23.89
C VAL C 673 -15.55 32.31 -25.40
N SER C 674 -14.39 31.83 -25.83
CA SER C 674 -14.13 31.72 -27.27
C SER C 674 -15.13 30.77 -27.91
N THR C 675 -15.44 31.03 -29.18
CA THR C 675 -16.54 30.36 -29.85
C THR C 675 -16.13 29.17 -30.69
N SER C 676 -14.84 28.81 -30.69
CA SER C 676 -14.42 27.60 -31.39
C SER C 676 -15.07 26.38 -30.75
N TRP C 677 -15.81 25.62 -31.54
CA TRP C 677 -16.64 24.53 -31.02
C TRP C 677 -15.99 23.16 -31.13
N ASP C 678 -14.74 23.09 -31.58
CA ASP C 678 -14.09 21.82 -31.82
C ASP C 678 -13.10 21.43 -30.73
N VAL C 679 -13.14 22.09 -29.58
CA VAL C 679 -12.13 21.81 -28.58
C VAL C 679 -12.47 20.51 -27.85
N GLY C 680 -11.44 19.92 -27.24
CA GLY C 680 -11.62 18.67 -26.51
C GLY C 680 -11.04 18.72 -25.11
N ILE C 681 -10.25 17.72 -24.73
CA ILE C 681 -9.68 17.68 -23.40
C ILE C 681 -8.67 18.81 -23.26
N ILE C 682 -8.93 19.70 -22.32
CA ILE C 682 -8.08 20.86 -22.06
C ILE C 682 -7.45 20.71 -20.69
N ASP C 683 -6.23 21.20 -20.55
CA ASP C 683 -5.58 21.20 -19.24
C ASP C 683 -6.34 22.09 -18.27
N GLY C 684 -6.56 21.59 -17.05
CA GLY C 684 -7.39 22.31 -16.09
C GLY C 684 -6.79 23.59 -15.56
N LEU C 685 -5.48 23.76 -15.70
CA LEU C 685 -4.83 24.98 -15.25
C LEU C 685 -5.35 26.21 -15.99
N SER C 686 -5.86 26.01 -17.21
CA SER C 686 -6.33 27.10 -18.06
C SER C 686 -5.23 28.13 -18.30
N GLY C 687 -4.04 27.63 -18.65
CA GLY C 687 -2.92 28.49 -18.98
C GLY C 687 -2.39 29.31 -17.83
N TRP C 688 -1.81 28.63 -16.84
CA TRP C 688 -1.18 29.30 -15.71
C TRP C 688 0.25 29.66 -16.07
N THR C 689 0.59 30.93 -15.96
CA THR C 689 1.97 31.34 -16.21
C THR C 689 2.88 30.64 -15.20
N VAL C 690 3.69 29.70 -15.67
CA VAL C 690 4.38 28.74 -14.82
C VAL C 690 5.47 29.41 -14.01
N SER C 691 5.62 30.73 -14.16
CA SER C 691 6.68 31.49 -13.49
C SER C 691 6.75 31.16 -12.00
N VAL C 692 7.91 30.67 -11.57
CA VAL C 692 8.11 30.21 -10.20
C VAL C 692 7.82 31.31 -9.19
N ASP C 693 8.08 32.56 -9.57
CA ASP C 693 8.01 33.66 -8.61
C ASP C 693 6.60 33.86 -8.07
N ASP C 694 5.58 33.48 -8.83
CA ASP C 694 4.20 33.62 -8.41
C ASP C 694 3.78 32.35 -7.65
N VAL C 695 2.49 32.22 -7.40
CA VAL C 695 1.97 30.96 -6.84
C VAL C 695 2.23 29.85 -7.85
N PRO C 696 2.85 28.75 -7.46
CA PRO C 696 3.30 27.78 -8.45
C PRO C 696 2.13 27.13 -9.19
N ALA C 697 2.35 26.87 -10.48
CA ALA C 697 1.35 26.18 -11.31
C ALA C 697 1.47 24.66 -11.10
N ASP C 698 1.16 24.26 -9.86
CA ASP C 698 1.48 22.91 -9.40
C ASP C 698 0.50 21.88 -9.92
N THR C 699 -0.78 22.06 -9.60
CA THR C 699 -1.73 20.96 -9.61
C THR C 699 -2.08 20.55 -11.04
N ILE C 700 -2.08 19.24 -11.27
CA ILE C 700 -2.40 18.67 -12.57
C ILE C 700 -3.89 18.40 -12.62
N SER C 701 -4.53 18.83 -13.70
CA SER C 701 -5.95 18.62 -13.87
C SER C 701 -6.30 18.57 -15.35
N ARG C 702 -7.51 18.12 -15.63
CA ARG C 702 -8.04 18.12 -16.99
C ARG C 702 -9.54 18.38 -16.89
N ARG C 703 -10.13 18.75 -18.02
CA ARG C 703 -11.56 19.04 -18.06
C ARG C 703 -11.97 19.24 -19.51
N PHE C 704 -13.26 19.40 -19.70
CA PHE C 704 -13.83 19.82 -20.96
C PHE C 704 -14.15 21.31 -20.89
N ARG C 705 -14.72 21.84 -21.95
CA ARG C 705 -15.32 23.16 -21.93
C ARG C 705 -16.82 22.95 -21.77
N TYR C 706 -17.36 23.45 -20.65
CA TYR C 706 -18.73 23.17 -20.21
C TYR C 706 -19.73 23.23 -21.35
N ASP C 707 -19.60 24.23 -22.21
CA ASP C 707 -20.51 24.38 -23.34
C ASP C 707 -20.42 23.17 -24.27
N VAL C 708 -19.20 22.77 -24.64
CA VAL C 708 -19.05 21.65 -25.56
C VAL C 708 -19.58 20.37 -24.92
N ALA C 709 -19.37 20.22 -23.62
CA ALA C 709 -19.92 19.06 -22.91
C ALA C 709 -21.43 19.04 -22.98
N LEU C 710 -22.06 20.19 -22.73
CA LEU C 710 -23.51 20.27 -22.78
C LEU C 710 -24.04 19.96 -24.18
N VAL C 711 -23.40 20.51 -25.21
CA VAL C 711 -23.91 20.26 -26.57
C VAL C 711 -23.72 18.81 -26.95
N SER C 712 -22.62 18.19 -26.51
CA SER C 712 -22.46 16.76 -26.78
C SER C 712 -23.54 15.95 -26.07
N ALA C 713 -23.83 16.30 -24.82
CA ALA C 713 -24.89 15.61 -24.09
C ALA C 713 -26.23 15.74 -24.80
N LEU C 714 -26.60 16.95 -25.18
CA LEU C 714 -27.87 17.18 -25.85
C LEU C 714 -27.95 16.41 -27.17
N LYS C 715 -26.98 16.63 -28.06
CA LYS C 715 -27.00 15.97 -29.35
C LYS C 715 -26.89 14.46 -29.23
N ASP C 716 -26.41 13.97 -28.08
CA ASP C 716 -26.52 12.55 -27.80
C ASP C 716 -27.96 12.17 -27.47
N LEU C 717 -28.60 12.92 -26.59
CA LEU C 717 -30.00 12.65 -26.25
C LEU C 717 -30.95 12.88 -27.41
N GLU C 718 -30.44 13.40 -28.53
CA GLU C 718 -31.23 13.62 -29.74
C GLU C 718 -32.29 12.56 -30.00
N GLU C 719 -31.89 11.28 -29.95
CA GLU C 719 -32.83 10.19 -30.19
C GLU C 719 -34.02 10.27 -29.22
N ASP C 720 -33.73 10.43 -27.93
CA ASP C 720 -34.81 10.37 -26.94
C ASP C 720 -35.64 11.65 -26.93
N ILE C 721 -35.04 12.79 -27.26
CA ILE C 721 -35.83 14.01 -27.38
C ILE C 721 -36.77 13.92 -28.57
N MET C 722 -36.32 13.29 -29.66
CA MET C 722 -37.22 13.05 -30.78
C MET C 722 -38.32 12.06 -30.41
N GLU C 723 -37.98 11.04 -29.62
CA GLU C 723 -39.00 10.11 -29.14
C GLU C 723 -40.04 10.82 -28.30
N GLY C 724 -39.60 11.73 -27.43
CA GLY C 724 -40.56 12.50 -26.64
C GLY C 724 -41.43 13.39 -27.50
N LEU C 725 -40.82 14.01 -28.53
CA LEU C 725 -41.61 14.77 -29.50
C LEU C 725 -42.72 13.92 -30.10
N ARG C 726 -42.36 12.73 -30.59
CA ARG C 726 -43.33 11.90 -31.31
C ARG C 726 -44.40 11.36 -30.37
N GLU C 727 -43.99 10.84 -29.21
CA GLU C 727 -44.94 10.25 -28.28
C GLU C 727 -45.97 11.27 -27.82
N ARG C 728 -45.54 12.52 -27.60
CA ARG C 728 -46.48 13.55 -27.20
C ARG C 728 -47.40 13.98 -28.33
N ALA C 729 -47.28 13.36 -29.51
CA ALA C 729 -48.05 13.68 -30.71
C ALA C 729 -47.81 15.10 -31.20
N LEU C 730 -46.83 15.80 -30.63
CA LEU C 730 -46.55 17.17 -31.03
C LEU C 730 -45.92 17.20 -32.42
N ASP C 731 -46.18 18.29 -33.14
CA ASP C 731 -45.54 18.48 -34.43
C ASP C 731 -44.02 18.54 -34.24
N ASP C 732 -43.30 17.96 -35.20
CA ASP C 732 -41.85 17.84 -35.10
C ASP C 732 -41.09 18.92 -35.84
N SER C 733 -41.65 19.46 -36.93
CA SER C 733 -40.94 20.49 -37.69
C SER C 733 -41.11 21.87 -37.08
N MET C 734 -42.33 22.24 -36.68
CA MET C 734 -42.51 23.52 -36.01
C MET C 734 -42.37 23.31 -34.51
N CYS C 735 -42.66 24.35 -33.73
CA CYS C 735 -42.39 24.40 -32.29
C CYS C 735 -41.01 23.83 -31.96
N THR C 736 -39.98 24.46 -32.54
CA THR C 736 -38.61 23.95 -32.49
C THR C 736 -37.63 25.08 -32.20
N SER C 737 -37.98 25.99 -31.31
CA SER C 737 -37.09 27.08 -30.93
C SER C 737 -37.03 27.38 -29.44
N GLY C 738 -37.89 26.78 -28.62
CA GLY C 738 -37.95 27.16 -27.22
C GLY C 738 -37.80 26.02 -26.22
N PHE C 739 -36.92 25.06 -26.51
CA PHE C 739 -36.72 23.98 -25.56
C PHE C 739 -36.11 24.52 -24.26
N THR C 740 -36.29 23.75 -23.19
CA THR C 740 -35.82 24.13 -21.86
C THR C 740 -35.14 22.94 -21.22
N VAL C 741 -33.90 23.14 -20.76
CA VAL C 741 -33.10 22.08 -20.17
C VAL C 741 -32.88 22.40 -18.70
N VAL C 742 -33.01 21.38 -17.86
CA VAL C 742 -32.65 21.46 -16.45
C VAL C 742 -31.37 20.66 -16.26
N VAL C 743 -30.32 21.32 -15.77
CA VAL C 743 -29.02 20.69 -15.62
C VAL C 743 -28.65 20.71 -14.14
N LYS C 744 -28.46 19.54 -13.56
CA LYS C 744 -28.10 19.41 -12.16
C LYS C 744 -26.59 19.21 -12.08
N GLU C 745 -25.91 20.12 -11.42
CA GLU C 745 -24.48 19.94 -11.23
C GLU C 745 -24.21 19.20 -9.92
N SER C 746 -22.97 18.79 -9.74
CA SER C 746 -22.53 18.09 -8.54
C SER C 746 -21.02 18.12 -8.53
N CYS C 747 -20.42 18.27 -7.36
CA CYS C 747 -18.97 18.37 -7.26
C CYS C 747 -18.57 17.82 -5.91
N ASP C 748 -17.94 16.66 -5.90
CA ASP C 748 -17.60 16.05 -4.63
C ASP C 748 -16.14 15.65 -4.61
N GLY C 749 -15.53 15.78 -3.44
CA GLY C 749 -14.18 15.33 -3.25
C GLY C 749 -14.08 13.83 -3.30
N MET C 750 -12.85 13.35 -3.13
CA MET C 750 -12.61 11.91 -3.11
C MET C 750 -11.22 11.67 -2.52
N GLY C 751 -11.16 11.03 -1.36
CA GLY C 751 -9.90 10.74 -0.73
C GLY C 751 -9.36 9.37 -1.11
N ASP C 752 -8.16 9.09 -0.59
CA ASP C 752 -7.56 7.76 -0.56
C ASP C 752 -7.67 7.05 -1.91
N VAL C 753 -7.00 7.62 -2.90
CA VAL C 753 -6.97 7.10 -4.26
C VAL C 753 -5.57 6.62 -4.58
N SER C 754 -4.90 6.06 -3.57
CA SER C 754 -3.52 5.58 -3.68
C SER C 754 -3.21 4.84 -4.98
N VAL C 763 -0.47 8.37 1.59
CA VAL C 763 -1.09 9.69 1.52
C VAL C 763 -2.19 9.70 0.46
N PRO C 764 -3.39 10.11 0.85
CA PRO C 764 -4.58 9.92 -0.01
C PRO C 764 -4.48 10.53 -1.40
N GLU C 765 -3.96 11.75 -1.51
CA GLU C 765 -3.89 12.56 -2.74
C GLU C 765 -5.25 13.14 -3.13
N LYS C 766 -6.32 12.67 -2.49
CA LYS C 766 -7.59 13.39 -2.34
C LYS C 766 -7.99 14.21 -3.58
N ALA C 767 -8.25 13.52 -4.68
CA ALA C 767 -8.69 14.21 -5.90
C ALA C 767 -10.15 14.64 -5.79
N VAL C 768 -10.50 15.71 -6.52
CA VAL C 768 -11.84 16.29 -6.50
C VAL C 768 -12.45 16.15 -7.89
N ARG C 769 -13.73 15.75 -7.93
CA ARG C 769 -14.40 15.49 -9.19
C ARG C 769 -15.63 16.38 -9.34
N PHE C 770 -15.93 16.72 -10.59
CA PHE C 770 -17.01 17.65 -10.94
C PHE C 770 -17.82 17.00 -12.06
N SER C 771 -19.11 16.81 -11.83
CA SER C 771 -19.97 16.15 -12.81
C SER C 771 -21.29 16.89 -12.89
N PHE C 772 -22.05 16.60 -13.95
CA PHE C 772 -23.37 17.17 -14.11
C PHE C 772 -24.27 16.13 -14.75
N THR C 773 -25.57 16.44 -14.79
CA THR C 773 -26.54 15.51 -15.35
C THR C 773 -27.72 16.28 -15.91
N ILE C 774 -28.11 15.93 -17.13
CA ILE C 774 -29.34 16.47 -17.71
C ILE C 774 -30.51 15.81 -16.99
N MET C 775 -31.24 16.59 -16.20
CA MET C 775 -32.30 16.03 -15.37
C MET C 775 -33.61 15.91 -16.13
N SER C 776 -34.08 17.01 -16.72
CA SER C 776 -35.36 17.00 -17.43
C SER C 776 -35.34 18.07 -18.50
N ILE C 777 -35.56 17.68 -19.74
CA ILE C 777 -35.63 18.62 -20.86
C ILE C 777 -37.09 18.79 -21.25
N SER C 778 -37.59 20.01 -21.14
CA SER C 778 -38.99 20.35 -21.40
C SER C 778 -39.07 21.35 -22.56
N ILE C 779 -40.30 21.64 -22.98
CA ILE C 779 -40.55 22.53 -24.10
C ILE C 779 -41.66 23.51 -23.71
N ARG C 780 -41.46 24.78 -24.02
CA ARG C 780 -42.45 25.81 -23.74
C ARG C 780 -43.17 26.32 -24.98
N LEU C 781 -42.73 25.92 -26.17
CA LEU C 781 -43.29 26.46 -27.40
C LEU C 781 -44.73 25.99 -27.61
N GLU C 782 -45.51 26.80 -28.32
CA GLU C 782 -45.06 28.10 -28.81
C GLU C 782 -45.40 29.20 -27.82
N GLY C 783 -45.87 28.79 -26.64
CA GLY C 783 -46.23 29.72 -25.60
C GLY C 783 -47.60 29.42 -25.01
N GLU C 784 -48.28 30.45 -24.52
CA GLU C 784 -49.63 30.36 -24.00
C GLU C 784 -49.71 29.46 -22.77
N ASP C 785 -48.57 28.93 -22.34
CA ASP C 785 -48.53 27.92 -21.29
C ASP C 785 -47.23 28.08 -20.50
N ASP C 786 -46.96 27.12 -19.63
CA ASP C 786 -45.76 27.08 -18.82
C ASP C 786 -44.67 26.21 -19.42
N GLY C 787 -45.03 25.06 -19.94
CA GLY C 787 -44.07 24.14 -20.53
C GLY C 787 -44.60 22.73 -20.51
N ILE C 788 -43.94 21.88 -21.31
CA ILE C 788 -44.30 20.47 -21.43
C ILE C 788 -43.04 19.65 -21.24
N THR C 789 -43.02 18.80 -20.23
CA THR C 789 -41.85 18.00 -19.92
C THR C 789 -41.66 16.93 -21.00
N ILE C 790 -40.79 17.23 -21.97
CA ILE C 790 -40.54 16.27 -23.04
C ILE C 790 -39.99 14.98 -22.47
N PHE C 791 -38.83 15.07 -21.80
CA PHE C 791 -38.16 13.89 -21.29
C PHE C 791 -37.65 14.17 -19.89
N GLN C 792 -38.18 13.45 -18.91
CA GLN C 792 -37.64 13.45 -17.57
C GLN C 792 -36.79 12.20 -17.40
N GLU C 793 -35.52 12.38 -17.03
CA GLU C 793 -34.65 11.26 -16.75
C GLU C 793 -35.29 10.34 -15.72
N GLN C 794 -35.22 9.04 -15.98
CA GLN C 794 -35.91 8.08 -15.13
C GLN C 794 -35.12 7.74 -13.88
N LYS C 795 -33.79 7.84 -13.93
CA LYS C 795 -32.93 7.38 -12.84
C LYS C 795 -31.74 8.31 -12.68
N PRO C 796 -31.92 9.44 -11.98
CA PRO C 796 -30.76 10.30 -11.66
C PRO C 796 -29.92 9.77 -10.51
N ASN C 797 -30.44 8.83 -9.74
CA ASN C 797 -29.68 8.30 -8.60
C ASN C 797 -28.41 7.61 -9.05
N SER C 798 -28.53 6.67 -10.00
CA SER C 798 -27.40 5.86 -10.41
C SER C 798 -26.49 6.64 -11.35
N GLU C 799 -25.19 6.28 -11.33
CA GLU C 799 -24.19 7.03 -12.08
C GLU C 799 -24.28 6.80 -13.57
N LEU C 800 -25.09 5.84 -14.03
CA LEU C 800 -25.16 5.57 -15.46
C LEU C 800 -25.59 6.80 -16.26
N SER C 801 -26.14 7.82 -15.60
CA SER C 801 -26.26 9.15 -16.18
C SER C 801 -25.77 10.15 -15.14
N CYS C 802 -24.45 10.29 -15.05
CA CYS C 802 -23.83 11.36 -14.27
C CYS C 802 -22.48 11.62 -14.92
N ARG C 803 -22.44 12.59 -15.81
CA ARG C 803 -21.29 12.72 -16.70
C ARG C 803 -20.25 13.66 -16.11
N PRO C 804 -18.98 13.31 -16.25
CA PRO C 804 -17.91 14.14 -15.69
C PRO C 804 -17.57 15.29 -16.62
N LEU C 805 -17.14 16.38 -16.01
CA LEU C 805 -16.78 17.59 -16.75
C LEU C 805 -15.45 18.17 -16.30
N CYS C 806 -14.91 17.78 -15.15
CA CYS C 806 -13.65 18.33 -14.67
C CYS C 806 -13.06 17.43 -13.59
N LEU C 807 -11.78 17.11 -13.72
CA LEU C 807 -11.06 16.29 -12.75
C LEU C 807 -9.78 17.00 -12.35
N MET C 808 -9.53 17.08 -11.05
CA MET C 808 -8.40 17.82 -10.52
C MET C 808 -7.75 17.02 -9.41
N PHE C 809 -6.41 16.99 -9.39
CA PHE C 809 -5.68 16.41 -8.28
C PHE C 809 -5.48 17.45 -7.17
N VAL C 810 -6.57 18.11 -6.79
CA VAL C 810 -6.55 19.12 -5.74
C VAL C 810 -7.17 18.53 -4.49
N ASP C 811 -6.56 18.81 -3.33
CA ASP C 811 -7.20 18.50 -2.07
C ASP C 811 -8.54 19.24 -1.99
N GLU C 812 -9.44 18.72 -1.16
CA GLU C 812 -10.83 19.15 -1.23
C GLU C 812 -11.10 20.47 -0.51
N SER C 813 -10.31 20.80 0.52
CA SER C 813 -10.65 21.94 1.36
C SER C 813 -9.82 23.19 1.08
N ASP C 814 -8.63 23.06 0.50
CA ASP C 814 -7.80 24.23 0.22
C ASP C 814 -8.51 25.12 -0.79
N HIS C 815 -9.07 26.24 -0.32
CA HIS C 815 -9.78 27.16 -1.20
C HIS C 815 -8.96 27.59 -2.41
N GLU C 816 -7.66 27.75 -2.25
CA GLU C 816 -6.84 28.41 -3.26
C GLU C 816 -6.87 27.71 -4.61
N THR C 817 -6.36 26.49 -4.68
CA THR C 817 -6.29 25.80 -5.97
C THR C 817 -7.69 25.39 -6.45
N LEU C 818 -8.58 25.05 -5.51
CA LEU C 818 -9.95 24.72 -5.89
C LEU C 818 -10.58 25.83 -6.69
N THR C 819 -10.52 27.07 -6.16
CA THR C 819 -11.08 28.20 -6.89
C THR C 819 -10.28 28.51 -8.14
N ALA C 820 -8.95 28.53 -8.05
CA ALA C 820 -8.14 28.89 -9.20
C ALA C 820 -8.23 27.89 -10.33
N ILE C 821 -8.85 26.72 -10.12
CA ILE C 821 -9.15 25.82 -11.21
C ILE C 821 -10.63 25.82 -11.59
N LEU C 822 -11.54 25.98 -10.63
CA LEU C 822 -12.96 25.98 -10.95
C LEU C 822 -13.41 27.28 -11.59
N GLY C 823 -12.64 28.35 -11.45
CA GLY C 823 -12.99 29.66 -11.96
C GLY C 823 -13.53 29.71 -13.37
N PRO C 824 -12.82 29.09 -14.32
CA PRO C 824 -13.36 29.05 -15.70
C PRO C 824 -14.70 28.35 -15.81
N VAL C 825 -14.87 27.22 -15.10
CA VAL C 825 -16.13 26.49 -15.13
C VAL C 825 -17.26 27.37 -14.62
N VAL C 826 -17.09 27.95 -13.44
CA VAL C 826 -18.11 28.84 -12.89
C VAL C 826 -18.34 30.03 -13.81
N ALA C 827 -17.29 30.47 -14.52
CA ALA C 827 -17.42 31.63 -15.39
C ALA C 827 -18.34 31.32 -16.57
N GLU C 828 -18.06 30.22 -17.27
CA GLU C 828 -18.94 29.86 -18.39
C GLU C 828 -20.32 29.43 -17.91
N ARG C 829 -20.42 28.93 -16.68
CA ARG C 829 -21.74 28.68 -16.12
C ARG C 829 -22.53 29.96 -15.97
N LYS C 830 -21.91 30.98 -15.36
CA LYS C 830 -22.59 32.26 -15.20
C LYS C 830 -22.89 32.91 -16.55
N ALA C 831 -22.05 32.66 -17.56
CA ALA C 831 -22.26 33.28 -18.86
C ALA C 831 -23.37 32.60 -19.65
N MET C 832 -23.50 31.29 -19.51
CA MET C 832 -24.51 30.56 -20.28
C MET C 832 -25.93 30.81 -19.78
N MET C 833 -26.08 31.35 -18.58
CA MET C 833 -27.42 31.57 -18.03
C MET C 833 -28.22 32.60 -18.81
N GLU C 834 -27.56 33.43 -19.61
CA GLU C 834 -28.23 34.53 -20.31
C GLU C 834 -28.70 34.13 -21.70
N SER C 835 -27.77 33.74 -22.56
CA SER C 835 -28.06 33.53 -23.98
C SER C 835 -28.75 32.19 -24.17
N ARG C 836 -28.92 31.80 -25.43
CA ARG C 836 -29.53 30.54 -25.79
C ARG C 836 -28.58 29.79 -26.71
N LEU C 837 -28.89 28.50 -26.91
CA LEU C 837 -28.05 27.58 -27.65
C LEU C 837 -28.73 27.18 -28.96
N ILE C 838 -27.93 26.93 -30.00
CA ILE C 838 -28.44 26.50 -31.29
C ILE C 838 -27.79 25.16 -31.64
N ILE C 839 -28.61 24.17 -31.95
CA ILE C 839 -28.14 22.81 -32.20
C ILE C 839 -28.88 22.22 -33.39
N SER C 840 -28.15 21.56 -34.27
CA SER C 840 -28.75 20.80 -35.37
C SER C 840 -29.24 19.47 -34.81
N VAL C 841 -30.54 19.40 -34.55
CA VAL C 841 -31.15 18.22 -33.96
C VAL C 841 -32.45 17.93 -34.70
N GLY C 842 -32.72 16.64 -34.93
CA GLY C 842 -33.92 16.25 -35.66
C GLY C 842 -34.03 16.86 -37.03
N GLY C 843 -32.90 17.20 -37.65
CA GLY C 843 -32.90 17.84 -38.94
C GLY C 843 -33.04 19.35 -38.92
N LEU C 844 -33.46 19.93 -37.81
CA LEU C 844 -33.69 21.37 -37.72
C LEU C 844 -32.66 22.04 -36.84
N LEU C 845 -32.45 23.33 -37.09
CA LEU C 845 -31.48 24.08 -36.32
C LEU C 845 -32.29 24.68 -35.19
N ARG C 846 -32.49 23.89 -34.14
CA ARG C 846 -33.37 24.30 -33.05
C ARG C 846 -32.58 25.03 -31.96
N SER C 847 -33.27 25.48 -30.93
CA SER C 847 -32.68 26.30 -29.88
C SER C 847 -32.93 25.68 -28.51
N PHE C 848 -32.23 26.21 -27.52
CA PHE C 848 -32.27 25.67 -26.17
C PHE C 848 -31.99 26.78 -25.15
N ARG C 849 -32.57 26.63 -23.97
CA ARG C 849 -32.25 27.44 -22.80
C ARG C 849 -31.98 26.52 -21.62
N PHE C 850 -31.12 26.96 -20.72
CA PHE C 850 -30.70 26.14 -19.60
C PHE C 850 -31.06 26.79 -18.27
N PHE C 851 -31.34 25.94 -17.28
CA PHE C 851 -31.46 26.35 -15.89
C PHE C 851 -30.64 25.40 -15.03
N PHE C 852 -29.79 25.96 -14.18
CA PHE C 852 -28.77 25.22 -13.46
C PHE C 852 -29.19 25.02 -12.01
N ARG C 853 -29.36 23.77 -11.61
CA ARG C 853 -29.60 23.42 -10.22
C ARG C 853 -28.27 22.99 -9.60
N GLY C 854 -27.77 23.81 -8.70
CA GLY C 854 -26.56 23.48 -7.96
C GLY C 854 -26.85 22.76 -6.66
N THR C 855 -27.34 21.53 -6.75
CA THR C 855 -27.79 20.78 -5.58
C THR C 855 -26.79 19.72 -5.13
N GLY C 856 -26.29 18.92 -6.06
CA GLY C 856 -25.63 17.68 -5.69
C GLY C 856 -24.28 17.86 -5.03
N TYR C 857 -24.20 18.77 -4.08
CA TYR C 857 -23.06 18.86 -3.18
C TYR C 857 -23.42 18.26 -1.84
N ASP C 858 -22.40 17.84 -1.11
CA ASP C 858 -22.59 17.50 0.29
C ASP C 858 -22.76 18.78 1.11
N GLU C 859 -22.85 18.63 2.42
CA GLU C 859 -23.07 19.80 3.27
C GLU C 859 -21.78 20.62 3.42
N LYS C 860 -20.68 19.95 3.76
CA LYS C 860 -19.43 20.67 4.00
C LYS C 860 -19.04 21.54 2.82
N MET C 861 -19.13 20.99 1.62
CA MET C 861 -18.70 21.76 0.45
C MET C 861 -19.66 22.90 0.16
N VAL C 862 -20.95 22.68 0.34
CA VAL C 862 -21.91 23.78 0.19
C VAL C 862 -21.54 24.92 1.13
N ARG C 863 -21.20 24.57 2.38
CA ARG C 863 -20.77 25.61 3.32
C ARG C 863 -19.51 26.30 2.82
N GLU C 864 -18.50 25.53 2.41
CA GLU C 864 -17.22 26.11 2.03
C GLU C 864 -17.37 27.03 0.83
N MET C 865 -18.25 26.71 -0.10
CA MET C 865 -18.50 27.54 -1.26
C MET C 865 -19.69 28.46 -1.07
N GLU C 866 -20.21 28.56 0.15
CA GLU C 866 -21.33 29.44 0.44
C GLU C 866 -20.94 30.64 1.29
N GLY C 867 -19.86 30.54 2.07
CA GLY C 867 -19.46 31.60 2.96
C GLY C 867 -19.88 31.41 4.40
N LEU C 868 -20.42 30.25 4.73
CA LEU C 868 -20.73 29.91 6.12
C LEU C 868 -19.55 29.18 6.73
N GLU C 869 -19.37 29.36 8.03
CA GLU C 869 -18.24 28.77 8.73
C GLU C 869 -18.57 27.31 9.02
N ALA C 870 -18.05 26.41 8.20
CA ALA C 870 -18.24 24.98 8.42
C ALA C 870 -17.63 24.57 9.75
N SER C 871 -18.19 23.53 10.37
CA SER C 871 -19.40 22.87 9.88
C SER C 871 -20.46 22.78 10.96
N GLY C 872 -20.01 22.54 12.19
CA GLY C 872 -20.92 22.47 13.32
C GLY C 872 -21.04 23.79 14.04
N SER C 873 -21.16 24.89 13.29
CA SER C 873 -21.13 26.21 13.86
C SER C 873 -22.39 26.49 14.67
N THR C 874 -22.45 27.70 15.24
CA THR C 874 -23.66 28.18 15.87
C THR C 874 -24.77 28.45 14.86
N TYR C 875 -24.45 28.49 13.57
CA TYR C 875 -25.43 28.72 12.51
C TYR C 875 -25.52 27.44 11.70
N ILE C 876 -26.49 26.60 12.04
CA ILE C 876 -26.55 25.25 11.48
C ILE C 876 -27.12 25.26 10.08
N CYS C 877 -28.24 25.93 9.87
CA CYS C 877 -28.99 25.75 8.64
C CYS C 877 -28.32 26.49 7.50
N THR C 878 -28.14 25.78 6.39
CA THR C 878 -27.64 26.43 5.18
C THR C 878 -28.65 27.42 4.61
N LEU C 879 -29.94 27.27 4.93
CA LEU C 879 -30.99 28.02 4.25
C LEU C 879 -31.67 29.05 5.14
N CYS C 880 -31.84 28.71 6.41
CA CYS C 880 -32.39 29.57 7.42
C CYS C 880 -31.30 30.04 8.37
N ASP C 881 -31.50 31.22 8.94
CA ASP C 881 -30.50 31.85 9.79
C ASP C 881 -30.74 31.58 11.27
N SER C 882 -31.65 30.67 11.60
CA SER C 882 -31.87 30.32 12.99
C SER C 882 -30.58 29.77 13.61
N THR C 883 -30.23 30.29 14.78
CA THR C 883 -29.03 29.83 15.46
C THR C 883 -29.26 28.42 16.03
N ARG C 884 -28.20 27.87 16.63
CA ARG C 884 -28.27 26.53 17.18
C ARG C 884 -29.26 26.45 18.35
N ALA C 885 -29.02 27.28 19.37
CA ALA C 885 -29.89 27.27 20.55
C ALA C 885 -31.35 27.45 20.17
N GLU C 886 -31.63 28.38 19.25
CA GLU C 886 -33.01 28.58 18.82
C GLU C 886 -33.54 27.39 18.05
N ALA C 887 -32.68 26.50 17.57
CA ALA C 887 -33.10 25.25 16.96
C ALA C 887 -33.30 24.14 17.98
N SER C 888 -33.31 24.48 19.27
CA SER C 888 -33.60 23.51 20.32
C SER C 888 -35.07 23.50 20.71
N GLN C 889 -35.58 24.65 21.15
CA GLN C 889 -37.01 24.76 21.47
C GLN C 889 -37.85 24.57 20.21
N ASN C 890 -37.69 25.47 19.24
CA ASN C 890 -38.46 25.41 18.00
C ASN C 890 -37.76 24.48 17.02
N MET C 891 -38.54 23.60 16.39
CA MET C 891 -37.99 22.60 15.49
C MET C 891 -38.76 22.45 14.19
N VAL C 892 -39.83 23.23 13.97
CA VAL C 892 -40.64 23.04 12.78
C VAL C 892 -40.75 24.34 11.99
N LEU C 893 -41.22 25.39 12.63
CA LEU C 893 -41.51 26.64 11.93
C LEU C 893 -40.20 27.36 11.61
N HIS C 894 -39.87 27.45 10.32
CA HIS C 894 -38.71 28.20 9.87
C HIS C 894 -38.95 28.66 8.44
N SER C 895 -38.20 29.67 8.03
CA SER C 895 -38.29 30.25 6.70
C SER C 895 -36.97 30.05 5.96
N ILE C 896 -37.08 29.82 4.66
CA ILE C 896 -35.92 29.55 3.79
C ILE C 896 -35.56 30.85 3.09
N THR C 897 -34.47 31.48 3.52
CA THR C 897 -34.11 32.79 2.99
C THR C 897 -32.72 32.85 2.37
N ARG C 898 -31.77 32.06 2.84
CA ARG C 898 -30.40 32.16 2.36
C ARG C 898 -30.34 31.98 0.84
N SER C 899 -29.93 33.04 0.15
CA SER C 899 -29.76 33.01 -1.29
C SER C 899 -28.38 33.54 -1.63
N HIS C 900 -27.91 33.18 -2.83
CA HIS C 900 -26.56 33.55 -3.25
C HIS C 900 -26.37 35.07 -3.23
N ASP C 901 -27.22 35.79 -3.96
CA ASP C 901 -27.13 37.24 -4.01
C ASP C 901 -27.19 37.86 -2.61
N GLU C 902 -28.08 37.34 -1.76
CA GLU C 902 -28.14 37.83 -0.39
C GLU C 902 -26.84 37.58 0.33
N ASN C 903 -26.18 36.45 0.05
CA ASN C 903 -24.89 36.18 0.68
C ASN C 903 -23.84 37.16 0.21
N LEU C 904 -23.83 37.49 -1.08
CA LEU C 904 -22.97 38.56 -1.57
C LEU C 904 -23.18 39.84 -0.78
N GLU C 905 -24.44 40.25 -0.66
CA GLU C 905 -24.74 41.50 0.04
C GLU C 905 -24.32 41.43 1.50
N ARG C 906 -24.53 40.28 2.14
CA ARG C 906 -24.16 40.15 3.55
C ARG C 906 -22.65 40.16 3.74
N TYR C 907 -21.92 39.52 2.84
CA TYR C 907 -20.46 39.58 2.93
C TYR C 907 -19.96 41.00 2.71
N GLU C 908 -20.59 41.74 1.79
CA GLU C 908 -20.21 43.13 1.62
C GLU C 908 -20.47 43.93 2.89
N ILE C 909 -21.62 43.68 3.54
CA ILE C 909 -21.94 44.37 4.79
C ILE C 909 -20.92 44.00 5.87
N TRP C 910 -20.42 42.77 5.85
CA TRP C 910 -19.36 42.39 6.78
C TRP C 910 -18.07 43.14 6.47
N ARG C 911 -17.61 43.04 5.22
CA ARG C 911 -16.31 43.57 4.85
C ARG C 911 -16.24 45.07 5.07
N LYS C 912 -17.14 45.81 4.43
CA LYS C 912 -17.09 47.25 4.58
C LYS C 912 -17.49 47.70 5.98
N ASN C 913 -18.27 46.89 6.69
CA ASN C 913 -18.68 47.16 8.07
C ASN C 913 -19.26 48.57 8.21
N PRO C 914 -20.38 48.88 7.56
CA PRO C 914 -20.86 50.25 7.53
C PRO C 914 -21.48 50.72 8.82
N PHE C 915 -21.63 49.85 9.82
CA PHE C 915 -22.34 50.20 11.05
C PHE C 915 -21.44 50.21 12.27
N SER C 916 -20.12 50.10 12.09
CA SER C 916 -19.15 50.30 13.17
C SER C 916 -19.41 49.41 14.37
N GLU C 917 -19.89 48.19 14.14
CA GLU C 917 -20.20 47.28 15.22
C GLU C 917 -18.96 46.48 15.62
N SER C 918 -19.06 45.78 16.74
CA SER C 918 -17.95 44.96 17.22
C SER C 918 -17.90 43.66 16.45
N ALA C 919 -16.98 42.77 16.84
CA ALA C 919 -16.72 41.54 16.09
C ALA C 919 -17.94 40.62 16.06
N ASP C 920 -18.33 40.11 17.23
CA ASP C 920 -19.42 39.14 17.29
C ASP C 920 -20.74 39.76 16.88
N GLU C 921 -20.95 41.02 17.26
CA GLU C 921 -22.15 41.74 16.84
C GLU C 921 -22.26 41.78 15.32
N LEU C 922 -21.16 42.13 14.65
CA LEU C 922 -21.18 42.19 13.20
C LEU C 922 -21.38 40.81 12.59
N ARG C 923 -20.68 39.80 13.13
CA ARG C 923 -20.93 38.42 12.73
C ARG C 923 -22.41 38.09 12.79
N ASP C 924 -23.09 38.54 13.84
CA ASP C 924 -24.49 38.21 14.02
C ASP C 924 -25.39 39.04 13.11
N ARG C 925 -24.97 40.24 12.73
CA ARG C 925 -25.78 41.02 11.79
C ARG C 925 -25.85 40.34 10.43
N VAL C 926 -24.80 39.61 10.05
CA VAL C 926 -24.78 38.90 8.78
C VAL C 926 -25.09 37.42 8.92
N LYS C 927 -25.23 36.93 10.15
CA LYS C 927 -25.59 35.54 10.42
C LYS C 927 -24.58 34.57 9.80
N GLY C 928 -23.33 34.69 10.27
CA GLY C 928 -22.30 33.73 9.90
C GLY C 928 -21.86 33.78 8.46
N VAL C 929 -21.85 34.96 7.85
CA VAL C 929 -21.41 35.12 6.47
C VAL C 929 -20.15 35.97 6.50
N SER C 930 -18.99 35.32 6.41
CA SER C 930 -17.71 36.03 6.48
C SER C 930 -16.79 35.67 5.32
N ALA C 931 -17.35 35.16 4.22
CA ALA C 931 -16.53 34.74 3.10
C ALA C 931 -17.33 34.91 1.82
N LYS C 932 -16.82 35.70 0.90
CA LYS C 932 -17.52 35.96 -0.37
C LYS C 932 -17.68 34.65 -1.14
N PRO C 933 -18.90 34.14 -1.24
CA PRO C 933 -19.09 32.88 -1.96
C PRO C 933 -18.98 33.11 -3.45
N PHE C 934 -18.76 32.03 -4.18
CA PHE C 934 -18.68 32.26 -5.62
C PHE C 934 -19.58 31.34 -6.43
N MET C 935 -19.69 30.07 -6.06
CA MET C 935 -20.50 29.13 -6.83
C MET C 935 -21.92 29.14 -6.28
N GLU C 936 -22.85 29.67 -7.09
CA GLU C 936 -24.26 29.70 -6.71
C GLU C 936 -24.75 28.30 -6.40
N THR C 937 -25.47 28.15 -5.30
CA THR C 937 -25.98 26.86 -4.88
C THR C 937 -27.43 26.98 -4.52
N GLN C 938 -28.27 26.18 -5.16
CA GLN C 938 -29.68 26.20 -4.85
C GLN C 938 -29.90 25.80 -3.40
N PRO C 939 -30.81 26.43 -2.71
CA PRO C 939 -31.01 26.11 -1.28
C PRO C 939 -31.74 24.79 -1.02
N THR C 940 -30.99 23.69 -1.03
CA THR C 940 -31.59 22.41 -0.72
C THR C 940 -30.55 21.45 -0.18
N LEU C 941 -31.03 20.40 0.49
CA LEU C 941 -30.18 19.42 1.14
C LEU C 941 -29.98 18.20 0.25
N ASP C 942 -28.83 17.56 0.40
CA ASP C 942 -28.61 16.25 -0.18
C ASP C 942 -29.61 15.25 0.39
N ALA C 943 -29.82 14.17 -0.35
CA ALA C 943 -30.68 13.08 0.12
C ALA C 943 -29.90 11.96 0.80
N LEU C 944 -28.79 11.53 0.21
CA LEU C 944 -28.03 10.42 0.76
C LEU C 944 -27.41 10.76 2.10
N HIS C 945 -26.73 11.90 2.17
CA HIS C 945 -26.08 12.27 3.43
C HIS C 945 -27.11 12.57 4.52
N CYS C 946 -28.31 13.00 4.15
CA CYS C 946 -29.39 13.07 5.14
C CYS C 946 -29.65 11.69 5.77
N ASP C 947 -29.69 10.67 4.92
CA ASP C 947 -29.83 9.30 5.41
C ASP C 947 -28.67 8.93 6.33
N ILE C 948 -27.45 9.22 5.89
CA ILE C 948 -26.31 8.88 6.72
C ILE C 948 -26.33 9.63 8.03
N GLY C 949 -26.67 10.91 8.00
CA GLY C 949 -26.72 11.67 9.23
C GLY C 949 -27.79 11.11 10.14
N ASN C 950 -28.95 10.83 9.57
CA ASN C 950 -30.05 10.31 10.37
C ASN C 950 -29.68 8.97 10.98
N ALA C 951 -29.05 8.12 10.18
CA ALA C 951 -28.67 6.81 10.65
C ALA C 951 -27.66 6.92 11.78
N THR C 952 -26.71 7.83 11.64
CA THR C 952 -25.68 7.97 12.65
C THR C 952 -26.25 8.39 14.00
N GLU C 953 -27.21 9.30 13.95
CA GLU C 953 -27.83 9.82 15.16
C GLU C 953 -28.68 8.75 15.86
N PHE C 954 -29.43 7.96 15.08
CA PHE C 954 -30.17 6.86 15.68
C PHE C 954 -29.22 5.81 16.24
N TYR C 955 -28.05 5.65 15.64
CA TYR C 955 -27.06 4.72 16.19
C TYR C 955 -26.51 5.23 17.52
N LYS C 956 -26.24 6.54 17.61
CA LYS C 956 -25.85 7.11 18.89
C LYS C 956 -26.92 6.91 19.94
N ILE C 957 -28.18 7.18 19.58
CA ILE C 957 -29.27 7.05 20.56
C ILE C 957 -29.44 5.60 20.99
N PHE C 958 -29.29 4.65 20.06
CA PHE C 958 -29.35 3.24 20.43
C PHE C 958 -28.22 2.89 21.40
N GLN C 959 -26.99 3.30 21.06
CA GLN C 959 -25.86 3.06 21.95
C GLN C 959 -26.13 3.64 23.33
N ASP C 960 -26.81 4.78 23.39
CA ASP C 960 -27.09 5.39 24.67
C ASP C 960 -28.19 4.67 25.44
N GLU C 961 -29.19 4.13 24.74
CA GLU C 961 -30.33 3.52 25.40
C GLU C 961 -30.13 2.05 25.74
N ILE C 962 -29.11 1.40 25.15
CA ILE C 962 -28.72 0.09 25.65
C ILE C 962 -28.25 0.21 27.10
N GLY C 963 -27.45 1.23 27.39
CA GLY C 963 -27.17 1.62 28.75
C GLY C 963 -28.27 2.51 29.31
N GLU C 964 -27.89 3.43 30.19
CA GLU C 964 -28.84 4.36 30.77
C GLU C 964 -28.24 5.75 30.81
N VAL C 965 -29.04 6.74 30.45
CA VAL C 965 -28.60 8.13 30.41
C VAL C 965 -29.49 9.01 31.28
N TYR C 966 -30.81 8.88 31.11
CA TYR C 966 -31.73 9.64 31.95
C TYR C 966 -31.68 9.19 33.40
N GLN C 967 -31.07 8.04 33.68
CA GLN C 967 -30.81 7.62 35.05
C GLN C 967 -29.39 7.95 35.50
N LYS C 968 -28.44 7.97 34.58
CA LYS C 968 -27.04 8.27 34.89
C LYS C 968 -26.58 9.46 34.05
N PRO C 969 -26.31 10.62 34.65
CA PRO C 969 -26.13 11.85 33.87
C PRO C 969 -24.91 11.83 32.95
N ASN C 970 -23.74 11.52 33.49
CA ASN C 970 -22.48 11.62 32.74
C ASN C 970 -21.77 10.26 32.75
N PRO C 971 -22.12 9.37 31.82
CA PRO C 971 -21.37 8.11 31.70
C PRO C 971 -20.01 8.33 31.07
N SER C 972 -19.05 7.49 31.46
CA SER C 972 -17.67 7.65 31.03
C SER C 972 -17.48 7.11 29.62
N ARG C 973 -16.23 7.07 29.17
CA ARG C 973 -15.92 6.66 27.79
C ARG C 973 -15.96 5.15 27.63
N GLU C 974 -15.38 4.41 28.58
CA GLU C 974 -15.43 2.95 28.50
C GLU C 974 -16.87 2.44 28.53
N GLU C 975 -17.76 3.14 29.24
CA GLU C 975 -19.16 2.71 29.27
C GLU C 975 -19.79 2.79 27.89
N ARG C 976 -19.58 3.90 27.18
CA ARG C 976 -20.10 4.01 25.82
C ARG C 976 -19.43 3.02 24.88
N ARG C 977 -18.13 2.76 25.10
CA ARG C 977 -17.44 1.74 24.32
C ARG C 977 -18.12 0.38 24.48
N ARG C 978 -18.41 -0.01 25.73
CA ARG C 978 -19.04 -1.31 25.97
C ARG C 978 -20.48 -1.33 25.48
N TRP C 979 -21.19 -0.21 25.58
CA TRP C 979 -22.55 -0.16 25.07
C TRP C 979 -22.57 -0.33 23.56
N ARG C 980 -21.64 0.30 22.86
CA ARG C 980 -21.52 0.08 21.42
C ARG C 980 -21.18 -1.37 21.11
N SER C 981 -20.26 -1.95 21.88
CA SER C 981 -19.90 -3.35 21.69
C SER C 981 -21.11 -4.26 21.82
N THR C 982 -21.90 -4.08 22.89
CA THR C 982 -23.04 -4.96 23.11
C THR C 982 -24.17 -4.67 22.12
N LEU C 983 -24.26 -3.43 21.63
CA LEU C 983 -25.21 -3.16 20.56
C LEU C 983 -24.84 -3.91 19.29
N ASP C 984 -23.55 -3.92 18.94
CA ASP C 984 -23.11 -4.71 17.80
C ASP C 984 -23.36 -6.20 18.04
N LYS C 985 -23.17 -6.65 19.28
CA LYS C 985 -23.51 -8.03 19.62
C LYS C 985 -24.97 -8.33 19.34
N GLN C 986 -25.87 -7.47 19.81
CA GLN C 986 -27.28 -7.73 19.62
C GLN C 986 -27.69 -7.61 18.16
N LEU C 987 -26.99 -6.77 17.39
CA LEU C 987 -27.31 -6.59 15.99
C LEU C 987 -26.62 -7.61 15.08
N ARG C 988 -25.70 -8.41 15.60
CA ARG C 988 -25.18 -9.54 14.85
C ARG C 988 -25.82 -10.86 15.25
N LYS C 989 -26.04 -11.10 16.54
CA LYS C 989 -26.73 -12.30 16.99
C LYS C 989 -28.08 -12.43 16.30
N LYS C 990 -28.80 -11.32 16.16
CA LYS C 990 -30.01 -11.24 15.36
C LYS C 990 -29.81 -10.15 14.31
N MET C 991 -30.57 -10.27 13.21
CA MET C 991 -30.54 -9.34 12.08
C MET C 991 -29.27 -9.51 11.25
N LYS C 992 -28.33 -10.32 11.74
CA LYS C 992 -27.12 -10.69 11.00
C LYS C 992 -26.42 -9.47 10.40
N LEU C 993 -25.95 -8.59 11.28
CA LEU C 993 -25.30 -7.35 10.85
C LEU C 993 -23.93 -7.23 11.49
N LYS C 994 -22.93 -6.91 10.69
CA LYS C 994 -21.56 -6.77 11.14
C LYS C 994 -21.23 -5.30 11.40
N PRO C 995 -20.26 -5.03 12.27
CA PRO C 995 -19.86 -3.63 12.52
C PRO C 995 -19.10 -3.06 11.33
N VAL C 996 -19.14 -1.73 11.22
CA VAL C 996 -18.44 -1.01 10.17
C VAL C 996 -17.86 0.27 10.74
N MET C 997 -16.73 0.70 10.19
CA MET C 997 -16.08 1.91 10.68
C MET C 997 -16.88 3.15 10.31
N ARG C 998 -17.13 3.35 9.03
CA ARG C 998 -17.93 4.47 8.54
C ARG C 998 -19.20 3.91 7.89
N MET C 999 -20.30 4.61 8.12
CA MET C 999 -21.62 4.06 7.78
C MET C 999 -21.94 4.33 6.31
N ASN C 1000 -22.09 3.27 5.54
CA ASN C 1000 -22.47 3.38 4.14
C ASN C 1000 -23.98 3.53 4.01
N GLY C 1001 -24.43 3.76 2.78
CA GLY C 1001 -25.86 3.87 2.53
C GLY C 1001 -26.60 2.60 2.90
N ASN C 1002 -26.03 1.44 2.55
CA ASN C 1002 -26.70 0.17 2.81
C ASN C 1002 -26.86 -0.07 4.30
N TYR C 1003 -25.80 0.14 5.07
CA TYR C 1003 -25.89 -0.05 6.51
C TYR C 1003 -26.92 0.88 7.12
N ALA C 1004 -27.08 2.08 6.55
CA ALA C 1004 -28.11 2.99 7.02
C ALA C 1004 -29.49 2.44 6.73
N ARG C 1005 -29.76 2.08 5.48
CA ARG C 1005 -31.04 1.49 5.11
C ARG C 1005 -31.39 0.32 6.01
N ARG C 1006 -30.38 -0.48 6.39
CA ARG C 1006 -30.65 -1.62 7.26
C ARG C 1006 -30.90 -1.18 8.69
N LEU C 1007 -30.16 -0.18 9.17
CA LEU C 1007 -30.35 0.33 10.52
C LEU C 1007 -31.60 1.18 10.65
N MET C 1008 -32.35 1.38 9.57
CA MET C 1008 -33.56 2.18 9.64
C MET C 1008 -34.83 1.36 9.71
N THR C 1009 -34.79 0.08 9.38
CA THR C 1009 -36.01 -0.73 9.30
C THR C 1009 -36.49 -1.13 10.69
N ARG C 1010 -37.70 -1.70 10.72
CA ARG C 1010 -38.36 -2.02 11.97
C ARG C 1010 -37.60 -3.09 12.76
N GLU C 1011 -37.34 -4.24 12.13
CA GLU C 1011 -36.82 -5.39 12.86
C GLU C 1011 -35.51 -5.06 13.59
N ALA C 1012 -34.71 -4.13 13.05
CA ALA C 1012 -33.57 -3.65 13.81
C ALA C 1012 -34.00 -3.07 15.14
N VAL C 1013 -35.14 -2.38 15.17
CA VAL C 1013 -35.65 -1.81 16.41
C VAL C 1013 -36.21 -2.90 17.31
N GLU C 1014 -36.99 -3.83 16.74
CA GLU C 1014 -37.54 -4.92 17.54
C GLU C 1014 -36.43 -5.74 18.18
N ALA C 1015 -35.25 -5.78 17.56
CA ALA C 1015 -34.12 -6.49 18.14
C ALA C 1015 -33.38 -5.63 19.16
N VAL C 1016 -33.18 -4.34 18.87
CA VAL C 1016 -32.40 -3.48 19.76
C VAL C 1016 -33.18 -3.20 21.05
N CYS C 1017 -34.42 -2.74 20.92
CA CYS C 1017 -35.22 -2.35 22.09
C CYS C 1017 -35.38 -3.48 23.10
N GLU C 1018 -35.04 -4.71 22.73
CA GLU C 1018 -35.12 -5.83 23.66
C GLU C 1018 -34.25 -5.60 24.88
N LEU C 1019 -33.11 -4.92 24.72
CA LEU C 1019 -32.18 -4.70 25.82
C LEU C 1019 -32.59 -3.56 26.74
N VAL C 1020 -33.53 -2.70 26.33
CA VAL C 1020 -33.89 -1.54 27.14
C VAL C 1020 -34.71 -2.00 28.34
N PRO C 1021 -34.28 -1.71 29.57
CA PRO C 1021 -35.05 -2.11 30.76
C PRO C 1021 -36.40 -1.43 30.85
N SER C 1022 -36.41 -0.10 30.76
CA SER C 1022 -37.65 0.66 30.86
C SER C 1022 -38.51 0.40 29.63
N GLU C 1023 -39.67 -0.23 29.84
CA GLU C 1023 -40.56 -0.52 28.73
C GLU C 1023 -41.17 0.75 28.15
N GLU C 1024 -41.29 1.80 28.97
CA GLU C 1024 -41.70 3.10 28.44
C GLU C 1024 -40.73 3.57 27.37
N ARG C 1025 -39.43 3.52 27.65
CA ARG C 1025 -38.44 3.90 26.65
C ARG C 1025 -38.51 3.00 25.43
N ARG C 1026 -38.77 1.71 25.63
CA ARG C 1026 -38.88 0.77 24.52
C ARG C 1026 -40.00 1.20 23.57
N GLU C 1027 -41.21 1.34 24.11
CA GLU C 1027 -42.34 1.78 23.29
C GLU C 1027 -42.09 3.17 22.71
N ALA C 1028 -41.37 4.02 23.43
CA ALA C 1028 -41.14 5.38 22.98
C ALA C 1028 -40.26 5.41 21.73
N LEU C 1029 -39.10 4.76 21.79
CA LEU C 1029 -38.25 4.72 20.60
C LEU C 1029 -38.86 3.88 19.49
N LEU C 1030 -39.71 2.90 19.84
CA LEU C 1030 -40.42 2.18 18.80
C LEU C 1030 -41.36 3.10 18.04
N LYS C 1031 -42.14 3.91 18.77
CA LYS C 1031 -43.02 4.88 18.12
C LYS C 1031 -42.22 5.94 17.36
N LEU C 1032 -41.04 6.30 17.87
CA LEU C 1032 -40.19 7.25 17.17
C LEU C 1032 -39.74 6.69 15.83
N MET C 1033 -39.25 5.45 15.80
CA MET C 1033 -38.86 4.85 14.54
C MET C 1033 -40.07 4.63 13.62
N ASP C 1034 -41.24 4.40 14.21
CA ASP C 1034 -42.46 4.33 13.40
C ASP C 1034 -42.70 5.65 12.68
N LEU C 1035 -42.67 6.76 13.43
CA LEU C 1035 -42.79 8.07 12.81
C LEU C 1035 -41.74 8.27 11.73
N TYR C 1036 -40.50 7.85 12.01
CA TYR C 1036 -39.43 8.07 11.05
C TYR C 1036 -39.66 7.27 9.77
N LEU C 1037 -40.14 6.03 9.90
CA LEU C 1037 -40.43 5.26 8.70
C LEU C 1037 -41.65 5.81 7.96
N GLN C 1038 -42.58 6.42 8.69
CA GLN C 1038 -43.74 7.01 8.03
C GLN C 1038 -43.36 8.27 7.27
N MET C 1039 -42.32 8.98 7.71
CA MET C 1039 -41.92 10.23 7.08
C MET C 1039 -40.67 10.12 6.22
N LYS C 1040 -39.99 8.98 6.19
CA LYS C 1040 -38.74 8.88 5.47
C LYS C 1040 -38.90 8.88 3.96
N PRO C 1041 -39.87 8.14 3.36
CA PRO C 1041 -39.92 8.08 1.89
C PRO C 1041 -40.40 9.36 1.26
N VAL C 1042 -40.45 10.44 2.03
CA VAL C 1042 -40.80 11.75 1.49
C VAL C 1042 -39.63 12.30 0.68
N TRP C 1043 -38.45 12.39 1.28
CA TRP C 1043 -37.30 12.94 0.58
C TRP C 1043 -36.49 11.89 -0.18
N ARG C 1044 -36.64 10.61 0.16
CA ARG C 1044 -35.91 9.58 -0.56
C ARG C 1044 -36.49 9.30 -1.93
N SER C 1045 -37.80 9.52 -2.10
CA SER C 1045 -38.51 9.21 -3.33
C SER C 1045 -37.91 9.91 -4.54
N THR C 1046 -38.24 9.39 -5.73
CA THR C 1046 -37.86 10.08 -6.96
C THR C 1046 -38.81 11.24 -7.25
N CYS C 1047 -40.10 11.06 -6.98
CA CYS C 1047 -41.10 12.11 -7.17
C CYS C 1047 -42.18 11.90 -6.12
N PRO C 1048 -42.14 12.64 -5.01
CA PRO C 1048 -43.07 12.35 -3.91
C PRO C 1048 -44.53 12.60 -4.25
N SER C 1049 -44.84 13.73 -4.90
CA SER C 1049 -46.21 14.04 -5.27
C SER C 1049 -46.81 13.02 -6.23
N ARG C 1050 -45.99 12.15 -6.80
CA ARG C 1050 -46.44 11.07 -7.68
C ARG C 1050 -46.28 9.69 -7.08
N ASP C 1051 -45.17 9.46 -6.36
CA ASP C 1051 -44.95 8.15 -5.76
C ASP C 1051 -45.84 7.94 -4.53
N CYS C 1052 -45.85 8.90 -3.62
CA CYS C 1052 -46.56 8.76 -2.34
C CYS C 1052 -47.02 10.13 -1.86
N PRO C 1053 -48.17 10.61 -2.35
CA PRO C 1053 -48.64 11.93 -1.93
C PRO C 1053 -49.13 11.99 -0.50
N ASP C 1054 -49.63 10.87 0.05
CA ASP C 1054 -50.13 10.88 1.42
C ASP C 1054 -49.04 11.20 2.46
N GLN C 1055 -47.82 10.68 2.31
CA GLN C 1055 -46.79 11.03 3.31
C GLN C 1055 -46.52 12.54 3.28
N LEU C 1056 -46.34 13.10 2.09
CA LEU C 1056 -46.11 14.54 1.98
C LEU C 1056 -47.29 15.34 2.52
N CYS C 1057 -48.50 14.83 2.34
CA CYS C 1057 -49.67 15.51 2.89
C CYS C 1057 -49.66 15.48 4.42
N GLN C 1058 -49.25 14.37 5.01
CA GLN C 1058 -49.24 14.19 6.46
C GLN C 1058 -47.88 14.48 7.07
N TYR C 1059 -46.98 15.13 6.34
CA TYR C 1059 -45.62 15.31 6.82
C TYR C 1059 -45.52 16.38 7.89
N SER C 1060 -46.30 17.45 7.77
CA SER C 1060 -46.24 18.53 8.76
C SER C 1060 -46.60 18.03 10.15
N TYR C 1061 -47.79 17.45 10.30
CA TYR C 1061 -48.23 16.98 11.60
C TYR C 1061 -47.34 15.85 12.11
N ASN C 1062 -46.85 15.00 11.22
CA ASN C 1062 -45.97 13.91 11.63
C ASN C 1062 -44.66 14.44 12.18
N SER C 1063 -44.06 15.39 11.46
CA SER C 1063 -42.84 16.05 11.95
C SER C 1063 -43.08 16.74 13.27
N GLN C 1064 -44.25 17.37 13.44
CA GLN C 1064 -44.53 18.08 14.69
C GLN C 1064 -44.61 17.10 15.85
N GLN C 1065 -45.39 16.03 15.69
CA GLN C 1065 -45.48 15.02 16.73
C GLN C 1065 -44.12 14.42 17.05
N PHE C 1066 -43.32 14.15 16.01
CA PHE C 1066 -42.00 13.57 16.21
C PHE C 1066 -41.10 14.51 17.01
N ALA C 1067 -41.07 15.79 16.61
CA ALA C 1067 -40.23 16.76 17.28
C ALA C 1067 -40.65 16.93 18.74
N ASP C 1068 -41.96 16.94 19.01
CA ASP C 1068 -42.39 17.10 20.39
C ASP C 1068 -42.09 15.86 21.21
N LEU C 1069 -42.20 14.67 20.60
CA LEU C 1069 -41.81 13.44 21.29
C LEU C 1069 -40.34 13.49 21.66
N LEU C 1070 -39.49 13.94 20.75
CA LEU C 1070 -38.06 14.08 21.05
C LEU C 1070 -37.85 15.08 22.19
N SER C 1071 -38.44 16.27 22.07
CA SER C 1071 -38.22 17.31 23.07
C SER C 1071 -38.73 16.90 24.44
N SER C 1072 -39.76 16.05 24.49
CA SER C 1072 -40.35 15.65 25.77
C SER C 1072 -39.60 14.47 26.39
N MET C 1073 -39.49 13.37 25.66
CA MET C 1073 -38.90 12.15 26.20
C MET C 1073 -37.39 12.04 25.98
N PHE C 1074 -36.75 13.11 25.48
CA PHE C 1074 -35.30 13.07 25.33
C PHE C 1074 -34.64 14.40 25.69
N LYS C 1075 -35.30 15.27 26.45
CA LYS C 1075 -34.71 16.56 26.79
C LYS C 1075 -33.43 16.42 27.60
N TYR C 1076 -33.11 15.23 28.08
CA TYR C 1076 -31.80 14.99 28.68
C TYR C 1076 -30.66 15.23 27.70
N ARG C 1077 -30.93 15.11 26.40
CA ARG C 1077 -29.91 15.13 25.37
C ARG C 1077 -30.02 16.32 24.42
N TYR C 1078 -31.24 16.75 24.09
CA TYR C 1078 -31.45 17.81 23.11
C TYR C 1078 -31.72 19.14 23.79
N ASP C 1079 -31.00 19.42 24.89
CA ASP C 1079 -31.10 20.71 25.54
C ASP C 1079 -30.80 21.85 24.55
N GLY C 1080 -29.61 21.84 23.96
CA GLY C 1080 -29.26 22.85 22.99
C GLY C 1080 -28.40 22.35 21.84
N LYS C 1081 -28.18 21.04 21.74
CA LYS C 1081 -27.38 20.47 20.67
C LYS C 1081 -28.30 19.67 19.75
N ILE C 1082 -28.29 20.01 18.47
CA ILE C 1082 -29.09 19.34 17.45
C ILE C 1082 -28.22 19.16 16.21
N THR C 1083 -28.10 17.93 15.71
CA THR C 1083 -27.37 17.67 14.46
C THR C 1083 -28.05 18.31 13.26
N ASN C 1084 -27.29 18.61 12.15
CA ASN C 1084 -27.91 19.73 11.42
C ASN C 1084 -28.94 19.08 10.53
N TYR C 1085 -28.72 17.81 10.22
CA TYR C 1085 -29.67 17.11 9.36
C TYR C 1085 -31.00 16.89 10.07
N LEU C 1086 -30.98 16.74 11.39
CA LEU C 1086 -32.24 16.73 12.13
C LEU C 1086 -33.02 18.01 11.86
N HIS C 1087 -32.36 19.17 12.00
CA HIS C 1087 -33.05 20.43 11.76
C HIS C 1087 -33.56 20.51 10.32
N LYS C 1088 -32.72 20.11 9.37
CA LYS C 1088 -33.13 20.20 7.96
C LYS C 1088 -34.33 19.34 7.68
N THR C 1089 -34.33 18.09 8.16
CA THR C 1089 -35.43 17.18 7.88
C THR C 1089 -36.65 17.48 8.73
N LEU C 1090 -36.52 18.28 9.78
CA LEU C 1090 -37.67 18.60 10.61
C LEU C 1090 -38.25 19.98 10.33
N ALA C 1091 -37.58 20.83 9.55
CA ALA C 1091 -38.08 22.17 9.34
C ALA C 1091 -38.07 22.68 7.91
N HIS C 1092 -37.43 21.98 6.97
CA HIS C 1092 -37.34 22.50 5.61
C HIS C 1092 -37.88 21.55 4.54
N VAL C 1093 -38.07 20.27 4.84
CA VAL C 1093 -38.52 19.29 3.87
C VAL C 1093 -39.80 19.74 3.16
N PRO C 1094 -40.88 20.07 3.88
CA PRO C 1094 -42.12 20.40 3.16
C PRO C 1094 -41.98 21.61 2.25
N GLU C 1095 -41.28 22.64 2.71
CA GLU C 1095 -41.14 23.85 1.90
C GLU C 1095 -40.39 23.58 0.61
N ILE C 1096 -39.26 22.87 0.70
CA ILE C 1096 -38.47 22.62 -0.49
C ILE C 1096 -39.20 21.68 -1.45
N VAL C 1097 -39.88 20.66 -0.91
CA VAL C 1097 -40.61 19.75 -1.79
C VAL C 1097 -41.73 20.49 -2.49
N GLU C 1098 -42.36 21.44 -1.79
CA GLU C 1098 -43.40 22.24 -2.42
C GLU C 1098 -42.82 23.15 -3.49
N ARG C 1099 -41.66 23.77 -3.22
CA ARG C 1099 -41.09 24.73 -4.14
C ARG C 1099 -40.33 24.05 -5.28
N ASP C 1100 -39.32 23.25 -4.95
CA ASP C 1100 -38.35 22.74 -5.90
C ASP C 1100 -38.79 21.45 -6.59
N GLY C 1101 -40.09 21.19 -6.63
CA GLY C 1101 -40.58 20.03 -7.36
C GLY C 1101 -40.45 18.69 -6.67
N SER C 1102 -39.26 18.37 -6.19
CA SER C 1102 -38.99 17.09 -5.53
C SER C 1102 -37.63 17.18 -4.86
N ILE C 1103 -37.23 16.08 -4.24
CA ILE C 1103 -35.92 15.97 -3.59
C ILE C 1103 -35.58 14.49 -3.56
N GLY C 1104 -34.29 14.18 -3.46
CA GLY C 1104 -33.82 12.83 -3.63
C GLY C 1104 -33.53 12.60 -5.09
N ALA C 1105 -34.40 13.12 -5.95
CA ALA C 1105 -34.12 13.21 -7.37
C ALA C 1105 -33.00 14.19 -7.66
N TRP C 1106 -32.44 14.80 -6.61
CA TRP C 1106 -31.30 15.69 -6.74
C TRP C 1106 -30.19 15.30 -5.78
N ALA C 1107 -30.09 14.01 -5.47
CA ALA C 1107 -29.08 13.55 -4.53
C ALA C 1107 -27.68 13.63 -5.14
N SER C 1108 -26.70 13.93 -4.30
CA SER C 1108 -25.30 13.79 -4.70
C SER C 1108 -24.90 12.34 -4.88
N GLU C 1109 -25.81 11.40 -4.59
CA GLU C 1109 -25.54 9.99 -4.76
C GLU C 1109 -24.95 9.71 -6.14
N GLY C 1110 -25.61 10.20 -7.20
CA GLY C 1110 -25.13 9.98 -8.55
C GLY C 1110 -23.66 10.27 -8.73
N ASN C 1111 -23.14 11.26 -8.01
CA ASN C 1111 -21.71 11.50 -8.04
C ASN C 1111 -20.98 10.48 -7.16
N GLU C 1112 -21.32 10.45 -5.87
CA GLU C 1112 -20.49 9.74 -4.89
C GLU C 1112 -20.34 8.26 -5.23
N SER C 1113 -21.47 7.56 -5.40
CA SER C 1113 -21.39 6.15 -5.74
C SER C 1113 -20.77 5.94 -7.13
N GLY C 1114 -20.96 6.91 -8.03
CA GLY C 1114 -20.27 6.83 -9.30
C GLY C 1114 -18.77 6.93 -9.17
N ASN C 1115 -18.28 7.49 -8.06
CA ASN C 1115 -16.87 7.79 -7.94
C ASN C 1115 -16.00 6.54 -7.98
N LYS C 1116 -16.54 5.39 -7.58
CA LYS C 1116 -15.76 4.15 -7.66
C LYS C 1116 -15.27 3.88 -9.07
N LEU C 1117 -15.96 4.41 -10.08
CA LEU C 1117 -15.45 4.36 -11.45
C LEU C 1117 -14.04 4.94 -11.50
N PHE C 1118 -13.90 6.21 -11.11
CA PHE C 1118 -12.60 6.85 -11.08
C PHE C 1118 -11.62 6.05 -10.23
N ARG C 1119 -12.13 5.24 -9.30
CA ARG C 1119 -11.25 4.32 -8.59
C ARG C 1119 -10.81 3.19 -9.52
N ARG C 1120 -11.76 2.41 -10.01
CA ARG C 1120 -11.40 1.29 -10.88
C ARG C 1120 -10.70 1.79 -12.15
N PHE C 1121 -11.13 2.93 -12.67
CA PHE C 1121 -10.53 3.42 -13.89
C PHE C 1121 -9.10 3.89 -13.71
N ARG C 1122 -8.56 3.82 -12.50
CA ARG C 1122 -7.14 4.07 -12.29
C ARG C 1122 -6.32 2.80 -12.35
N LYS C 1123 -6.94 1.64 -12.13
CA LYS C 1123 -6.23 0.37 -12.23
C LYS C 1123 -6.15 -0.10 -13.68
N MET C 1124 -7.30 -0.40 -14.27
CA MET C 1124 -7.32 -1.08 -15.55
C MET C 1124 -7.26 -0.13 -16.74
N ASN C 1125 -7.20 1.18 -16.52
CA ASN C 1125 -7.12 2.09 -17.65
C ASN C 1125 -6.18 3.25 -17.35
N ALA C 1126 -5.08 2.97 -16.66
CA ALA C 1126 -4.12 4.02 -16.38
C ALA C 1126 -3.29 4.29 -17.62
N ARG C 1127 -2.26 5.12 -17.50
CA ARG C 1127 -1.30 5.35 -18.57
C ARG C 1127 0.11 4.84 -18.27
N GLN C 1128 0.72 5.14 -17.11
CA GLN C 1128 0.21 5.99 -16.06
C GLN C 1128 1.15 7.16 -15.81
N SER C 1129 0.60 8.36 -15.97
CA SER C 1129 1.30 9.59 -15.65
C SER C 1129 0.24 10.69 -15.56
N LYS C 1130 0.31 11.47 -14.48
CA LYS C 1130 -0.78 12.40 -14.17
C LYS C 1130 -1.05 13.36 -15.32
N THR C 1131 -0.03 13.65 -16.14
CA THR C 1131 -0.25 14.45 -17.34
C THR C 1131 -1.25 13.78 -18.27
N PHE C 1132 -1.20 12.45 -18.38
CA PHE C 1132 -2.08 11.68 -19.25
C PHE C 1132 -3.17 10.94 -18.50
N GLU C 1133 -2.96 10.67 -17.21
CA GLU C 1133 -3.88 9.82 -16.46
C GLU C 1133 -5.26 10.44 -16.39
N LEU C 1134 -5.33 11.71 -16.02
CA LEU C 1134 -6.62 12.38 -15.98
C LEU C 1134 -7.25 12.41 -17.36
N GLU C 1135 -6.45 12.67 -18.39
CA GLU C 1135 -6.98 12.72 -19.75
C GLU C 1135 -7.73 11.44 -20.11
N ASP C 1136 -7.05 10.30 -20.00
CA ASP C 1136 -7.70 9.07 -20.44
C ASP C 1136 -8.78 8.61 -19.45
N ILE C 1137 -8.61 8.90 -18.16
CA ILE C 1137 -9.67 8.58 -17.20
C ILE C 1137 -10.95 9.34 -17.55
N LEU C 1138 -10.82 10.63 -17.82
CA LEU C 1138 -11.97 11.43 -18.24
C LEU C 1138 -12.58 10.88 -19.51
N LYS C 1139 -11.75 10.57 -20.51
CA LYS C 1139 -12.26 10.03 -21.77
C LYS C 1139 -13.14 8.81 -21.51
N HIS C 1140 -12.59 7.82 -20.80
CA HIS C 1140 -13.37 6.62 -20.50
C HIS C 1140 -14.63 6.97 -19.71
N HIS C 1141 -14.45 7.61 -18.55
CA HIS C 1141 -15.57 7.88 -17.65
C HIS C 1141 -16.72 8.56 -18.37
N TRP C 1142 -16.42 9.43 -19.34
CA TRP C 1142 -17.49 9.97 -20.17
C TRP C 1142 -18.08 8.87 -21.05
N LEU C 1143 -17.21 8.23 -21.84
CA LEU C 1143 -17.68 7.27 -22.83
C LEU C 1143 -18.52 6.16 -22.22
N TYR C 1144 -18.48 6.04 -20.90
CA TYR C 1144 -19.24 5.05 -20.15
C TYR C 1144 -20.68 5.48 -19.90
N THR C 1145 -21.08 6.66 -20.35
CA THR C 1145 -22.34 7.23 -19.90
C THR C 1145 -23.37 7.43 -21.00
N SER C 1146 -22.95 7.95 -22.15
CA SER C 1146 -23.86 8.35 -23.23
C SER C 1146 -24.93 7.29 -23.51
N LYS C 1147 -26.20 7.72 -23.42
CA LYS C 1147 -27.36 6.85 -23.61
C LYS C 1147 -27.26 6.02 -24.89
N TYR C 1148 -26.57 6.54 -25.90
CA TYR C 1148 -26.30 5.75 -27.10
C TYR C 1148 -25.72 4.39 -26.75
N LEU C 1149 -24.66 4.40 -25.93
CA LEU C 1149 -23.98 3.16 -25.59
C LEU C 1149 -24.79 2.32 -24.61
N GLN C 1150 -25.54 2.94 -23.71
CA GLN C 1150 -26.36 2.13 -22.82
C GLN C 1150 -27.50 1.46 -23.57
N LYS C 1151 -28.04 2.12 -24.60
CA LYS C 1151 -28.99 1.47 -25.49
C LYS C 1151 -28.34 0.26 -26.16
N PHE C 1152 -27.21 0.47 -26.82
CA PHE C 1152 -26.54 -0.67 -27.46
C PHE C 1152 -26.09 -1.72 -26.45
N MET C 1153 -26.08 -1.40 -25.17
CA MET C 1153 -25.73 -2.39 -24.16
C MET C 1153 -26.92 -3.21 -23.72
N GLU C 1154 -28.06 -2.56 -23.45
CA GLU C 1154 -29.24 -3.32 -23.06
C GLU C 1154 -29.81 -4.11 -24.23
N ALA C 1155 -29.88 -3.49 -25.40
CA ALA C 1155 -30.34 -4.12 -26.63
C ALA C 1155 -31.68 -4.85 -26.42
N HIS C 1156 -32.70 -4.08 -26.08
CA HIS C 1156 -34.06 -4.61 -25.94
C HIS C 1156 -34.12 -5.73 -24.89
N LYS C 1157 -33.79 -5.35 -23.65
CA LYS C 1157 -33.84 -6.26 -22.50
C LYS C 1157 -32.92 -7.46 -22.69
N MET D 4 24.61 37.60 10.97
CA MET D 4 24.60 36.96 9.66
C MET D 4 24.50 35.45 9.81
N SER D 5 23.43 35.00 10.45
CA SER D 5 23.31 33.58 10.73
C SER D 5 21.84 33.19 10.80
N LEU D 6 21.59 31.89 10.68
CA LEU D 6 20.25 31.34 10.71
C LEU D 6 20.08 30.43 11.92
N GLN D 7 18.84 30.03 12.13
CA GLN D 7 18.44 29.18 13.24
C GLN D 7 17.15 28.45 12.86
N PRO D 8 17.16 27.12 12.84
CA PRO D 8 15.95 26.38 12.48
C PRO D 8 14.87 26.47 13.56
N LEU D 9 13.76 27.12 13.24
CA LEU D 9 12.65 27.22 14.16
C LEU D 9 11.70 26.05 13.95
N THR D 10 10.65 25.99 14.77
CA THR D 10 9.58 25.00 14.61
C THR D 10 8.26 25.65 14.94
N ALA D 11 7.26 25.43 14.09
CA ALA D 11 5.90 25.89 14.34
C ALA D 11 5.19 24.80 15.16
N VAL D 12 5.04 25.05 16.46
CA VAL D 12 4.49 24.04 17.36
C VAL D 12 3.10 23.62 16.92
N ASN D 13 2.17 24.56 16.91
CA ASN D 13 0.84 24.38 16.35
C ASN D 13 0.60 25.46 15.31
N CYS D 14 -0.61 25.50 14.77
CA CYS D 14 -0.99 26.47 13.75
C CYS D 14 -0.06 26.41 12.54
N GLY D 15 0.53 25.23 12.30
CA GLY D 15 1.46 25.04 11.21
C GLY D 15 0.77 24.72 9.90
N SER D 16 -0.48 25.18 9.77
CA SER D 16 -1.24 24.99 8.54
C SER D 16 -1.83 26.30 8.04
N LEU D 17 -1.40 27.44 8.57
CA LEU D 17 -1.99 28.73 8.26
C LEU D 17 -0.97 29.67 7.61
N VAL D 18 -0.09 29.12 6.77
CA VAL D 18 0.85 29.92 6.00
C VAL D 18 0.85 29.42 4.56
N GLN D 19 0.83 30.36 3.61
CA GLN D 19 0.84 30.08 2.19
C GLN D 19 1.99 30.85 1.57
N PRO D 20 2.52 30.39 0.42
CA PRO D 20 3.83 30.87 -0.05
C PRO D 20 4.03 32.37 -0.04
N GLY D 21 3.16 33.10 -0.74
CA GLY D 21 3.24 34.55 -0.64
C GLY D 21 2.41 35.05 0.52
N PHE D 22 3.05 35.68 1.50
CA PHE D 22 2.30 36.29 2.61
C PHE D 22 3.02 37.56 3.04
N SER D 23 2.36 38.31 3.91
CA SER D 23 2.85 39.61 4.34
C SER D 23 3.21 39.58 5.82
N LEU D 24 4.23 40.36 6.19
CA LEU D 24 4.65 40.50 7.58
C LEU D 24 4.77 41.98 7.89
N LEU D 25 3.75 42.52 8.57
CA LEU D 25 3.76 43.92 8.95
C LEU D 25 4.46 44.08 10.29
N ASP D 26 5.38 45.03 10.37
CA ASP D 26 6.10 45.34 11.60
C ASP D 26 5.69 46.74 12.04
N LEU D 27 4.84 46.81 13.06
CA LEU D 27 4.45 48.09 13.64
C LEU D 27 4.37 47.94 15.14
N GLU D 28 4.97 48.89 15.86
CA GLU D 28 4.93 48.95 17.32
C GLU D 28 5.38 47.63 17.94
N GLY D 29 6.58 47.22 17.57
CA GLY D 29 7.17 46.03 18.14
C GLY D 29 6.78 44.75 17.44
N ASP D 30 5.81 44.03 18.01
CA ASP D 30 5.47 42.70 17.54
C ASP D 30 5.10 42.71 16.05
N VAL D 31 5.42 41.60 15.39
CA VAL D 31 5.13 41.42 13.98
C VAL D 31 3.76 40.77 13.84
N TYR D 32 3.02 41.19 12.82
CA TYR D 32 1.74 40.60 12.49
C TYR D 32 1.83 39.94 11.12
N LEU D 33 1.46 38.67 11.06
CA LEU D 33 1.35 37.93 9.82
C LEU D 33 -0.01 38.22 9.19
N PHE D 34 0.01 38.52 7.89
CA PHE D 34 -1.17 38.90 7.13
C PHE D 34 -1.26 38.03 5.89
N GLY D 35 -2.46 37.53 5.61
CA GLY D 35 -2.71 36.65 4.47
C GLY D 35 -2.55 35.21 4.82
N GLN D 36 -3.51 34.36 4.55
CA GLN D 36 -3.18 33.08 5.17
C GLN D 36 -3.91 32.13 4.22
N LYS D 37 -3.67 30.82 4.28
CA LYS D 37 -4.43 29.88 3.40
C LYS D 37 -5.91 29.78 3.81
N GLY D 38 -6.82 29.79 2.82
CA GLY D 38 -8.24 29.67 3.10
C GLY D 38 -8.82 30.91 3.75
N TRP D 39 -10.15 31.03 3.72
CA TRP D 39 -10.84 32.15 4.34
C TRP D 39 -10.53 32.21 5.83
N PRO D 40 -10.83 33.30 6.51
CA PRO D 40 -10.57 33.35 7.96
C PRO D 40 -11.42 32.36 8.73
N LYS D 41 -10.79 31.34 9.30
CA LYS D 41 -11.48 30.38 10.15
C LYS D 41 -11.95 31.08 11.41
N ARG D 42 -12.67 30.35 12.27
CA ARG D 42 -13.24 30.97 13.46
C ARG D 42 -12.32 30.95 14.68
N SER D 43 -11.13 30.34 14.56
CA SER D 43 -10.11 30.54 15.59
C SER D 43 -9.78 32.02 15.72
N CYS D 44 -9.79 32.74 14.60
CA CYS D 44 -9.55 34.19 14.59
C CYS D 44 -10.25 34.77 13.37
N PRO D 45 -11.38 35.45 13.55
CA PRO D 45 -12.16 35.89 12.39
C PRO D 45 -11.52 37.02 11.60
N THR D 46 -10.45 37.64 12.09
CA THR D 46 -9.87 38.79 11.43
C THR D 46 -8.65 38.47 10.58
N GLY D 47 -8.25 37.20 10.52
CA GLY D 47 -7.25 36.76 9.57
C GLY D 47 -5.82 37.10 9.88
N ILE D 48 -5.56 38.12 10.71
CA ILE D 48 -4.20 38.56 11.01
C ILE D 48 -3.76 37.91 12.31
N PHE D 49 -2.52 37.41 12.34
CA PHE D 49 -2.01 36.71 13.50
C PHE D 49 -0.80 37.43 14.08
N GLY D 50 -0.84 37.74 15.37
CA GLY D 50 0.37 38.18 16.03
C GLY D 50 1.38 37.03 16.09
N VAL D 51 2.64 37.34 15.87
CA VAL D 51 3.70 36.34 15.80
C VAL D 51 4.61 36.51 17.01
N ARG D 52 4.78 35.44 17.77
CA ARG D 52 5.68 35.42 18.92
C ARG D 52 6.81 34.45 18.65
N ILE D 53 8.04 34.93 18.82
CA ILE D 53 9.25 34.14 18.62
C ILE D 53 9.85 33.89 19.99
N LYS D 54 9.66 32.68 20.52
CA LYS D 54 10.14 32.36 21.86
C LYS D 54 10.81 30.99 21.85
N LYS D 55 12.12 30.97 22.13
CA LYS D 55 12.89 29.73 22.24
C LYS D 55 12.93 28.98 20.92
N GLY D 56 13.15 29.72 19.83
CA GLY D 56 13.08 29.13 18.51
C GLY D 56 11.71 28.63 18.15
N GLU D 57 10.72 28.91 18.97
CA GLU D 57 9.36 28.45 18.79
C GLU D 57 8.48 29.55 18.24
N LEU D 58 7.53 29.15 17.40
CA LEU D 58 6.68 30.06 16.64
C LEU D 58 5.26 29.96 17.18
N LYS D 59 4.81 31.00 17.87
CA LYS D 59 3.45 31.08 18.37
C LYS D 59 2.65 32.07 17.53
N LEU D 60 1.41 31.71 17.24
CA LEU D 60 0.53 32.54 16.42
C LEU D 60 -0.70 32.88 17.25
N ARG D 61 -0.74 34.10 17.79
CA ARG D 61 -1.86 34.52 18.61
C ARG D 61 -2.89 35.25 17.77
N ALA D 62 -4.15 35.12 18.17
CA ALA D 62 -5.23 35.81 17.49
C ALA D 62 -5.15 37.31 17.74
N ILE D 63 -5.62 38.08 16.76
CA ILE D 63 -5.73 39.52 16.88
C ILE D 63 -7.22 39.87 16.78
N SER D 64 -7.55 41.12 17.08
CA SER D 64 -8.93 41.57 17.01
C SER D 64 -8.95 43.03 16.61
N PHE D 65 -9.82 43.37 15.67
CA PHE D 65 -9.89 44.73 15.17
C PHE D 65 -10.70 45.60 16.10
N SER D 66 -10.86 46.86 15.72
CA SER D 66 -11.71 47.79 16.45
C SER D 66 -13.16 47.54 16.11
N ASN D 67 -14.04 48.36 16.69
CA ASN D 67 -15.44 48.35 16.29
C ASN D 67 -15.69 49.30 15.13
N ASN D 68 -15.00 50.44 15.09
CA ASN D 68 -15.13 51.41 14.02
C ASN D 68 -14.24 51.11 12.83
N SER D 69 -13.64 49.92 12.79
CA SER D 69 -12.78 49.51 11.69
C SER D 69 -13.57 48.67 10.69
N SER D 70 -12.89 48.25 9.63
CA SER D 70 -13.44 47.33 8.66
C SER D 70 -12.68 46.02 8.71
N TYR D 71 -13.22 45.00 8.05
CA TYR D 71 -12.67 43.65 8.08
C TYR D 71 -12.07 43.31 6.72
N LEU D 72 -10.91 42.65 6.76
CA LEU D 72 -10.08 42.50 5.59
C LEU D 72 -10.12 41.08 5.07
N PRO D 73 -10.28 40.87 3.78
CA PRO D 73 -10.02 39.56 3.20
C PRO D 73 -8.52 39.31 3.18
N PRO D 74 -8.08 38.10 3.47
CA PRO D 74 -6.65 37.85 3.58
C PRO D 74 -5.95 37.88 2.23
N LEU D 75 -5.56 39.09 1.84
CA LEU D 75 -4.81 39.27 0.60
C LEU D 75 -3.56 38.40 0.59
N ARG D 76 -3.19 37.93 -0.60
CA ARG D 76 -2.16 36.92 -0.74
C ARG D 76 -0.78 37.51 -0.96
N CYS D 77 -0.58 38.24 -2.06
CA CYS D 77 0.70 38.87 -2.35
C CYS D 77 0.48 40.34 -2.69
N PRO D 78 0.08 41.13 -1.72
CA PRO D 78 -0.21 42.54 -1.99
C PRO D 78 1.03 43.39 -1.98
N ALA D 79 0.85 44.70 -2.11
CA ALA D 79 1.92 45.66 -1.90
C ALA D 79 1.76 46.31 -0.53
N ILE D 80 2.87 46.47 0.16
CA ILE D 80 2.90 46.97 1.54
C ILE D 80 3.73 48.25 1.56
N ALA D 81 3.20 49.29 2.19
CA ALA D 81 3.90 50.56 2.34
C ALA D 81 3.83 50.98 3.80
N HIS D 82 4.98 51.04 4.46
CA HIS D 82 5.06 51.39 5.88
C HIS D 82 4.91 52.90 6.01
N PHE D 83 3.67 53.36 6.19
CA PHE D 83 3.41 54.78 6.35
C PHE D 83 3.97 55.24 7.68
N GLU D 84 5.08 55.97 7.61
CA GLU D 84 5.87 56.39 8.76
C GLU D 84 5.06 57.31 9.67
N ALA D 85 5.46 57.37 10.94
CA ALA D 85 4.81 58.20 11.94
C ALA D 85 4.80 59.66 11.54
N GLN D 86 3.62 60.20 11.25
CA GLN D 86 3.48 61.60 10.92
C GLN D 86 2.07 62.04 11.26
N ASP D 87 1.85 63.35 11.24
CA ASP D 87 0.59 63.92 11.67
C ASP D 87 -0.53 63.52 10.72
N GLY D 88 -1.65 63.06 11.28
CA GLY D 88 -1.80 63.00 12.72
C GLY D 88 -2.07 61.61 13.27
N LYS D 89 -2.02 60.59 12.42
CA LYS D 89 -2.33 59.21 12.82
C LYS D 89 -1.14 58.30 12.51
N PRO D 90 -0.15 58.27 13.38
CA PRO D 90 0.85 57.20 13.33
C PRO D 90 0.34 55.94 14.03
N GLU D 91 0.84 54.79 13.61
CA GLU D 91 1.75 54.65 12.46
C GLU D 91 1.13 53.61 11.53
N CYS D 92 1.04 53.91 10.25
CA CYS D 92 0.12 53.16 9.41
C CYS D 92 0.84 52.17 8.50
N TYR D 93 0.07 51.25 7.95
CA TYR D 93 0.48 50.38 6.88
C TYR D 93 -0.54 50.47 5.75
N LEU D 94 -0.06 50.55 4.52
CA LEU D 94 -0.90 50.63 3.34
C LEU D 94 -0.79 49.31 2.60
N ILE D 95 -1.90 48.57 2.51
CA ILE D 95 -1.94 47.30 1.80
C ILE D 95 -2.81 47.49 0.56
N HIS D 96 -2.27 47.12 -0.59
CA HIS D 96 -2.96 47.33 -1.86
C HIS D 96 -2.28 46.56 -2.97
N GLY D 97 -3.05 45.78 -3.74
CA GLY D 97 -4.45 45.53 -3.45
C GLY D 97 -4.61 44.05 -3.22
N GLY D 98 -3.60 43.29 -3.61
CA GLY D 98 -3.49 41.89 -3.24
C GLY D 98 -4.40 40.95 -4.00
N ARG D 99 -4.33 39.68 -3.60
CA ARG D 99 -5.08 38.59 -4.22
C ARG D 99 -5.98 37.96 -3.18
N THR D 100 -7.28 37.90 -3.47
CA THR D 100 -8.24 37.30 -2.54
C THR D 100 -8.02 35.79 -2.47
N PRO D 101 -8.19 35.18 -1.30
CA PRO D 101 -8.08 33.71 -1.23
C PRO D 101 -9.04 33.02 -2.18
N ASN D 102 -10.24 33.53 -2.31
CA ASN D 102 -11.04 33.22 -3.48
C ASN D 102 -10.34 33.82 -4.69
N ASN D 103 -10.14 33.04 -5.74
CA ASN D 103 -9.12 33.39 -6.73
C ASN D 103 -9.58 34.60 -7.54
N GLU D 104 -9.34 35.78 -6.97
CA GLU D 104 -9.80 37.04 -7.57
C GLU D 104 -8.96 38.18 -7.04
N LEU D 105 -8.79 39.21 -7.87
CA LEU D 105 -8.07 40.41 -7.49
C LEU D 105 -9.01 41.37 -6.76
N SER D 106 -8.41 42.32 -6.04
CA SER D 106 -9.17 43.34 -5.32
C SER D 106 -8.43 44.66 -5.41
N SER D 107 -9.09 45.67 -5.97
CA SER D 107 -8.52 46.99 -6.13
C SER D 107 -8.69 47.87 -4.90
N SER D 108 -8.96 47.28 -3.74
CA SER D 108 -9.23 48.06 -2.54
C SER D 108 -7.93 48.40 -1.82
N LEU D 109 -7.95 49.53 -1.11
CA LEU D 109 -6.79 50.04 -0.38
C LEU D 109 -7.11 49.99 1.10
N TYR D 110 -6.37 49.18 1.84
CA TYR D 110 -6.60 49.01 3.26
C TYR D 110 -5.53 49.77 4.03
N MET D 111 -5.95 50.72 4.86
CA MET D 111 -5.05 51.43 5.75
C MET D 111 -5.19 50.82 7.14
N LEU D 112 -4.14 50.13 7.59
CA LEU D 112 -4.15 49.42 8.86
C LEU D 112 -3.30 50.16 9.87
N SER D 113 -3.70 50.06 11.15
CA SER D 113 -2.94 50.69 12.22
C SER D 113 -3.30 50.03 13.54
N VAL D 114 -2.61 50.48 14.60
CA VAL D 114 -2.84 50.00 15.96
C VAL D 114 -3.70 51.03 16.70
N ASP D 115 -4.61 50.55 17.55
CA ASP D 115 -5.55 51.44 18.21
C ASP D 115 -5.41 51.43 19.72
N SER D 116 -5.46 50.27 20.37
CA SER D 116 -5.50 50.21 21.82
C SER D 116 -4.69 49.03 22.32
N ARG D 117 -4.26 49.14 23.58
CA ARG D 117 -3.44 48.14 24.25
C ARG D 117 -3.28 48.52 25.72
N GLY D 118 -3.28 47.53 26.59
CA GLY D 118 -3.50 46.15 26.20
C GLY D 118 -4.91 45.60 26.31
N CYS D 119 -5.51 45.61 27.51
CA CYS D 119 -4.84 45.96 28.75
C CYS D 119 -3.84 44.88 29.17
N ASN D 120 -4.21 43.62 29.00
CA ASN D 120 -3.33 42.50 29.31
C ASN D 120 -2.72 41.97 28.01
N ARG D 121 -1.71 42.70 27.52
CA ARG D 121 -0.91 42.34 26.36
C ARG D 121 -1.72 42.14 25.09
N LYS D 122 -3.00 42.46 25.10
CA LYS D 122 -3.83 42.35 23.91
C LYS D 122 -3.60 43.57 23.02
N VAL D 123 -3.62 43.36 21.71
CA VAL D 123 -3.33 44.42 20.76
C VAL D 123 -4.53 44.57 19.83
N THR D 124 -5.15 45.74 19.87
CA THR D 124 -6.27 46.04 18.98
C THR D 124 -5.77 46.75 17.74
N LEU D 125 -6.28 46.34 16.59
CA LEU D 125 -5.96 46.98 15.33
C LEU D 125 -7.20 47.70 14.79
N ARG D 126 -6.96 48.50 13.75
CA ARG D 126 -8.04 49.14 13.01
C ARG D 126 -7.67 49.14 11.54
N CYS D 127 -8.69 49.02 10.69
CA CYS D 127 -8.49 48.89 9.26
C CYS D 127 -9.57 49.67 8.52
N GLU D 128 -9.14 50.63 7.72
CA GLU D 128 -10.05 51.53 7.01
C GLU D 128 -9.91 51.31 5.51
N GLU D 129 -11.04 51.07 4.86
CA GLU D 129 -11.08 51.13 3.41
C GLU D 129 -10.93 52.57 2.97
N LYS D 130 -9.94 52.85 2.13
CA LYS D 130 -9.73 54.20 1.62
C LYS D 130 -10.26 54.26 0.19
N GLU D 131 -11.38 54.94 0.00
CA GLU D 131 -11.90 55.17 -1.34
C GLU D 131 -10.85 55.91 -2.17
N LEU D 132 -10.80 55.59 -3.46
CA LEU D 132 -9.84 56.17 -4.37
C LEU D 132 -10.56 56.96 -5.45
N VAL D 133 -10.10 58.18 -5.70
CA VAL D 133 -10.63 59.04 -6.75
C VAL D 133 -9.59 59.12 -7.86
N GLY D 134 -10.04 58.98 -9.10
CA GLY D 134 -9.13 59.04 -10.23
C GLY D 134 -9.84 58.70 -11.52
N ASP D 135 -9.12 58.08 -12.46
CA ASP D 135 -7.68 57.71 -12.46
C ASP D 135 -7.20 56.83 -11.30
N VAL D 136 -8.08 56.00 -10.76
CA VAL D 136 -7.67 55.04 -9.75
C VAL D 136 -6.90 53.92 -10.44
N PRO D 137 -5.91 53.33 -9.80
CA PRO D 137 -5.22 52.19 -10.40
C PRO D 137 -6.11 50.96 -10.37
N SER D 138 -6.17 50.26 -11.50
CA SER D 138 -6.98 49.06 -11.59
C SER D 138 -6.44 47.97 -10.66
N ALA D 139 -7.25 46.93 -10.49
CA ALA D 139 -6.91 45.85 -9.56
C ALA D 139 -5.70 45.08 -10.07
N ARG D 140 -4.64 45.06 -9.28
CA ARG D 140 -3.38 44.40 -9.64
C ARG D 140 -2.88 43.62 -8.45
N TYR D 141 -1.77 42.90 -8.65
CA TYR D 141 -1.13 42.15 -7.57
C TYR D 141 0.36 42.05 -7.86
N GLY D 142 1.15 41.92 -6.80
CA GLY D 142 2.59 41.88 -6.91
C GLY D 142 3.26 43.21 -7.13
N HIS D 143 2.51 44.30 -7.15
CA HIS D 143 3.06 45.63 -7.39
C HIS D 143 3.78 46.12 -6.15
N THR D 144 4.23 47.38 -6.18
CA THR D 144 4.95 47.96 -5.05
C THR D 144 4.45 49.36 -4.79
N LEU D 145 4.24 49.67 -3.52
CA LEU D 145 3.85 50.98 -3.05
C LEU D 145 4.90 51.51 -2.09
N SER D 146 5.15 52.81 -2.14
CA SER D 146 6.13 53.45 -1.27
C SER D 146 5.63 54.83 -0.89
N VAL D 147 6.28 55.43 0.11
CA VAL D 147 5.88 56.72 0.65
C VAL D 147 6.99 57.73 0.37
N ILE D 148 6.59 58.96 0.05
CA ILE D 148 7.53 60.04 -0.22
C ILE D 148 7.04 61.31 0.43
N ASN D 149 7.96 62.10 0.96
CA ASN D 149 7.65 63.36 1.65
C ASN D 149 8.35 64.49 0.91
N SER D 150 7.62 65.15 0.00
CA SER D 150 8.17 66.19 -0.84
C SER D 150 7.51 67.52 -0.51
N ARG D 151 8.29 68.41 0.09
CA ARG D 151 8.07 69.86 0.05
C ARG D 151 6.60 70.26 0.12
N GLY D 152 5.94 69.94 1.24
CA GLY D 152 6.51 69.21 2.35
C GLY D 152 5.52 68.14 2.76
N LYS D 153 4.75 67.67 1.79
CA LYS D 153 3.62 66.80 2.05
C LYS D 153 3.93 65.37 1.64
N THR D 154 3.14 64.45 2.19
CA THR D 154 3.36 63.02 2.04
C THR D 154 2.41 62.45 0.99
N ALA D 155 2.97 61.70 0.05
CA ALA D 155 2.19 61.00 -0.96
C ALA D 155 2.72 59.57 -1.10
N CYS D 156 2.06 58.79 -1.94
CA CYS D 156 2.39 57.39 -2.14
C CYS D 156 2.58 57.12 -3.63
N VAL D 157 3.60 56.34 -3.94
CA VAL D 157 3.95 55.96 -5.31
C VAL D 157 3.64 54.47 -5.48
N LEU D 158 2.76 54.16 -6.43
CA LEU D 158 2.37 52.79 -6.73
C LEU D 158 2.80 52.47 -8.14
N PHE D 159 3.42 51.30 -8.33
CA PHE D 159 3.88 50.93 -9.65
C PHE D 159 4.14 49.45 -9.72
N GLY D 160 4.03 48.90 -10.92
CA GLY D 160 4.35 47.52 -11.17
C GLY D 160 3.17 46.58 -10.97
N GLY D 161 3.50 45.30 -10.85
CA GLY D 161 2.51 44.29 -10.58
C GLY D 161 1.78 43.80 -11.81
N ARG D 162 1.33 42.55 -11.75
CA ARG D 162 0.66 41.92 -12.87
C ARG D 162 -0.84 42.18 -12.77
N SER D 163 -1.62 41.50 -13.61
CA SER D 163 -3.07 41.51 -13.59
C SER D 163 -3.57 40.49 -14.60
N TYR D 164 -4.77 39.98 -14.35
CA TYR D 164 -5.39 39.10 -15.33
C TYR D 164 -5.64 39.88 -16.62
N MET D 165 -5.81 39.13 -17.70
CA MET D 165 -6.04 39.69 -19.03
C MET D 165 -7.17 40.71 -18.99
N PRO D 166 -7.16 41.72 -19.84
CA PRO D 166 -8.26 42.69 -19.88
C PRO D 166 -9.60 41.97 -20.06
N PRO D 167 -10.69 42.58 -19.59
CA PRO D 167 -11.95 41.83 -19.46
C PRO D 167 -12.61 41.48 -20.78
N THR D 168 -11.95 41.72 -21.90
CA THR D 168 -12.45 41.33 -23.21
C THR D 168 -11.69 40.14 -23.79
N GLU D 169 -10.36 40.19 -23.77
CA GLU D 169 -9.55 39.09 -24.28
C GLU D 169 -9.47 37.91 -23.33
N ARG D 170 -9.89 38.08 -22.08
CA ARG D 170 -9.81 37.00 -21.11
C ARG D 170 -10.81 35.92 -21.51
N THR D 171 -10.29 34.83 -22.06
CA THR D 171 -11.10 33.69 -22.45
C THR D 171 -11.04 32.66 -21.33
N THR D 172 -12.16 31.98 -21.11
CA THR D 172 -12.24 30.98 -20.05
C THR D 172 -11.11 29.96 -20.13
N GLN D 173 -10.51 29.76 -21.30
CA GLN D 173 -9.33 28.90 -21.40
C GLN D 173 -8.05 29.63 -21.08
N ASN D 174 -8.01 30.96 -21.24
CA ASN D 174 -6.89 31.78 -20.81
C ASN D 174 -7.18 32.52 -19.52
N TRP D 175 -8.10 31.99 -18.70
CA TRP D 175 -8.52 32.68 -17.49
C TRP D 175 -7.35 32.94 -16.57
N ASN D 176 -6.69 31.87 -16.11
CA ASN D 176 -5.60 31.99 -15.14
C ASN D 176 -4.28 32.35 -15.81
N SER D 177 -4.30 32.85 -17.04
CA SER D 177 -3.15 33.57 -17.55
C SER D 177 -3.11 34.96 -16.90
N VAL D 178 -1.98 35.65 -17.10
CA VAL D 178 -1.78 36.93 -16.43
C VAL D 178 -0.67 37.68 -17.15
N VAL D 179 -0.88 38.97 -17.38
CA VAL D 179 0.11 39.83 -18.01
C VAL D 179 0.31 41.06 -17.14
N ASP D 180 1.41 41.76 -17.40
CA ASP D 180 1.78 42.89 -16.57
C ASP D 180 0.86 44.08 -16.82
N CYS D 181 0.56 44.81 -15.75
CA CYS D 181 -0.27 46.00 -15.86
C CYS D 181 0.46 47.06 -16.68
N PRO D 182 -0.26 48.04 -17.22
CA PRO D 182 0.38 49.07 -18.05
C PRO D 182 1.42 49.83 -17.26
N PRO D 183 2.53 50.21 -17.90
CA PRO D 183 3.60 50.90 -17.16
C PRO D 183 3.23 52.32 -16.79
N GLN D 184 2.31 52.47 -15.83
CA GLN D 184 1.90 53.77 -15.33
C GLN D 184 2.16 53.84 -13.84
N VAL D 185 2.76 54.94 -13.39
CA VAL D 185 2.91 55.18 -11.97
C VAL D 185 1.64 55.85 -11.46
N TYR D 186 1.37 55.67 -10.16
CA TYR D 186 0.17 56.23 -9.57
C TYR D 186 0.55 56.96 -8.29
N LEU D 187 0.23 58.24 -8.24
CA LEU D 187 0.48 59.05 -7.06
C LEU D 187 -0.83 59.16 -6.28
N ILE D 188 -0.82 58.62 -5.07
CA ILE D 188 -2.01 58.53 -4.23
C ILE D 188 -1.79 59.40 -3.01
N ASP D 189 -2.73 60.30 -2.75
CA ASP D 189 -2.75 61.03 -1.50
C ASP D 189 -3.68 60.30 -0.54
N LEU D 190 -3.20 60.08 0.69
CA LEU D 190 -4.02 59.39 1.69
C LEU D 190 -5.32 60.13 1.95
N GLU D 191 -5.30 61.46 1.82
CA GLU D 191 -6.52 62.25 1.90
C GLU D 191 -6.26 63.59 1.24
N PHE D 192 -6.96 63.89 0.15
CA PHE D 192 -8.03 63.04 -0.37
C PHE D 192 -7.49 61.94 -1.27
N GLY D 193 -8.33 60.96 -1.57
CA GLY D 193 -7.90 59.82 -2.37
C GLY D 193 -7.89 60.10 -3.85
N CYS D 194 -7.53 61.33 -4.24
CA CYS D 194 -7.45 61.72 -5.64
C CYS D 194 -6.21 61.10 -6.26
N CYS D 195 -6.32 59.80 -6.55
CA CYS D 195 -5.21 59.04 -7.13
C CYS D 195 -5.02 59.44 -8.59
N THR D 196 -3.84 59.96 -8.91
CA THR D 196 -3.55 60.41 -10.27
C THR D 196 -2.59 59.44 -10.94
N ALA D 197 -2.86 59.15 -12.21
CA ALA D 197 -1.99 58.30 -13.01
C ALA D 197 -1.01 59.17 -13.79
N HIS D 198 0.19 58.61 -14.03
CA HIS D 198 1.22 59.34 -14.73
C HIS D 198 2.05 58.35 -15.55
N THR D 199 2.51 58.82 -16.71
CA THR D 199 3.27 57.99 -17.62
C THR D 199 4.77 58.07 -17.31
N LEU D 200 5.53 57.19 -17.96
CA LEU D 200 6.98 57.20 -17.86
C LEU D 200 7.56 57.08 -19.26
N PRO D 201 8.05 58.17 -19.84
CA PRO D 201 8.62 58.11 -21.19
C PRO D 201 9.89 57.27 -21.28
N GLU D 202 10.34 56.72 -20.16
CA GLU D 202 11.55 55.90 -20.12
C GLU D 202 11.29 54.47 -19.70
N LEU D 203 10.38 54.23 -18.76
CA LEU D 203 10.00 52.88 -18.38
C LEU D 203 9.07 52.33 -19.44
N THR D 204 9.67 51.82 -20.51
CA THR D 204 8.95 51.31 -21.67
C THR D 204 8.28 49.98 -21.40
N ASP D 205 8.24 49.47 -20.17
CA ASP D 205 7.70 48.14 -19.93
C ASP D 205 7.38 48.00 -18.46
N GLY D 206 6.25 47.35 -18.16
CA GLY D 206 5.91 47.01 -16.79
C GLY D 206 6.69 45.81 -16.30
N GLN D 207 6.51 45.51 -15.02
CA GLN D 207 7.26 44.42 -14.40
C GLN D 207 6.49 43.96 -13.17
N SER D 208 7.14 43.12 -12.35
CA SER D 208 6.50 42.58 -11.16
C SER D 208 7.58 42.17 -10.16
N PHE D 209 7.16 42.03 -8.90
CA PHE D 209 8.00 41.49 -7.84
C PHE D 209 9.30 42.27 -7.68
N HIS D 210 9.27 43.55 -8.01
CA HIS D 210 10.43 44.42 -7.87
C HIS D 210 10.39 45.06 -6.48
N VAL D 211 11.34 44.70 -5.63
CA VAL D 211 11.38 45.21 -4.26
C VAL D 211 11.93 46.63 -4.33
N ALA D 212 11.03 47.61 -4.30
CA ALA D 212 11.42 49.00 -4.42
C ALA D 212 11.72 49.61 -3.05
N LEU D 213 12.26 50.82 -3.07
CA LEU D 213 12.57 51.54 -1.85
C LEU D 213 12.37 53.03 -2.08
N ALA D 214 12.19 53.75 -0.98
CA ALA D 214 12.02 55.19 -1.04
C ALA D 214 12.88 55.84 0.03
N ARG D 215 13.48 56.97 -0.33
CA ARG D 215 14.32 57.72 0.60
C ARG D 215 14.20 59.19 0.28
N GLN D 216 13.61 59.95 1.21
CA GLN D 216 13.54 61.41 1.13
C GLN D 216 13.03 61.87 -0.23
N ASP D 217 11.78 61.49 -0.52
CA ASP D 217 11.10 61.79 -1.78
C ASP D 217 12.00 61.54 -3.01
N CYS D 218 12.66 60.38 -2.99
CA CYS D 218 13.40 59.89 -4.16
C CYS D 218 13.30 58.37 -4.15
N VAL D 219 12.79 57.80 -5.24
CA VAL D 219 12.36 56.41 -5.26
C VAL D 219 13.33 55.59 -6.11
N TYR D 220 13.54 54.34 -5.68
CA TYR D 220 14.44 53.41 -6.36
C TYR D 220 13.70 52.09 -6.58
N PHE D 221 13.25 51.88 -7.81
CA PHE D 221 12.68 50.59 -8.22
C PHE D 221 13.83 49.66 -8.58
N LEU D 222 14.14 48.73 -7.67
CA LEU D 222 15.12 47.71 -7.96
C LEU D 222 14.57 46.75 -9.02
N GLY D 223 15.48 46.14 -9.76
CA GLY D 223 15.06 45.26 -10.84
C GLY D 223 14.26 44.07 -10.34
N GLY D 224 13.44 43.53 -11.24
CA GLY D 224 12.60 42.39 -10.92
C GLY D 224 12.42 41.46 -12.10
N HIS D 225 11.17 41.08 -12.36
CA HIS D 225 10.82 40.16 -13.43
C HIS D 225 9.90 40.86 -14.41
N ILE D 226 10.15 40.63 -15.70
CA ILE D 226 9.28 41.09 -16.78
C ILE D 226 8.85 39.87 -17.56
N LEU D 227 7.54 39.65 -17.65
CA LEU D 227 7.02 38.47 -18.34
C LEU D 227 6.90 38.68 -19.84
N SER D 228 7.04 39.92 -20.32
CA SER D 228 6.96 40.18 -21.76
C SER D 228 8.07 39.44 -22.50
N SER D 229 9.32 39.69 -22.11
CA SER D 229 10.48 39.08 -22.77
C SER D 229 11.19 38.07 -21.88
N ASP D 230 10.58 37.65 -20.78
CA ASP D 230 11.15 36.70 -19.83
C ASP D 230 12.48 37.17 -19.26
N CYS D 231 12.81 38.44 -19.43
CA CYS D 231 14.07 38.99 -18.97
C CYS D 231 13.96 39.47 -17.54
N ARG D 232 15.10 39.52 -16.86
CA ARG D 232 15.21 40.06 -15.51
C ARG D 232 16.18 41.24 -15.59
N PRO D 233 15.69 42.41 -15.96
CA PRO D 233 16.60 43.56 -16.14
C PRO D 233 17.14 44.07 -14.83
N SER D 234 18.43 43.79 -14.58
CA SER D 234 19.07 44.26 -13.36
C SER D 234 19.19 45.77 -13.29
N ARG D 235 18.93 46.48 -14.40
CA ARG D 235 19.03 47.93 -14.37
C ARG D 235 18.06 48.57 -13.39
N LEU D 236 18.61 49.09 -12.30
CA LEU D 236 17.82 49.79 -11.31
C LEU D 236 17.22 51.06 -11.89
N ILE D 237 16.11 51.50 -11.31
CA ILE D 237 15.37 52.68 -11.77
C ILE D 237 15.30 53.73 -10.68
N ARG D 238 15.97 54.83 -10.91
CA ARG D 238 15.85 55.93 -9.97
C ARG D 238 14.79 56.89 -10.50
N LEU D 239 14.13 57.59 -9.58
CA LEU D 239 13.17 58.60 -9.98
C LEU D 239 13.01 59.61 -8.86
N HIS D 240 12.52 60.79 -9.25
CA HIS D 240 12.43 61.95 -8.37
C HIS D 240 11.07 62.59 -8.55
N VAL D 241 10.41 62.90 -7.43
CA VAL D 241 9.07 63.47 -7.43
C VAL D 241 9.08 64.82 -6.73
N GLU D 242 8.32 65.76 -7.27
CA GLU D 242 8.16 67.09 -6.67
C GLU D 242 6.69 67.44 -6.70
N LEU D 243 6.06 67.51 -5.53
CA LEU D 243 4.62 67.75 -5.44
C LEU D 243 4.31 69.25 -5.51
N LEU D 244 4.63 69.83 -6.66
CA LEU D 244 4.28 71.23 -6.90
C LEU D 244 2.76 71.38 -6.90
N LEU D 245 2.31 72.60 -6.62
CA LEU D 245 0.88 72.88 -6.44
C LEU D 245 0.27 73.32 -7.76
N GLY D 246 -0.65 72.52 -8.29
CA GLY D 246 -1.04 71.27 -7.66
C GLY D 246 -0.67 70.04 -8.46
N SER D 247 0.28 70.21 -9.39
CA SER D 247 0.70 69.11 -10.26
C SER D 247 1.91 68.41 -9.65
N PRO D 248 1.79 67.14 -9.25
CA PRO D 248 2.95 66.41 -8.74
C PRO D 248 3.89 65.94 -9.85
N VAL D 249 4.81 66.81 -10.24
CA VAL D 249 5.68 66.52 -11.37
C VAL D 249 6.63 65.37 -11.01
N LEU D 250 6.92 64.53 -12.00
CA LEU D 250 7.75 63.35 -11.80
C LEU D 250 8.81 63.30 -12.89
N THR D 251 9.99 62.81 -12.52
CA THR D 251 11.05 62.54 -13.47
C THR D 251 11.70 61.21 -13.10
N CYS D 252 12.40 60.62 -14.07
CA CYS D 252 13.00 59.31 -13.85
C CYS D 252 14.39 59.27 -14.48
N THR D 253 15.07 58.15 -14.26
CA THR D 253 16.39 57.90 -14.83
C THR D 253 16.69 56.41 -14.72
N ILE D 254 17.36 55.90 -15.76
CA ILE D 254 17.76 54.49 -15.83
C ILE D 254 19.12 54.38 -15.17
N LEU D 255 19.15 53.86 -13.94
CA LEU D 255 20.43 53.59 -13.31
C LEU D 255 21.18 52.53 -14.11
N HIS D 256 22.51 52.58 -14.02
CA HIS D 256 23.35 51.77 -14.89
C HIS D 256 23.40 50.32 -14.45
N GLU D 257 23.59 50.08 -13.16
CA GLU D 257 23.71 48.71 -12.65
C GLU D 257 22.89 48.56 -11.37
N GLY D 258 22.25 47.39 -11.24
CA GLY D 258 21.51 47.06 -10.05
C GLY D 258 21.70 45.61 -9.66
N LEU D 259 20.61 44.87 -9.51
CA LEU D 259 20.70 43.49 -9.08
C LEU D 259 19.57 42.68 -9.71
N THR D 260 19.90 41.50 -10.24
CA THR D 260 18.93 40.59 -10.84
C THR D 260 18.19 39.83 -9.73
N ILE D 261 17.21 40.50 -9.14
CA ILE D 261 16.51 39.97 -7.98
C ILE D 261 15.02 39.92 -8.27
N THR D 262 14.37 38.85 -7.79
CA THR D 262 12.93 38.66 -7.95
C THR D 262 12.36 38.08 -6.67
N SER D 263 11.29 38.68 -6.17
CA SER D 263 10.55 38.19 -4.99
C SER D 263 11.47 38.06 -3.78
N ALA D 264 11.98 39.22 -3.35
CA ALA D 264 12.97 39.28 -2.29
C ALA D 264 12.34 39.75 -0.98
N ILE D 265 13.11 39.61 0.09
CA ILE D 265 12.77 40.12 1.42
C ILE D 265 13.72 41.26 1.73
N ALA D 266 13.18 42.35 2.27
CA ALA D 266 13.95 43.55 2.56
C ALA D 266 13.95 43.78 4.06
N SER D 267 15.05 43.43 4.73
CA SER D 267 15.01 43.70 6.16
C SER D 267 15.72 45.02 6.45
N PRO D 268 15.09 45.93 7.19
CA PRO D 268 15.76 47.19 7.53
C PRO D 268 16.78 46.98 8.64
N ILE D 269 18.00 47.46 8.41
CA ILE D 269 19.05 47.40 9.43
C ILE D 269 19.21 48.76 10.08
N GLY D 270 19.61 49.75 9.28
CA GLY D 270 19.84 51.08 9.78
C GLY D 270 18.62 51.98 9.57
N TYR D 271 18.86 53.28 9.74
CA TYR D 271 17.81 54.26 9.44
C TYR D 271 17.41 54.17 7.97
N HIS D 272 18.39 53.99 7.07
CA HIS D 272 18.12 53.81 5.65
C HIS D 272 18.91 52.63 5.08
N GLU D 273 19.40 51.75 5.93
CA GLU D 273 20.20 50.61 5.51
C GLU D 273 19.34 49.36 5.47
N TYR D 274 19.39 48.62 4.37
CA TYR D 274 18.58 47.44 4.20
C TYR D 274 19.45 46.27 3.74
N ILE D 275 19.11 45.07 4.20
CA ILE D 275 19.61 43.84 3.61
C ILE D 275 18.58 43.31 2.65
N ILE D 276 18.96 43.22 1.38
CA ILE D 276 18.19 42.49 0.38
C ILE D 276 18.60 41.03 0.54
N PHE D 277 17.67 40.21 1.03
CA PHE D 277 18.05 38.93 1.62
C PHE D 277 18.17 37.81 0.61
N GLY D 278 17.19 37.69 -0.28
CA GLY D 278 17.18 36.58 -1.21
C GLY D 278 15.82 36.40 -1.84
N GLY D 279 15.81 35.59 -2.89
CA GLY D 279 14.67 35.43 -3.76
C GLY D 279 15.05 34.49 -4.88
N TYR D 280 14.80 34.88 -6.12
CA TYR D 280 15.20 34.07 -7.25
C TYR D 280 15.89 34.95 -8.28
N GLN D 281 17.06 34.52 -8.73
CA GLN D 281 17.79 35.24 -9.76
C GLN D 281 17.58 34.65 -11.15
N SER D 282 17.25 33.37 -11.24
CA SER D 282 16.96 32.71 -12.51
C SER D 282 15.55 32.14 -12.46
N GLU D 283 15.20 31.36 -13.49
CA GLU D 283 13.93 30.65 -13.49
C GLU D 283 13.96 29.41 -12.62
N THR D 284 15.14 28.90 -12.29
CA THR D 284 15.27 27.77 -11.40
C THR D 284 16.25 28.04 -10.28
N GLN D 285 17.25 28.88 -10.54
CA GLN D 285 18.28 29.15 -9.55
C GLN D 285 17.81 30.26 -8.60
N LYS D 286 18.05 30.04 -7.32
CA LYS D 286 17.72 31.02 -6.29
C LYS D 286 18.99 31.74 -5.86
N ARG D 287 18.88 33.07 -5.70
CA ARG D 287 20.01 33.85 -5.22
C ARG D 287 20.29 33.48 -3.77
N MET D 288 21.40 32.76 -3.54
CA MET D 288 21.75 32.37 -2.19
C MET D 288 22.44 33.51 -1.45
N GLU D 289 23.29 34.27 -2.15
CA GLU D 289 24.07 35.30 -1.49
C GLU D 289 23.19 36.47 -1.08
N CYS D 290 23.48 37.02 0.10
CA CYS D 290 22.78 38.20 0.57
C CYS D 290 23.26 39.43 -0.18
N THR D 291 22.68 40.58 0.18
CA THR D 291 23.09 41.87 -0.37
C THR D 291 22.74 42.95 0.63
N TYR D 292 23.47 44.06 0.58
CA TYR D 292 23.28 45.15 1.53
C TYR D 292 23.30 46.47 0.77
N VAL D 293 22.27 47.27 0.97
CA VAL D 293 22.08 48.53 0.27
C VAL D 293 21.92 49.64 1.29
N GLY D 294 22.81 50.63 1.23
CA GLY D 294 22.61 51.88 1.92
C GLY D 294 22.00 52.89 0.98
N LEU D 295 21.00 53.62 1.47
CA LEU D 295 20.28 54.60 0.68
C LEU D 295 20.82 55.99 1.02
N ASP D 296 21.41 56.64 0.03
CA ASP D 296 22.04 57.94 0.20
C ASP D 296 21.45 58.92 -0.78
N ASP D 297 21.57 60.22 -0.45
CA ASP D 297 21.22 61.24 -1.42
C ASP D 297 22.17 61.22 -2.62
N VAL D 298 23.35 60.63 -2.47
CA VAL D 298 24.15 60.28 -3.63
C VAL D 298 23.52 59.09 -4.37
N GLY D 299 23.04 58.10 -3.63
CA GLY D 299 22.29 57.02 -4.24
C GLY D 299 22.49 55.69 -3.51
N VAL D 300 22.36 54.61 -4.29
CA VAL D 300 22.48 53.26 -3.75
C VAL D 300 23.95 52.94 -3.52
N HIS D 301 24.25 52.37 -2.35
CA HIS D 301 25.58 51.86 -2.05
C HIS D 301 25.45 50.38 -1.74
N MET D 302 25.94 49.54 -2.65
CA MET D 302 25.71 48.11 -2.63
C MET D 302 26.98 47.38 -2.22
N GLU D 303 26.82 46.38 -1.35
CA GLU D 303 27.92 45.49 -1.01
C GLU D 303 27.37 44.12 -0.66
N SER D 304 28.15 43.08 -0.95
CA SER D 304 27.75 41.70 -0.69
C SER D 304 28.33 41.27 0.65
N ARG D 305 27.46 40.94 1.60
CA ARG D 305 27.91 40.45 2.89
C ARG D 305 28.23 38.97 2.81
N GLU D 306 28.66 38.41 3.92
CA GLU D 306 28.91 36.97 3.97
C GLU D 306 27.59 36.22 3.98
N PRO D 307 27.32 35.35 3.01
CA PRO D 307 26.08 34.57 3.03
C PRO D 307 26.13 33.54 4.13
N PRO D 308 25.20 33.59 5.08
CA PRO D 308 25.14 32.54 6.11
C PRO D 308 25.03 31.16 5.47
N GLN D 309 25.80 30.21 6.02
CA GLN D 309 25.85 28.87 5.46
C GLN D 309 24.46 28.28 5.38
N TRP D 310 24.14 27.72 4.21
CA TRP D 310 22.82 27.14 3.96
C TRP D 310 22.87 25.64 4.22
N THR D 311 21.98 25.16 5.08
CA THR D 311 21.82 23.74 5.29
C THR D 311 21.41 23.08 3.97
N SER D 312 21.67 21.77 3.87
CA SER D 312 21.28 21.03 2.68
C SER D 312 19.78 21.11 2.44
N GLU D 313 19.00 21.11 3.52
CA GLU D 313 17.55 21.18 3.40
C GLU D 313 17.12 22.43 2.64
N ILE D 314 17.62 23.60 3.05
CA ILE D 314 17.22 24.84 2.42
C ILE D 314 17.83 24.98 1.02
N SER D 315 18.92 24.27 0.74
CA SER D 315 19.58 24.41 -0.55
C SER D 315 18.97 23.53 -1.63
N HIS D 316 18.54 22.31 -1.29
CA HIS D 316 17.96 21.43 -2.30
C HIS D 316 16.58 21.89 -2.75
N SER D 317 15.92 22.75 -1.99
CA SER D 317 14.52 23.07 -2.24
C SER D 317 14.35 23.81 -3.57
N ARG D 318 13.28 23.46 -4.28
CA ARG D 318 12.93 24.17 -5.49
C ARG D 318 12.69 25.64 -5.23
N THR D 319 11.84 25.95 -4.25
CA THR D 319 11.40 27.32 -3.97
C THR D 319 11.62 27.65 -2.50
N TRP D 320 11.50 28.94 -2.19
CA TRP D 320 11.44 29.41 -0.81
C TRP D 320 10.98 30.87 -0.81
N PHE D 321 10.49 31.29 0.35
CA PHE D 321 9.87 32.60 0.51
C PHE D 321 10.08 33.05 1.94
N GLY D 322 9.57 34.23 2.27
CA GLY D 322 9.67 34.71 3.63
C GLY D 322 9.29 36.17 3.75
N GLY D 323 9.58 36.72 4.93
CA GLY D 323 9.27 38.10 5.23
C GLY D 323 10.10 38.60 6.38
N SER D 324 10.34 39.91 6.40
CA SER D 324 11.27 40.50 7.35
C SER D 324 10.59 40.74 8.69
N LEU D 325 11.20 40.22 9.76
CA LEU D 325 10.76 40.54 11.11
C LEU D 325 11.29 41.87 11.61
N GLY D 326 12.05 42.60 10.78
CA GLY D 326 12.59 43.89 11.15
C GLY D 326 13.79 43.77 12.09
N LYS D 327 14.51 44.89 12.21
CA LYS D 327 15.68 44.98 13.10
C LYS D 327 16.73 43.93 12.72
N GLY D 328 17.05 43.86 11.43
CA GLY D 328 18.02 42.90 10.95
C GLY D 328 17.61 41.45 11.04
N THR D 329 16.35 41.18 11.36
CA THR D 329 15.85 39.81 11.50
C THR D 329 14.76 39.56 10.47
N ALA D 330 14.64 38.32 10.05
CA ALA D 330 13.63 37.92 9.07
C ALA D 330 13.34 36.44 9.25
N LEU D 331 12.30 35.97 8.56
CA LEU D 331 11.87 34.57 8.63
C LEU D 331 11.70 34.05 7.21
N VAL D 332 12.37 32.95 6.90
CA VAL D 332 12.25 32.29 5.61
C VAL D 332 11.71 30.89 5.82
N ALA D 333 11.21 30.30 4.73
CA ALA D 333 10.55 28.99 4.83
C ALA D 333 10.92 28.12 3.64
N ILE D 334 10.75 26.83 3.83
CA ILE D 334 11.05 25.81 2.82
C ILE D 334 9.89 24.83 2.72
N PRO D 335 9.36 24.58 1.53
CA PRO D 335 8.37 23.51 1.36
C PRO D 335 9.01 22.16 1.67
N SER D 336 8.49 21.50 2.69
CA SER D 336 9.06 20.24 3.15
C SER D 336 8.48 19.07 2.37
N GLU D 337 9.18 17.94 2.45
CA GLU D 337 8.74 16.67 1.88
C GLU D 337 8.67 15.63 2.99
N GLY D 338 8.31 14.41 2.61
CA GLY D 338 8.27 13.30 3.54
C GLY D 338 6.97 12.53 3.43
N ASN D 339 6.98 11.36 4.09
CA ASN D 339 5.84 10.47 4.14
C ASN D 339 5.61 10.05 5.59
N PRO D 340 4.41 10.25 6.15
CA PRO D 340 3.25 10.88 5.51
C PRO D 340 3.28 12.40 5.62
N THR D 341 2.12 13.02 5.47
CA THR D 341 2.03 14.47 5.60
C THR D 341 2.43 14.87 7.02
N PRO D 342 3.30 15.87 7.17
CA PRO D 342 3.79 16.24 8.50
C PRO D 342 2.65 16.57 9.46
N PRO D 343 1.58 17.29 9.03
CA PRO D 343 1.22 18.01 7.82
C PRO D 343 1.74 19.45 7.77
N GLU D 344 2.62 19.81 8.72
CA GLU D 344 3.33 21.08 8.69
C GLU D 344 4.38 20.98 7.58
N ALA D 345 3.92 21.21 6.35
CA ALA D 345 4.73 21.01 5.16
C ALA D 345 5.69 22.15 4.89
N TYR D 346 5.97 22.98 5.88
CA TYR D 346 6.85 24.13 5.71
C TYR D 346 7.80 24.22 6.89
N HIS D 347 9.08 24.06 6.64
CA HIS D 347 10.10 24.28 7.67
C HIS D 347 10.49 25.75 7.68
N PHE D 348 10.90 26.23 8.85
CA PHE D 348 11.15 27.65 9.07
C PHE D 348 12.57 27.89 9.54
N TYR D 349 13.19 28.93 8.99
CA TYR D 349 14.52 29.37 9.42
C TYR D 349 14.45 30.85 9.77
N GLN D 350 14.76 31.18 11.03
CA GLN D 350 14.95 32.56 11.42
C GLN D 350 16.35 33.00 11.02
N VAL D 351 16.49 34.24 10.59
CA VAL D 351 17.77 34.74 10.10
C VAL D 351 18.01 36.13 10.64
N SER D 352 19.26 36.42 11.00
CA SER D 352 19.63 37.71 11.55
C SER D 352 20.94 38.17 10.93
N PHE D 353 21.17 39.47 11.02
CA PHE D 353 22.43 40.09 10.67
C PHE D 353 23.13 40.56 11.94
N GLN D 354 24.47 40.50 11.93
CA GLN D 354 25.29 40.96 13.05
C GLN D 354 24.94 40.26 14.35
#